data_1W2W
#
_entry.id   1W2W
#
_cell.length_a   60.620
_cell.length_b   105.450
_cell.length_c   263.050
_cell.angle_alpha   90.00
_cell.angle_beta   90.00
_cell.angle_gamma   90.00
#
_symmetry.space_group_name_H-M   'P 21 21 21'
#
loop_
_entity.id
_entity.type
_entity.pdbx_description
1 polymer '5-METHYLTHIORIBOSE-1-PHOSPHATE ISOMERASE'
2 polymer '5-METHYLTHIORIBOSE-1-PHOSPHATE ISOMERASE'
3 non-polymer 'SULFATE ION'
4 water water
#
loop_
_entity_poly.entity_id
_entity_poly.type
_entity_poly.pdbx_seq_one_letter_code
_entity_poly.pdbx_strand_id
1 'polypeptide(L)'
;(MSE)SLEAIVFDRSEPENVSVKVLDQLLLPYTTKYVPIHTIDDGYSVIKS(MSE)QVRGAPAIAIVGSLSVLTEVQLIK
HNPTSDVATLYSLVNWESTKTVLNKRLDFLLSSRPTAVNLSNSLVEIKNILKSSSDLKAFDGSLYNYVCELIDEDLANN
(MSE)K(MSE)GDNGAKYLIDVLQKDGFKDEFAVLTICNTGSLATSGYGTALGVIRSLWKDSLAKTDK
;
A,E,I,M
2 'polypeptide(L)'
;CPR(MSE)GHVFPLETRPYNQGSRLTAYELVYDKIPSTLITDSSIAYRIRTSPIPIKAAFVGADRIVRNGDTANKIGTLQ
LAVICKQFGIKFFVVAPKTTIDNVTETGDDIIVEERNPEEFKVVTGTVINPENGSLILNESGEPITGKVGIAPLEINVWN
PAFDITPHELIDGIITEEGVFTKNSSGEFQLESLF
;
B,F,J,N
#
# COMPACT_ATOMS: atom_id res chain seq x y z
N SER A 2 -11.72 -13.77 -14.69
CA SER A 2 -11.17 -14.84 -15.51
C SER A 2 -9.70 -15.15 -15.22
N LEU A 3 -9.00 -14.21 -14.59
CA LEU A 3 -7.54 -14.28 -14.49
C LEU A 3 -7.05 -14.62 -13.08
N GLU A 4 -7.97 -14.83 -12.15
CA GLU A 4 -7.63 -15.03 -10.75
C GLU A 4 -7.31 -16.50 -10.50
N ALA A 5 -6.04 -16.82 -10.25
CA ALA A 5 -5.63 -18.21 -10.05
C ALA A 5 -6.27 -18.79 -8.79
N ILE A 6 -6.42 -17.96 -7.77
CA ILE A 6 -6.86 -18.44 -6.46
C ILE A 6 -8.00 -17.57 -5.99
N VAL A 7 -9.14 -18.19 -5.69
CA VAL A 7 -10.28 -17.43 -5.22
C VAL A 7 -10.45 -17.73 -3.74
N PHE A 8 -10.13 -16.71 -2.94
CA PHE A 8 -10.05 -16.82 -1.48
C PHE A 8 -11.15 -15.94 -0.88
N ASP A 9 -12.22 -16.55 -0.38
CA ASP A 9 -13.25 -15.78 0.30
C ASP A 9 -12.92 -15.74 1.78
N ARG A 10 -12.48 -14.56 2.24
CA ARG A 10 -11.98 -14.39 3.59
C ARG A 10 -13.03 -13.80 4.49
N SER A 11 -14.24 -13.65 3.97
CA SER A 11 -15.26 -12.82 4.62
C SER A 11 -15.72 -13.39 5.96
N GLU A 12 -15.63 -14.71 6.11
CA GLU A 12 -15.79 -15.35 7.42
C GLU A 12 -14.42 -15.83 7.89
N PRO A 13 -13.76 -15.07 8.75
CA PRO A 13 -12.39 -15.42 9.14
C PRO A 13 -12.27 -16.83 9.72
N GLU A 14 -13.34 -17.33 10.36
CA GLU A 14 -13.31 -18.66 10.96
C GLU A 14 -13.70 -19.80 10.02
N ASN A 15 -14.08 -19.46 8.80
CA ASN A 15 -14.69 -20.43 7.88
C ASN A 15 -14.40 -19.97 6.46
N VAL A 16 -13.13 -19.88 6.09
CA VAL A 16 -12.79 -19.34 4.78
C VAL A 16 -13.12 -20.36 3.70
N SER A 17 -13.32 -19.90 2.47
CA SER A 17 -13.38 -20.84 1.36
C SER A 17 -12.28 -20.52 0.36
N VAL A 18 -11.78 -21.57 -0.29
CA VAL A 18 -10.68 -21.43 -1.23
C VAL A 18 -11.01 -22.34 -2.40
N LYS A 19 -10.94 -21.82 -3.62
CA LYS A 19 -11.00 -22.68 -4.82
C LYS A 19 -9.97 -22.14 -5.82
N VAL A 20 -9.45 -22.99 -6.69
CA VAL A 20 -8.39 -22.54 -7.60
C VAL A 20 -8.71 -22.91 -9.04
N LEU A 21 -8.28 -22.07 -9.98
CA LEU A 21 -8.47 -22.38 -11.37
C LEU A 21 -7.59 -23.56 -11.73
N ASP A 22 -8.10 -24.50 -12.51
CA ASP A 22 -7.25 -25.57 -13.02
C ASP A 22 -6.48 -25.05 -14.23
N GLN A 23 -5.21 -24.69 -14.00
CA GLN A 23 -4.47 -24.04 -15.07
C GLN A 23 -4.03 -25.00 -16.17
N LEU A 24 -4.19 -26.29 -15.94
CA LEU A 24 -3.93 -27.27 -16.99
C LEU A 24 -4.94 -27.11 -18.12
N LEU A 25 -6.14 -26.61 -17.80
CA LEU A 25 -7.28 -26.60 -18.72
C LEU A 25 -7.52 -25.26 -19.42
N LEU A 26 -6.82 -24.21 -18.98
CA LEU A 26 -6.95 -22.90 -19.59
C LEU A 26 -6.30 -22.91 -20.98
N PRO A 27 -6.66 -21.98 -21.86
CA PRO A 27 -7.63 -20.91 -21.60
C PRO A 27 -9.07 -21.21 -21.96
N TYR A 28 -9.34 -22.31 -22.67
CA TYR A 28 -10.72 -22.51 -23.14
C TYR A 28 -11.66 -23.05 -22.09
N THR A 29 -11.11 -23.75 -21.11
CA THR A 29 -11.91 -24.34 -20.05
C THR A 29 -11.61 -23.64 -18.74
N THR A 30 -12.68 -23.19 -18.07
CA THR A 30 -12.54 -22.53 -16.78
C THR A 30 -13.16 -23.47 -15.77
N LYS A 31 -12.32 -24.16 -15.01
CA LYS A 31 -12.81 -25.15 -14.06
C LYS A 31 -12.15 -24.92 -12.71
N TYR A 32 -12.94 -24.91 -11.64
CA TYR A 32 -12.39 -24.67 -10.29
C TYR A 32 -12.21 -25.95 -9.48
N VAL A 33 -11.13 -25.98 -8.70
CA VAL A 33 -10.83 -27.10 -7.82
C VAL A 33 -10.94 -26.61 -6.38
N PRO A 34 -11.84 -27.19 -5.60
CA PRO A 34 -11.96 -26.78 -4.19
C PRO A 34 -10.75 -27.18 -3.39
N ILE A 35 -10.35 -26.35 -2.43
CA ILE A 35 -9.27 -26.70 -1.52
C ILE A 35 -9.82 -26.86 -0.10
N HIS A 36 -9.76 -28.06 0.45
CA HIS A 36 -10.27 -28.31 1.80
C HIS A 36 -9.18 -28.73 2.77
N THR A 37 -8.18 -29.46 2.26
CA THR A 37 -7.14 -30.01 3.12
C THR A 37 -5.77 -29.86 2.51
N ILE A 38 -4.76 -30.24 3.29
CA ILE A 38 -3.39 -30.17 2.80
C ILE A 38 -3.19 -31.16 1.66
N ASP A 39 -3.98 -32.24 1.65
CA ASP A 39 -3.87 -33.16 0.51
C ASP A 39 -4.27 -32.48 -0.79
N ASP A 40 -5.25 -31.57 -0.70
CA ASP A 40 -5.72 -30.86 -1.90
C ASP A 40 -4.65 -29.88 -2.36
N GLY A 41 -4.07 -29.17 -1.41
CA GLY A 41 -2.97 -28.25 -1.69
C GLY A 41 -1.83 -28.99 -2.36
N TYR A 42 -1.43 -30.12 -1.78
CA TYR A 42 -0.35 -30.92 -2.35
C TYR A 42 -0.73 -31.36 -3.75
N SER A 43 -1.96 -31.82 -3.92
CA SER A 43 -2.37 -32.38 -5.21
C SER A 43 -2.36 -31.32 -6.31
N VAL A 44 -2.92 -30.14 -6.05
CA VAL A 44 -2.95 -29.13 -7.12
C VAL A 44 -1.57 -28.56 -7.44
N ILE A 45 -0.68 -28.55 -6.46
CA ILE A 45 0.68 -28.09 -6.70
C ILE A 45 1.46 -29.14 -7.50
N LYS A 46 1.41 -30.39 -7.05
CA LYS A 46 2.24 -31.42 -7.67
C LYS A 46 1.84 -31.64 -9.13
N SER A 47 0.54 -31.59 -9.39
CA SER A 47 0.00 -31.78 -10.73
C SER A 47 0.06 -30.50 -11.58
N GLN A 49 -1.87 -27.92 -11.42
CA GLN A 49 -3.16 -27.30 -11.59
C GLN A 49 -3.11 -25.87 -11.05
N VAL A 50 -2.36 -25.66 -9.98
CA VAL A 50 -1.89 -24.32 -9.61
C VAL A 50 -0.39 -24.32 -9.87
N ARG A 51 0.12 -23.27 -10.51
CA ARG A 51 1.56 -23.14 -10.64
C ARG A 51 1.92 -21.67 -10.69
N GLY A 52 3.20 -21.36 -10.81
CA GLY A 52 3.65 -20.01 -10.53
C GLY A 52 4.13 -19.91 -9.10
N ALA A 53 5.37 -19.43 -8.92
CA ALA A 53 6.00 -19.56 -7.61
C ALA A 53 5.16 -19.01 -6.43
N PRO A 54 4.73 -17.75 -6.51
CA PRO A 54 3.92 -17.21 -5.42
C PRO A 54 2.55 -17.87 -5.29
N ALA A 55 1.87 -18.18 -6.39
CA ALA A 55 0.59 -18.88 -6.29
C ALA A 55 0.73 -20.22 -5.58
N ILE A 56 1.83 -20.92 -5.85
CA ILE A 56 2.09 -22.17 -5.15
C ILE A 56 2.16 -21.97 -3.64
N ALA A 57 2.93 -20.97 -3.20
CA ALA A 57 3.02 -20.63 -1.79
C ALA A 57 1.68 -20.24 -1.19
N ILE A 58 0.89 -19.48 -1.94
CA ILE A 58 -0.41 -19.04 -1.45
C ILE A 58 -1.40 -20.21 -1.32
N VAL A 59 -1.52 -21.03 -2.35
CA VAL A 59 -2.44 -22.18 -2.24
C VAL A 59 -1.99 -23.17 -1.16
N GLY A 60 -0.68 -23.39 -1.06
CA GLY A 60 -0.13 -24.23 -0.01
C GLY A 60 -0.50 -23.73 1.39
N SER A 61 -0.22 -22.45 1.63
CA SER A 61 -0.55 -21.79 2.88
C SER A 61 -2.06 -21.86 3.18
N LEU A 62 -2.88 -21.54 2.18
CA LEU A 62 -4.33 -21.57 2.34
C LEU A 62 -4.83 -22.97 2.67
N SER A 63 -4.22 -24.00 2.09
CA SER A 63 -4.67 -25.37 2.31
C SER A 63 -4.44 -25.81 3.77
N VAL A 64 -3.43 -25.25 4.42
CA VAL A 64 -3.22 -25.50 5.85
C VAL A 64 -4.36 -24.86 6.65
N LEU A 65 -4.73 -23.64 6.28
CA LEU A 65 -5.83 -22.97 6.97
C LEU A 65 -7.16 -23.70 6.76
N THR A 66 -7.49 -24.09 5.54
CA THR A 66 -8.74 -24.84 5.34
C THR A 66 -8.71 -26.15 6.13
N GLU A 67 -7.55 -26.79 6.21
CA GLU A 67 -7.43 -28.03 6.97
C GLU A 67 -7.71 -27.82 8.46
N VAL A 68 -7.11 -26.79 9.05
CA VAL A 68 -7.29 -26.63 10.49
C VAL A 68 -8.71 -26.18 10.81
N GLN A 69 -9.32 -25.45 9.89
CA GLN A 69 -10.71 -25.04 10.09
C GLN A 69 -11.68 -26.19 9.92
N LEU A 70 -11.36 -27.10 9.01
CA LEU A 70 -12.16 -28.30 8.82
C LEU A 70 -12.11 -29.21 10.06
N ILE A 71 -10.94 -29.39 10.64
CA ILE A 71 -10.86 -30.29 11.78
C ILE A 71 -11.54 -29.69 13.01
N LYS A 72 -11.64 -28.37 13.05
CA LYS A 72 -12.43 -27.69 14.08
C LYS A 72 -13.93 -27.95 13.87
N HIS A 73 -14.40 -27.73 12.64
CA HIS A 73 -15.82 -27.78 12.31
C HIS A 73 -16.37 -29.20 12.15
N ASN A 74 -15.50 -30.14 11.80
CA ASN A 74 -15.92 -31.52 11.65
C ASN A 74 -14.90 -32.51 12.18
N PRO A 75 -14.93 -32.73 13.50
CA PRO A 75 -13.96 -33.61 14.15
C PRO A 75 -14.12 -35.07 13.72
N THR A 76 -15.18 -35.40 12.98
CA THR A 76 -15.37 -36.77 12.49
C THR A 76 -14.94 -36.94 11.03
N SER A 77 -14.49 -35.86 10.40
CA SER A 77 -14.08 -35.92 9.00
C SER A 77 -12.85 -36.81 8.85
N ASP A 78 -12.61 -37.27 7.63
CA ASP A 78 -11.48 -38.14 7.32
C ASP A 78 -10.16 -37.51 7.75
N VAL A 79 -9.94 -36.25 7.36
CA VAL A 79 -8.69 -35.59 7.71
C VAL A 79 -8.56 -35.46 9.23
N ALA A 80 -9.67 -35.20 9.91
CA ALA A 80 -9.65 -35.02 11.35
C ALA A 80 -9.19 -36.28 12.09
N THR A 81 -9.49 -37.45 11.52
CA THR A 81 -9.13 -38.70 12.19
C THR A 81 -7.64 -38.99 12.13
N LEU A 82 -6.91 -38.19 11.35
CA LEU A 82 -5.45 -38.27 11.33
C LEU A 82 -4.86 -37.72 12.61
N TYR A 83 -5.67 -36.95 13.34
CA TYR A 83 -5.18 -36.17 14.47
C TYR A 83 -5.65 -36.74 15.81
N SER A 84 -4.75 -36.74 16.78
CA SER A 84 -5.12 -36.94 18.18
C SER A 84 -5.43 -35.58 18.83
N LEU A 85 -6.69 -35.15 18.72
CA LEU A 85 -7.07 -33.77 19.02
C LEU A 85 -7.07 -33.50 20.52
N VAL A 86 -7.05 -34.57 21.29
CA VAL A 86 -7.06 -34.47 22.74
C VAL A 86 -5.82 -33.77 23.30
N ASN A 87 -4.79 -33.61 22.47
CA ASN A 87 -3.46 -33.24 22.97
C ASN A 87 -2.73 -32.34 21.95
N TRP A 88 -2.37 -31.14 22.37
CA TRP A 88 -1.83 -30.12 21.46
C TRP A 88 -0.50 -30.56 20.88
N GLU A 89 0.38 -31.11 21.71
CA GLU A 89 1.66 -31.59 21.19
C GLU A 89 1.46 -32.70 20.17
N SER A 90 0.53 -33.62 20.43
CA SER A 90 0.30 -34.68 19.47
C SER A 90 -0.26 -34.14 18.16
N THR A 91 -1.14 -33.15 18.27
CA THR A 91 -1.73 -32.48 17.11
C THR A 91 -0.65 -31.83 16.24
N LYS A 92 0.23 -31.06 16.90
CA LYS A 92 1.35 -30.42 16.21
C LYS A 92 2.28 -31.39 15.47
N THR A 93 2.54 -32.55 16.06
CA THR A 93 3.36 -33.57 15.41
C THR A 93 2.82 -33.97 14.03
N VAL A 94 1.52 -34.25 13.99
CA VAL A 94 0.89 -34.60 12.72
C VAL A 94 0.84 -33.41 11.76
N LEU A 95 0.45 -32.25 12.28
CA LEU A 95 0.45 -31.04 11.45
C LEU A 95 1.83 -30.79 10.84
N ASN A 96 2.88 -30.88 11.65
CA ASN A 96 4.23 -30.68 11.13
C ASN A 96 4.61 -31.68 10.06
N LYS A 97 4.18 -32.93 10.25
CA LYS A 97 4.42 -33.98 9.26
C LYS A 97 3.71 -33.63 7.96
N ARG A 98 2.48 -33.12 8.07
CA ARG A 98 1.71 -32.76 6.89
C ARG A 98 2.26 -31.51 6.19
N LEU A 99 2.82 -30.59 6.96
CA LEU A 99 3.58 -29.48 6.39
C LEU A 99 4.82 -29.92 5.62
N ASP A 100 5.55 -30.90 6.14
CA ASP A 100 6.64 -31.51 5.40
C ASP A 100 6.19 -32.23 4.12
N PHE A 101 5.04 -32.90 4.17
CA PHE A 101 4.45 -33.52 2.99
C PHE A 101 4.18 -32.44 1.93
N LEU A 102 3.50 -31.38 2.34
CA LEU A 102 3.16 -30.28 1.44
C LEU A 102 4.41 -29.69 0.79
N LEU A 103 5.44 -29.47 1.60
CA LEU A 103 6.73 -28.97 1.12
C LEU A 103 7.30 -29.83 -0.01
N SER A 104 7.06 -31.13 0.05
CA SER A 104 7.63 -32.05 -0.94
C SER A 104 6.95 -32.00 -2.31
N SER A 105 5.83 -31.31 -2.41
CA SER A 105 5.07 -31.20 -3.66
C SER A 105 5.95 -30.88 -4.88
N ARG A 106 6.62 -29.73 -4.85
CA ARG A 106 7.49 -29.29 -5.93
C ARG A 106 8.67 -28.51 -5.31
N PRO A 107 9.90 -28.92 -5.58
CA PRO A 107 11.07 -28.39 -4.87
C PRO A 107 11.67 -27.04 -5.30
N THR A 108 11.57 -26.65 -6.56
CA THR A 108 12.52 -25.65 -7.03
C THR A 108 12.15 -24.24 -6.61
N ALA A 109 10.91 -23.84 -6.81
CA ALA A 109 10.52 -22.51 -6.34
C ALA A 109 10.53 -22.46 -4.81
N VAL A 110 11.15 -21.40 -4.29
CA VAL A 110 11.42 -21.31 -2.86
C VAL A 110 10.28 -20.68 -2.09
N ASN A 111 9.36 -20.01 -2.79
CA ASN A 111 8.27 -19.31 -2.10
C ASN A 111 7.54 -20.21 -1.11
N LEU A 112 7.26 -21.44 -1.53
CA LEU A 112 6.51 -22.36 -0.68
C LEU A 112 7.25 -22.62 0.63
N SER A 113 8.53 -23.00 0.54
CA SER A 113 9.35 -23.23 1.73
C SER A 113 9.35 -22.00 2.62
N ASN A 114 9.54 -20.83 2.00
CA ASN A 114 9.59 -19.61 2.79
C ASN A 114 8.32 -19.37 3.61
N SER A 115 7.17 -19.65 3.01
CA SER A 115 5.90 -19.57 3.71
C SER A 115 5.75 -20.66 4.76
N LEU A 116 6.15 -21.90 4.43
CA LEU A 116 5.93 -22.98 5.40
C LEU A 116 6.81 -22.82 6.64
N VAL A 117 8.00 -22.25 6.47
CA VAL A 117 8.87 -21.92 7.60
C VAL A 117 8.15 -20.94 8.53
N GLU A 118 7.55 -19.91 7.96
CA GLU A 118 6.83 -18.92 8.73
C GLU A 118 5.61 -19.56 9.41
N ILE A 119 4.89 -20.42 8.69
CA ILE A 119 3.74 -21.07 9.29
C ILE A 119 4.17 -21.95 10.48
N LYS A 120 5.29 -22.66 10.33
CA LYS A 120 5.83 -23.44 11.44
C LYS A 120 6.21 -22.58 12.65
N ASN A 121 6.77 -21.41 12.39
CA ASN A 121 7.07 -20.45 13.46
C ASN A 121 5.81 -19.97 14.16
N ILE A 122 4.77 -19.73 13.38
CA ILE A 122 3.48 -19.40 13.97
C ILE A 122 2.95 -20.57 14.81
N LEU A 123 3.05 -21.78 14.28
CA LEU A 123 2.54 -22.95 15.00
C LEU A 123 3.26 -23.09 16.35
N LYS A 124 4.57 -22.87 16.34
CA LYS A 124 5.38 -23.01 17.56
C LYS A 124 5.08 -21.96 18.63
N SER A 125 4.51 -20.83 18.25
CA SER A 125 4.12 -19.85 19.25
C SER A 125 2.62 -19.77 19.54
N SER A 126 1.84 -20.71 19.02
CA SER A 126 0.41 -20.78 19.32
C SER A 126 0.12 -21.73 20.50
N SER A 127 -0.73 -21.31 21.43
CA SER A 127 -0.95 -22.15 22.62
C SER A 127 -1.90 -23.31 22.38
N ASP A 128 -2.74 -23.18 21.35
CA ASP A 128 -3.71 -24.22 20.98
C ASP A 128 -4.15 -24.04 19.55
N LEU A 129 -4.94 -24.97 19.03
CA LEU A 129 -5.41 -24.90 17.64
C LEU A 129 -6.16 -23.61 17.33
N LYS A 130 -7.03 -23.18 18.24
CA LYS A 130 -7.80 -21.94 18.04
C LYS A 130 -6.89 -20.74 17.78
N ALA A 131 -5.84 -20.60 18.58
CA ALA A 131 -4.91 -19.49 18.42
C ALA A 131 -4.18 -19.59 17.08
N PHE A 132 -3.75 -20.81 16.74
CA PHE A 132 -3.07 -21.05 15.47
C PHE A 132 -3.95 -20.65 14.30
N ASP A 133 -5.21 -21.07 14.37
CA ASP A 133 -6.21 -20.78 13.35
C ASP A 133 -6.28 -19.27 13.10
N GLY A 134 -6.50 -18.51 14.16
CA GLY A 134 -6.59 -17.07 14.07
C GLY A 134 -5.33 -16.42 13.52
N SER A 135 -4.17 -16.88 13.97
CA SER A 135 -2.91 -16.28 13.55
C SER A 135 -2.58 -16.66 12.12
N LEU A 136 -2.92 -17.89 11.73
CA LEU A 136 -2.72 -18.35 10.36
C LEU A 136 -3.61 -17.59 9.38
N TYR A 137 -4.87 -17.33 9.78
CA TYR A 137 -5.74 -16.49 8.98
C TYR A 137 -5.08 -15.14 8.73
N ASN A 138 -4.60 -14.51 9.80
CA ASN A 138 -3.88 -13.24 9.66
C ASN A 138 -2.69 -13.40 8.72
N TYR A 139 -1.97 -14.50 8.87
CA TYR A 139 -0.76 -14.69 8.06
C TYR A 139 -1.11 -14.77 6.57
N VAL A 140 -2.11 -15.58 6.24
CA VAL A 140 -2.43 -15.76 4.83
C VAL A 140 -3.00 -14.49 4.19
N CYS A 141 -3.78 -13.72 4.95
CA CYS A 141 -4.27 -12.44 4.46
C CYS A 141 -3.09 -11.53 4.15
N GLU A 142 -2.11 -11.52 5.04
CA GLU A 142 -0.95 -10.65 4.87
C GLU A 142 -0.09 -11.10 3.70
N LEU A 143 0.13 -12.41 3.60
CA LEU A 143 0.89 -12.99 2.48
C LEU A 143 0.26 -12.56 1.15
N ILE A 144 -1.05 -12.73 1.05
CA ILE A 144 -1.77 -12.42 -0.17
C ILE A 144 -1.79 -10.90 -0.41
N ASP A 145 -2.13 -10.13 0.61
CA ASP A 145 -2.31 -8.69 0.35
C ASP A 145 -0.96 -8.03 0.04
N GLU A 146 0.08 -8.47 0.73
CA GLU A 146 1.43 -8.02 0.40
C GLU A 146 1.90 -8.48 -0.98
N ASP A 147 1.55 -9.71 -1.37
CA ASP A 147 1.92 -10.18 -2.71
C ASP A 147 1.38 -9.23 -3.78
N LEU A 148 0.10 -8.88 -3.69
CA LEU A 148 -0.54 -8.00 -4.66
C LEU A 148 0.05 -6.60 -4.61
N ALA A 149 0.20 -6.04 -3.40
CA ALA A 149 0.73 -4.69 -3.27
C ALA A 149 2.17 -4.63 -3.79
N ASN A 150 2.95 -5.68 -3.49
CA ASN A 150 4.35 -5.70 -3.89
C ASN A 150 4.45 -5.95 -5.40
N ASN A 151 3.53 -6.71 -5.98
CA ASN A 151 3.53 -6.87 -7.42
C ASN A 151 3.32 -5.53 -8.10
N LYS A 153 4.01 -2.54 -6.77
CA LYS A 153 5.23 -1.79 -6.51
C LYS A 153 6.37 -2.17 -7.45
N GLY A 155 6.21 -3.75 -10.26
CA GLY A 155 5.81 -3.46 -11.63
C GLY A 155 6.17 -2.02 -11.95
N ASP A 156 5.75 -1.10 -11.07
CA ASP A 156 6.07 0.31 -11.27
C ASP A 156 7.57 0.60 -11.17
N ASN A 157 8.27 -0.05 -10.25
CA ASN A 157 9.73 0.10 -10.18
C ASN A 157 10.43 -0.30 -11.47
N GLY A 158 10.03 -1.45 -12.01
CA GLY A 158 10.62 -1.93 -13.24
C GLY A 158 10.27 -1.06 -14.43
N ALA A 159 9.01 -0.64 -14.54
CA ALA A 159 8.62 0.24 -15.66
C ALA A 159 9.43 1.54 -15.65
N LYS A 160 9.50 2.17 -14.49
CA LYS A 160 10.21 3.45 -14.37
C LYS A 160 11.68 3.27 -14.69
N TYR A 161 12.26 2.17 -14.20
CA TYR A 161 13.66 1.89 -14.41
C TYR A 161 13.98 1.78 -15.90
N LEU A 162 13.20 1.00 -16.63
CA LEU A 162 13.43 0.86 -18.07
C LEU A 162 13.23 2.19 -18.81
N ILE A 163 12.16 2.90 -18.49
CA ILE A 163 11.92 4.19 -19.15
C ILE A 163 13.09 5.13 -18.91
N ASP A 164 13.60 5.15 -17.68
CA ASP A 164 14.73 6.00 -17.33
C ASP A 164 16.00 5.62 -18.09
N VAL A 165 16.28 4.32 -18.19
CA VAL A 165 17.40 3.81 -18.98
C VAL A 165 17.31 4.26 -20.45
N LEU A 166 16.12 4.11 -21.03
CA LEU A 166 15.90 4.48 -22.43
C LEU A 166 15.99 6.00 -22.61
N GLN A 167 15.42 6.73 -21.67
CA GLN A 167 15.49 8.19 -21.72
C GLN A 167 16.93 8.68 -21.62
N LYS A 168 17.74 8.05 -20.76
CA LYS A 168 19.17 8.35 -20.72
C LYS A 168 19.91 8.07 -22.04
N ASP A 169 19.56 6.97 -22.69
CA ASP A 169 20.17 6.57 -23.95
C ASP A 169 19.65 7.35 -25.16
N GLY A 170 18.71 8.25 -24.93
CA GLY A 170 18.10 9.04 -25.98
C GLY A 170 17.23 8.26 -26.95
N PHE A 171 16.73 7.11 -26.51
CA PHE A 171 15.71 6.38 -27.24
C PHE A 171 14.34 7.03 -27.04
N LYS A 172 13.67 7.36 -28.12
CA LYS A 172 12.45 8.18 -28.02
C LYS A 172 11.22 7.51 -28.61
N ASP A 173 11.41 6.32 -29.16
CA ASP A 173 10.38 5.69 -29.98
C ASP A 173 9.54 4.63 -29.24
N GLU A 174 8.59 4.03 -29.96
CA GLU A 174 7.97 2.78 -29.54
C GLU A 174 9.01 1.65 -29.39
N PHE A 175 8.89 0.84 -28.33
CA PHE A 175 9.73 -0.35 -28.20
C PHE A 175 8.90 -1.57 -27.81
N ALA A 176 9.49 -2.76 -27.98
CA ALA A 176 8.82 -4.01 -27.63
C ALA A 176 9.61 -4.67 -26.49
N VAL A 177 8.97 -5.62 -25.83
CA VAL A 177 9.68 -6.45 -24.86
C VAL A 177 9.39 -7.92 -25.10
N LEU A 178 10.31 -8.75 -24.61
CA LEU A 178 10.18 -10.21 -24.61
C LEU A 178 9.79 -10.65 -23.21
N THR A 179 9.02 -11.73 -23.11
CA THR A 179 8.85 -12.36 -21.79
C THR A 179 8.69 -13.88 -21.94
N ILE A 180 8.78 -14.62 -20.84
CA ILE A 180 8.74 -16.07 -20.89
C ILE A 180 7.84 -16.55 -19.75
N CYS A 181 7.24 -17.72 -19.94
CA CYS A 181 6.44 -18.39 -18.92
C CYS A 181 5.18 -17.57 -18.63
N ASN A 182 4.64 -17.75 -17.43
CA ASN A 182 3.51 -16.95 -16.98
C ASN A 182 3.82 -16.38 -15.60
N THR A 183 3.78 -15.06 -15.51
CA THR A 183 4.10 -14.37 -14.27
C THR A 183 3.03 -13.35 -13.92
N GLY A 184 1.80 -13.59 -14.37
CA GLY A 184 0.75 -12.60 -14.24
C GLY A 184 -0.17 -12.88 -13.05
N SER A 185 -1.45 -12.54 -13.22
CA SER A 185 -2.43 -12.83 -12.19
C SER A 185 -2.63 -14.34 -12.04
N LEU A 186 -2.32 -15.09 -13.09
CA LEU A 186 -2.44 -16.54 -12.97
C LEU A 186 -1.33 -17.22 -12.17
N ALA A 187 -0.23 -16.49 -11.93
CA ALA A 187 0.93 -17.03 -11.23
C ALA A 187 1.07 -16.51 -9.81
N THR A 188 0.16 -15.64 -9.39
CA THR A 188 0.35 -14.82 -8.19
C THR A 188 -1.00 -14.50 -7.56
N SER A 189 -1.03 -13.55 -6.62
CA SER A 189 -2.30 -13.12 -6.06
C SER A 189 -3.00 -12.15 -7.01
N GLY A 190 -2.32 -11.78 -8.10
CA GLY A 190 -2.85 -10.78 -9.02
C GLY A 190 -1.82 -9.77 -9.47
N TYR A 191 -1.99 -9.24 -10.67
CA TYR A 191 -1.09 -8.25 -11.27
C TYR A 191 0.25 -8.81 -11.79
N GLY A 192 1.01 -9.48 -10.91
CA GLY A 192 2.11 -10.30 -11.38
C GLY A 192 3.47 -9.64 -11.21
N THR A 193 4.50 -10.36 -11.61
CA THR A 193 5.88 -9.91 -11.42
C THR A 193 6.40 -9.39 -12.75
N ALA A 194 7.01 -10.23 -13.59
CA ALA A 194 7.44 -9.71 -14.90
C ALA A 194 6.24 -9.17 -15.68
N LEU A 195 5.10 -9.86 -15.66
CA LEU A 195 3.93 -9.35 -16.36
C LEU A 195 3.39 -8.09 -15.68
N GLY A 196 3.65 -7.94 -14.38
CA GLY A 196 3.36 -6.71 -13.66
C GLY A 196 4.08 -5.51 -14.24
N VAL A 197 5.37 -5.69 -14.51
CA VAL A 197 6.17 -4.62 -15.13
C VAL A 197 5.60 -4.29 -16.49
N ILE A 198 5.24 -5.31 -17.24
CA ILE A 198 4.66 -5.11 -18.57
C ILE A 198 3.33 -4.36 -18.44
N ARG A 199 2.52 -4.72 -17.45
CA ARG A 199 1.28 -4.01 -17.21
C ARG A 199 1.50 -2.54 -16.86
N SER A 200 2.50 -2.27 -16.03
CA SER A 200 2.85 -0.89 -15.69
C SER A 200 3.35 -0.11 -16.90
N LEU A 201 4.17 -0.76 -17.71
CA LEU A 201 4.61 -0.15 -18.96
C LEU A 201 3.43 0.16 -19.89
N TRP A 202 2.44 -0.73 -19.92
CA TRP A 202 1.28 -0.50 -20.77
C TRP A 202 0.47 0.70 -20.30
N LYS A 203 0.32 0.83 -18.99
CA LYS A 203 -0.36 2.00 -18.43
C LYS A 203 0.32 3.31 -18.82
N ASP A 204 1.65 3.33 -18.70
CA ASP A 204 2.46 4.46 -19.13
C ASP A 204 2.28 4.75 -20.62
N SER A 205 2.27 3.70 -21.44
CA SER A 205 2.11 3.86 -22.88
C SER A 205 0.73 4.42 -23.24
N LEU A 206 -0.33 3.89 -22.63
CA LEU A 206 -1.68 4.44 -22.82
C LEU A 206 -1.79 5.90 -22.44
N ALA A 207 -1.15 6.28 -21.34
CA ALA A 207 -1.18 7.68 -20.92
C ALA A 207 -0.55 8.55 -22.00
N LYS A 208 0.56 8.09 -22.56
CA LYS A 208 1.26 8.84 -23.60
C LYS A 208 0.49 8.96 -24.92
N THR A 209 -0.13 7.86 -25.36
CA THR A 209 -0.88 7.91 -26.62
C THR A 209 -2.19 8.70 -26.49
N ASP A 210 -2.86 8.57 -25.35
CA ASP A 210 -3.99 9.45 -25.02
C ASP A 210 -3.66 10.92 -25.23
N LYS A 211 -2.49 11.34 -24.74
CA LYS A 211 -2.08 12.74 -24.81
C LYS A 211 -1.90 13.20 -26.25
N CYS B 1 8.75 10.75 -26.10
CA CYS B 1 9.20 9.87 -24.98
C CYS B 1 8.99 8.44 -25.44
N PRO B 2 9.85 7.53 -25.01
CA PRO B 2 9.71 6.11 -25.35
C PRO B 2 8.50 5.50 -24.65
N ARG B 3 7.92 4.48 -25.26
CA ARG B 3 6.76 3.82 -24.67
C ARG B 3 6.74 2.43 -25.23
N GLY B 5 5.15 -0.49 -27.04
CA GLY B 5 4.07 -0.64 -27.99
C GLY B 5 3.73 -2.09 -28.30
N HIS B 6 4.54 -3.03 -27.83
CA HIS B 6 4.22 -4.43 -28.15
C HIS B 6 4.91 -5.40 -27.20
N VAL B 7 4.29 -6.55 -27.00
CA VAL B 7 4.90 -7.61 -26.20
C VAL B 7 5.01 -8.88 -27.02
N PHE B 8 6.15 -9.57 -26.90
CA PHE B 8 6.37 -10.86 -27.57
C PHE B 8 6.56 -11.93 -26.50
N PRO B 9 5.49 -12.54 -26.04
CA PRO B 9 5.62 -13.67 -25.11
C PRO B 9 6.06 -14.92 -25.88
N LEU B 10 6.89 -15.74 -25.24
CA LEU B 10 7.30 -17.02 -25.79
C LEU B 10 6.28 -18.10 -25.43
N GLU B 11 6.03 -19.03 -26.34
CA GLU B 11 5.14 -20.17 -26.08
C GLU B 11 5.43 -20.85 -24.74
N THR B 12 6.70 -21.16 -24.49
CA THR B 12 7.16 -21.78 -23.24
C THR B 12 6.75 -23.25 -23.13
N ARG B 13 7.31 -24.05 -24.03
CA ARG B 13 7.18 -25.50 -23.92
C ARG B 13 7.86 -25.97 -22.65
N PRO B 14 7.57 -27.18 -22.17
CA PRO B 14 6.52 -28.06 -22.69
C PRO B 14 5.12 -27.82 -22.10
N TYR B 15 5.02 -27.07 -21.00
CA TYR B 15 3.73 -26.92 -20.33
C TYR B 15 2.87 -25.90 -21.07
N ASN B 16 3.52 -25.02 -21.84
CA ASN B 16 2.87 -23.96 -22.59
C ASN B 16 2.26 -22.86 -21.72
N GLN B 17 2.99 -22.45 -20.66
CA GLN B 17 2.58 -21.29 -19.87
C GLN B 17 2.39 -20.04 -20.71
N GLY B 18 3.21 -19.90 -21.74
CA GLY B 18 3.16 -18.71 -22.56
C GLY B 18 1.93 -18.68 -23.44
N SER B 19 1.72 -19.77 -24.18
CA SER B 19 0.68 -19.76 -25.19
C SER B 19 -0.71 -19.91 -24.55
N ARG B 20 -0.78 -20.67 -23.46
CA ARG B 20 -2.08 -20.95 -22.84
C ARG B 20 -2.46 -19.92 -21.77
N LEU B 21 -1.48 -19.37 -21.06
CA LEU B 21 -1.78 -18.56 -19.88
C LEU B 21 -1.42 -17.09 -20.11
N THR B 22 -0.17 -16.81 -20.48
CA THR B 22 0.25 -15.42 -20.70
C THR B 22 -0.52 -14.79 -21.88
N ALA B 23 -0.65 -15.52 -22.97
CA ALA B 23 -1.40 -14.99 -24.11
C ALA B 23 -2.86 -14.69 -23.71
N TYR B 24 -3.44 -15.52 -22.86
CA TYR B 24 -4.76 -15.27 -22.29
C TYR B 24 -4.82 -13.97 -21.49
N GLU B 25 -3.85 -13.76 -20.60
CA GLU B 25 -3.83 -12.54 -19.81
C GLU B 25 -3.68 -11.30 -20.70
N LEU B 26 -2.82 -11.39 -21.72
CA LEU B 26 -2.54 -10.23 -22.58
C LEU B 26 -3.79 -9.88 -23.39
N VAL B 27 -4.50 -10.91 -23.85
CA VAL B 27 -5.77 -10.73 -24.56
C VAL B 27 -6.79 -10.05 -23.66
N TYR B 28 -6.94 -10.59 -22.46
CA TYR B 28 -7.85 -10.00 -21.47
C TYR B 28 -7.58 -8.51 -21.22
N ASP B 29 -6.31 -8.15 -21.15
CA ASP B 29 -5.92 -6.78 -20.79
C ASP B 29 -5.81 -5.87 -22.00
N LYS B 30 -6.02 -6.44 -23.19
CA LYS B 30 -5.95 -5.71 -24.45
C LYS B 30 -4.58 -5.08 -24.66
N ILE B 31 -3.53 -5.80 -24.29
CA ILE B 31 -2.18 -5.31 -24.52
C ILE B 31 -1.68 -5.88 -25.85
N PRO B 32 -1.25 -5.01 -26.76
CA PRO B 32 -0.83 -5.46 -28.10
C PRO B 32 0.34 -6.44 -28.02
N SER B 33 0.12 -7.64 -28.55
CA SER B 33 1.03 -8.77 -28.29
C SER B 33 1.06 -9.68 -29.51
N THR B 34 2.20 -10.34 -29.70
CA THR B 34 2.34 -11.34 -30.75
C THR B 34 3.09 -12.51 -30.10
N LEU B 35 2.42 -13.65 -29.98
CA LEU B 35 3.00 -14.88 -29.44
C LEU B 35 3.98 -15.49 -30.44
N ILE B 36 5.12 -15.97 -29.96
CA ILE B 36 6.16 -16.51 -30.84
C ILE B 36 6.64 -17.85 -30.30
N THR B 37 7.23 -18.70 -31.16
CA THR B 37 7.78 -19.95 -30.63
C THR B 37 9.03 -19.64 -29.79
N ASP B 38 9.38 -20.56 -28.90
CA ASP B 38 10.61 -20.41 -28.15
C ASP B 38 11.81 -20.28 -29.08
N SER B 39 11.72 -20.95 -30.23
CA SER B 39 12.84 -20.99 -31.15
C SER B 39 13.01 -19.70 -31.95
N SER B 40 12.04 -18.79 -31.82
CA SER B 40 11.98 -17.63 -32.69
C SER B 40 12.62 -16.37 -32.11
N ILE B 41 13.18 -16.44 -30.90
CA ILE B 41 13.67 -15.22 -30.28
C ILE B 41 14.68 -14.49 -31.17
N ALA B 42 15.69 -15.21 -31.66
CA ALA B 42 16.77 -14.57 -32.38
C ALA B 42 16.28 -13.92 -33.68
N TYR B 43 15.54 -14.69 -34.47
CA TYR B 43 14.98 -14.13 -35.71
C TYR B 43 13.98 -13.01 -35.41
N ARG B 44 13.22 -13.12 -34.32
CA ARG B 44 12.26 -12.06 -33.97
C ARG B 44 13.00 -10.76 -33.71
N ILE B 45 14.13 -10.83 -33.00
CA ILE B 45 14.92 -9.64 -32.71
C ILE B 45 15.44 -8.98 -33.99
N ARG B 46 15.96 -9.80 -34.91
CA ARG B 46 16.57 -9.28 -36.12
C ARG B 46 15.56 -8.66 -37.08
N THR B 47 14.29 -9.02 -36.96
CA THR B 47 13.27 -8.61 -37.92
C THR B 47 12.17 -7.73 -37.33
N SER B 48 12.20 -7.48 -36.03
CA SER B 48 11.06 -6.84 -35.39
C SER B 48 10.88 -5.42 -35.96
N PRO B 49 9.64 -5.04 -36.27
CA PRO B 49 9.35 -3.69 -36.77
C PRO B 49 9.45 -2.63 -35.68
N ILE B 50 9.49 -3.08 -34.43
CA ILE B 50 9.53 -2.23 -33.25
C ILE B 50 10.73 -2.78 -32.47
N PRO B 51 11.74 -1.96 -32.18
CA PRO B 51 12.99 -2.47 -31.57
C PRO B 51 12.68 -3.14 -30.23
N ILE B 52 13.23 -4.32 -29.99
CA ILE B 52 13.04 -4.96 -28.68
C ILE B 52 14.09 -4.41 -27.73
N LYS B 53 13.65 -3.84 -26.61
CA LYS B 53 14.57 -3.13 -25.73
C LYS B 53 14.77 -3.78 -24.36
N ALA B 54 13.98 -4.81 -24.06
CA ALA B 54 14.15 -5.52 -22.81
C ALA B 54 13.49 -6.89 -22.86
N ALA B 55 14.03 -7.81 -22.07
CA ALA B 55 13.29 -9.03 -21.70
C ALA B 55 13.01 -8.93 -20.20
N PHE B 56 11.78 -9.25 -19.81
CA PHE B 56 11.44 -9.39 -18.41
C PHE B 56 11.02 -10.82 -18.13
N VAL B 57 11.66 -11.43 -17.14
CA VAL B 57 11.37 -12.81 -16.74
C VAL B 57 11.09 -12.81 -15.24
N GLY B 58 10.38 -13.82 -14.79
CA GLY B 58 10.17 -13.98 -13.36
C GLY B 58 11.27 -14.82 -12.75
N ALA B 59 10.99 -15.39 -11.59
CA ALA B 59 11.97 -16.24 -10.93
C ALA B 59 11.25 -17.25 -10.05
N ASP B 60 11.87 -18.40 -9.88
CA ASP B 60 11.43 -19.38 -8.91
C ASP B 60 12.28 -19.39 -7.67
N ARG B 61 13.57 -19.10 -7.86
CA ARG B 61 14.49 -19.07 -6.74
C ARG B 61 15.66 -18.19 -7.10
N ILE B 62 15.89 -17.15 -6.32
CA ILE B 62 17.06 -16.31 -6.50
C ILE B 62 17.92 -16.56 -5.27
N VAL B 63 19.13 -17.05 -5.49
CA VAL B 63 20.00 -17.41 -4.36
C VAL B 63 20.97 -16.28 -4.06
N ARG B 64 21.93 -16.53 -3.18
CA ARG B 64 22.55 -15.41 -2.48
C ARG B 64 23.32 -14.51 -3.44
N ASN B 65 23.86 -15.09 -4.50
CA ASN B 65 24.67 -14.33 -5.45
C ASN B 65 23.86 -13.80 -6.64
N GLY B 66 22.54 -13.98 -6.60
CA GLY B 66 21.71 -13.52 -7.69
C GLY B 66 21.45 -14.54 -8.78
N ASP B 67 22.15 -15.67 -8.75
CA ASP B 67 21.90 -16.73 -9.70
C ASP B 67 20.43 -17.15 -9.58
N THR B 68 19.79 -17.36 -10.72
CA THR B 68 18.34 -17.51 -10.73
C THR B 68 17.84 -18.77 -11.40
N ALA B 69 17.03 -19.52 -10.68
CA ALA B 69 16.28 -20.62 -11.27
C ALA B 69 14.95 -20.05 -11.76
N ASN B 70 14.66 -20.28 -13.03
CA ASN B 70 13.38 -19.90 -13.62
C ASN B 70 12.97 -20.93 -14.69
N LYS B 71 11.79 -20.76 -15.27
CA LYS B 71 11.31 -21.70 -16.27
C LYS B 71 12.42 -22.07 -17.27
N ILE B 72 12.52 -23.36 -17.60
CA ILE B 72 13.37 -23.83 -18.69
C ILE B 72 13.23 -22.92 -19.93
N GLY B 73 14.36 -22.46 -20.44
CA GLY B 73 14.35 -21.48 -21.52
C GLY B 73 14.84 -20.11 -21.08
N THR B 74 14.85 -19.88 -19.77
CA THR B 74 15.25 -18.58 -19.27
C THR B 74 16.73 -18.30 -19.48
N LEU B 75 17.58 -19.23 -19.08
CA LEU B 75 19.00 -19.17 -19.41
C LEU B 75 19.19 -18.85 -20.89
N GLN B 76 18.46 -19.55 -21.75
CA GLN B 76 18.61 -19.43 -23.19
C GLN B 76 18.26 -18.03 -23.66
N LEU B 77 17.14 -17.53 -23.14
CA LEU B 77 16.73 -16.17 -23.46
C LEU B 77 17.80 -15.17 -23.03
N ALA B 78 18.42 -15.38 -21.87
CA ALA B 78 19.41 -14.43 -21.36
C ALA B 78 20.62 -14.43 -22.28
N VAL B 79 20.99 -15.62 -22.77
CA VAL B 79 22.15 -15.74 -23.64
C VAL B 79 21.88 -15.03 -24.98
N ILE B 80 20.68 -15.22 -25.50
CA ILE B 80 20.31 -14.54 -26.74
C ILE B 80 20.28 -13.02 -26.53
N CYS B 81 19.68 -12.57 -25.43
CA CYS B 81 19.73 -11.15 -25.10
C CYS B 81 21.15 -10.59 -25.02
N LYS B 82 22.06 -11.37 -24.46
CA LYS B 82 23.47 -10.96 -24.41
C LYS B 82 24.02 -10.78 -25.82
N GLN B 83 23.80 -11.77 -26.68
CA GLN B 83 24.27 -11.70 -28.07
C GLN B 83 23.81 -10.43 -28.76
N PHE B 84 22.55 -10.06 -28.54
CA PHE B 84 21.93 -8.93 -29.23
C PHE B 84 21.93 -7.62 -28.45
N GLY B 85 22.60 -7.60 -27.30
CA GLY B 85 22.76 -6.39 -26.51
C GLY B 85 21.44 -5.89 -25.95
N ILE B 86 20.53 -6.82 -25.64
CA ILE B 86 19.23 -6.44 -25.06
C ILE B 86 19.24 -6.62 -23.55
N LYS B 87 18.80 -5.61 -22.80
CA LYS B 87 18.80 -5.72 -21.35
C LYS B 87 17.90 -6.86 -20.88
N PHE B 88 18.40 -7.62 -19.90
CA PHE B 88 17.70 -8.80 -19.39
C PHE B 88 17.45 -8.65 -17.88
N PHE B 89 16.17 -8.60 -17.50
CA PHE B 89 15.81 -8.36 -16.11
C PHE B 89 15.00 -9.50 -15.50
N VAL B 90 15.39 -9.90 -14.30
CA VAL B 90 14.62 -10.82 -13.47
C VAL B 90 13.76 -10.01 -12.50
N VAL B 91 12.49 -10.38 -12.38
CA VAL B 91 11.53 -9.60 -11.60
C VAL B 91 10.91 -10.55 -10.58
N ALA B 92 11.09 -10.29 -9.28
CA ALA B 92 10.57 -11.21 -8.28
C ALA B 92 10.48 -10.51 -6.93
N PRO B 93 9.58 -10.97 -6.07
CA PRO B 93 9.46 -10.47 -4.70
C PRO B 93 10.50 -11.08 -3.75
N LYS B 94 10.67 -10.42 -2.61
CA LYS B 94 11.55 -10.95 -1.56
C LYS B 94 11.19 -12.38 -1.16
N THR B 95 9.93 -12.78 -1.34
CA THR B 95 9.50 -14.14 -0.96
C THR B 95 10.13 -15.18 -1.88
N THR B 96 10.73 -14.72 -2.99
CA THR B 96 11.40 -15.61 -3.93
C THR B 96 12.92 -15.71 -3.70
N ILE B 97 13.40 -14.95 -2.73
CA ILE B 97 14.81 -15.00 -2.35
C ILE B 97 15.11 -16.20 -1.46
N ASP B 98 16.20 -16.89 -1.78
CA ASP B 98 16.74 -17.96 -0.95
C ASP B 98 18.01 -17.40 -0.31
N ASN B 99 17.96 -17.17 1.00
CA ASN B 99 19.05 -16.48 1.66
C ASN B 99 20.10 -17.41 2.25
N VAL B 100 20.01 -18.69 1.89
CA VAL B 100 20.96 -19.71 2.34
C VAL B 100 21.82 -20.25 1.21
N THR B 101 21.18 -20.77 0.16
CA THR B 101 21.91 -21.31 -0.97
C THR B 101 22.86 -20.27 -1.58
N GLU B 102 24.10 -20.66 -1.85
CA GLU B 102 25.11 -19.66 -2.16
C GLU B 102 25.16 -19.34 -3.65
N THR B 103 24.92 -20.37 -4.46
CA THR B 103 25.15 -20.25 -5.89
C THR B 103 24.25 -21.18 -6.70
N GLY B 104 24.13 -20.90 -8.00
CA GLY B 104 23.25 -21.63 -8.89
C GLY B 104 23.47 -23.14 -8.97
N ASP B 105 24.73 -23.56 -8.88
CA ASP B 105 25.06 -24.98 -8.96
C ASP B 105 24.46 -25.80 -7.83
N ASP B 106 24.06 -25.12 -6.75
CA ASP B 106 23.52 -25.80 -5.58
C ASP B 106 21.99 -25.87 -5.60
N ILE B 107 21.38 -25.31 -6.64
CA ILE B 107 19.92 -25.39 -6.77
C ILE B 107 19.45 -26.75 -7.25
N ILE B 108 18.45 -27.30 -6.57
CA ILE B 108 17.82 -28.55 -7.02
C ILE B 108 16.77 -28.22 -8.09
N VAL B 109 16.93 -28.80 -9.27
CA VAL B 109 16.05 -28.53 -10.40
C VAL B 109 15.08 -29.68 -10.61
N GLU B 110 13.79 -29.40 -10.48
CA GLU B 110 12.75 -30.38 -10.73
C GLU B 110 12.80 -30.90 -12.17
N GLU B 111 12.75 -32.21 -12.35
CA GLU B 111 12.55 -32.80 -13.68
C GLU B 111 11.22 -33.51 -13.67
N ARG B 112 10.42 -33.32 -14.70
CA ARG B 112 9.07 -33.84 -14.66
C ARG B 112 8.86 -35.04 -15.60
N ASN B 113 7.77 -35.77 -15.39
CA ASN B 113 7.42 -36.96 -16.19
C ASN B 113 7.62 -36.67 -17.69
N PRO B 114 8.32 -37.56 -18.38
CA PRO B 114 8.52 -37.42 -19.83
C PRO B 114 7.21 -37.29 -20.60
N GLU B 115 6.13 -37.88 -20.11
CA GLU B 115 4.87 -37.80 -20.83
C GLU B 115 4.34 -36.37 -20.89
N GLU B 116 4.77 -35.51 -19.97
CA GLU B 116 4.33 -34.10 -19.97
C GLU B 116 4.99 -33.31 -21.09
N PHE B 117 6.04 -33.89 -21.68
CA PHE B 117 6.79 -33.31 -22.81
C PHE B 117 6.21 -33.93 -24.08
N LYS B 118 6.11 -35.25 -24.12
CA LYS B 118 5.72 -35.96 -25.34
C LYS B 118 4.23 -35.87 -25.65
N VAL B 119 3.42 -35.52 -24.65
CA VAL B 119 1.98 -35.39 -24.89
C VAL B 119 1.57 -33.95 -24.63
N VAL B 120 0.86 -33.36 -25.58
CA VAL B 120 0.40 -31.99 -25.48
C VAL B 120 -1.08 -31.93 -25.09
N THR B 121 -1.39 -31.12 -24.09
CA THR B 121 -2.77 -30.94 -23.62
C THR B 121 -3.32 -29.65 -24.24
N GLY B 122 -4.58 -29.70 -24.68
CA GLY B 122 -5.22 -28.51 -25.19
C GLY B 122 -6.68 -28.77 -25.46
N THR B 123 -7.37 -27.80 -26.04
CA THR B 123 -8.80 -27.96 -26.27
C THR B 123 -9.01 -28.76 -27.56
N VAL B 124 -9.91 -29.74 -27.55
CA VAL B 124 -10.15 -30.57 -28.74
C VAL B 124 -10.68 -29.72 -29.90
N ILE B 125 -10.09 -29.92 -31.09
CA ILE B 125 -10.46 -29.17 -32.28
C ILE B 125 -11.16 -30.09 -33.27
N ASN B 126 -12.26 -29.61 -33.85
CA ASN B 126 -13.06 -30.38 -34.79
C ASN B 126 -12.26 -30.61 -36.07
N PRO B 127 -11.99 -31.87 -36.42
CA PRO B 127 -11.10 -32.18 -37.55
C PRO B 127 -11.71 -31.77 -38.88
N GLU B 128 -13.04 -31.68 -38.91
CA GLU B 128 -13.76 -31.37 -40.13
C GLU B 128 -13.78 -29.87 -40.37
N ASN B 129 -14.11 -29.09 -39.34
CA ASN B 129 -14.31 -27.67 -39.51
C ASN B 129 -13.47 -26.74 -38.62
N GLY B 130 -12.65 -27.31 -37.74
CA GLY B 130 -11.68 -26.51 -37.01
C GLY B 130 -12.24 -25.75 -35.82
N SER B 131 -13.54 -25.90 -35.56
CA SER B 131 -14.15 -25.27 -34.40
C SER B 131 -13.83 -26.08 -33.15
N LEU B 132 -14.14 -25.50 -32.00
CA LEU B 132 -14.04 -26.19 -30.72
C LEU B 132 -15.04 -27.33 -30.64
N ILE B 133 -14.59 -28.49 -30.15
CA ILE B 133 -15.50 -29.54 -29.74
C ILE B 133 -15.99 -29.28 -28.32
N LEU B 134 -17.30 -29.19 -28.14
CA LEU B 134 -17.90 -28.87 -26.85
C LEU B 134 -18.68 -30.06 -26.31
N ASN B 135 -18.75 -30.16 -24.99
CA ASN B 135 -19.55 -31.23 -24.38
C ASN B 135 -21.01 -30.79 -24.34
N GLU B 136 -21.84 -31.60 -23.70
CA GLU B 136 -23.29 -31.40 -23.71
C GLU B 136 -23.72 -30.16 -22.93
N SER B 137 -22.79 -29.61 -22.14
CA SER B 137 -23.03 -28.40 -21.38
C SER B 137 -22.46 -27.16 -22.04
N GLY B 138 -21.91 -27.32 -23.25
CA GLY B 138 -21.42 -26.20 -24.02
C GLY B 138 -19.98 -25.83 -23.68
N GLU B 139 -19.31 -26.66 -22.89
CA GLU B 139 -17.95 -26.31 -22.51
C GLU B 139 -16.93 -27.07 -23.34
N PRO B 140 -15.87 -26.37 -23.73
CA PRO B 140 -14.76 -26.96 -24.47
C PRO B 140 -14.21 -28.22 -23.81
N ILE B 141 -13.95 -29.25 -24.60
CA ILE B 141 -13.46 -30.52 -24.07
C ILE B 141 -11.93 -30.50 -24.13
N THR B 142 -11.30 -30.92 -23.04
CA THR B 142 -9.85 -31.06 -23.01
C THR B 142 -9.43 -32.35 -23.72
N GLY B 143 -8.33 -32.27 -24.45
CA GLY B 143 -7.82 -33.43 -25.16
C GLY B 143 -6.32 -33.45 -25.03
N LYS B 144 -5.71 -34.57 -25.43
CA LYS B 144 -4.27 -34.73 -25.37
C LYS B 144 -3.83 -35.41 -26.67
N VAL B 145 -2.72 -34.95 -27.24
CA VAL B 145 -2.15 -35.62 -28.42
C VAL B 145 -0.68 -35.92 -28.23
N GLY B 146 -0.24 -37.08 -28.73
CA GLY B 146 1.16 -37.46 -28.59
C GLY B 146 1.97 -36.99 -29.79
N ILE B 147 3.12 -36.34 -29.57
CA ILE B 147 3.90 -35.75 -30.65
C ILE B 147 5.31 -36.36 -30.77
N ALA B 148 5.52 -37.53 -30.17
CA ALA B 148 6.81 -38.19 -30.26
C ALA B 148 6.62 -39.68 -30.16
N PRO B 149 7.55 -40.45 -30.74
CA PRO B 149 7.54 -41.91 -30.56
C PRO B 149 7.63 -42.27 -29.08
N LEU B 150 6.91 -43.33 -28.71
CA LEU B 150 7.06 -43.96 -27.40
C LEU B 150 8.52 -44.22 -27.05
N GLU B 151 9.30 -44.67 -28.02
CA GLU B 151 10.67 -45.12 -27.76
C GLU B 151 11.69 -44.03 -27.48
N ILE B 152 11.42 -42.79 -27.90
CA ILE B 152 12.44 -41.75 -27.76
C ILE B 152 12.52 -41.25 -26.31
N ASN B 153 13.73 -41.20 -25.77
CA ASN B 153 13.96 -40.59 -24.46
C ASN B 153 13.85 -39.08 -24.59
N VAL B 154 13.37 -38.42 -23.54
CA VAL B 154 13.37 -36.97 -23.50
C VAL B 154 14.04 -36.42 -22.26
N TRP B 155 14.42 -35.14 -22.31
CA TRP B 155 14.96 -34.45 -21.15
C TRP B 155 13.90 -33.43 -20.77
N ASN B 156 13.41 -33.49 -19.54
CA ASN B 156 12.32 -32.60 -19.15
C ASN B 156 12.55 -31.84 -17.86
N PRO B 157 13.62 -31.03 -17.79
CA PRO B 157 13.83 -30.15 -16.63
C PRO B 157 12.78 -29.05 -16.65
N ALA B 158 12.17 -28.75 -15.51
CA ALA B 158 11.14 -27.71 -15.45
C ALA B 158 11.77 -26.31 -15.36
N PHE B 159 13.07 -26.28 -15.05
CA PHE B 159 13.76 -25.01 -14.84
C PHE B 159 15.16 -25.09 -15.44
N ASP B 160 15.71 -23.93 -15.73
CA ASP B 160 17.16 -23.82 -15.85
C ASP B 160 17.75 -22.77 -14.93
N ILE B 161 19.08 -22.65 -14.94
CA ILE B 161 19.75 -21.72 -14.04
C ILE B 161 20.44 -20.64 -14.85
N THR B 162 20.13 -19.39 -14.52
CA THR B 162 20.74 -18.27 -15.20
C THR B 162 21.74 -17.69 -14.24
N PRO B 163 23.02 -17.77 -14.60
CA PRO B 163 24.07 -17.20 -13.75
C PRO B 163 23.96 -15.68 -13.72
N HIS B 164 24.32 -15.12 -12.57
CA HIS B 164 24.16 -13.69 -12.36
C HIS B 164 24.91 -12.83 -13.38
N GLU B 165 25.98 -13.36 -13.97
CA GLU B 165 26.70 -12.63 -15.01
C GLU B 165 25.79 -12.16 -16.15
N LEU B 166 24.74 -12.93 -16.41
CA LEU B 166 23.83 -12.65 -17.54
C LEU B 166 22.61 -11.77 -17.22
N ILE B 167 22.48 -11.38 -15.95
CA ILE B 167 21.31 -10.67 -15.46
C ILE B 167 21.68 -9.21 -15.26
N ASP B 168 20.97 -8.32 -15.95
CA ASP B 168 21.27 -6.91 -15.90
C ASP B 168 20.70 -6.21 -14.68
N GLY B 169 19.61 -6.75 -14.16
CA GLY B 169 19.00 -6.18 -12.98
C GLY B 169 18.00 -7.16 -12.40
N ILE B 170 17.87 -7.11 -11.07
CA ILE B 170 16.83 -7.83 -10.37
C ILE B 170 15.85 -6.81 -9.82
N ILE B 171 14.62 -6.89 -10.30
CA ILE B 171 13.61 -5.88 -10.00
C ILE B 171 12.67 -6.42 -8.93
N THR B 172 12.57 -5.69 -7.81
CA THR B 172 11.77 -6.16 -6.68
C THR B 172 10.94 -5.02 -6.13
N GLU B 173 10.11 -5.32 -5.14
CA GLU B 173 9.30 -4.29 -4.52
C GLU B 173 10.15 -3.33 -3.69
N GLU B 174 11.40 -3.71 -3.46
CA GLU B 174 12.32 -2.87 -2.67
C GLU B 174 13.23 -2.05 -3.57
N GLY B 175 13.01 -2.12 -4.88
CA GLY B 175 13.89 -1.47 -5.83
C GLY B 175 14.60 -2.38 -6.82
N VAL B 176 15.41 -1.77 -7.69
CA VAL B 176 16.12 -2.54 -8.73
C VAL B 176 17.57 -2.71 -8.31
N PHE B 177 17.98 -3.97 -8.15
CA PHE B 177 19.35 -4.29 -7.76
C PHE B 177 20.20 -4.50 -9.00
N THR B 178 21.40 -3.90 -9.02
CA THR B 178 22.33 -4.09 -10.13
C THR B 178 23.69 -4.56 -9.62
N LYS B 179 24.54 -4.98 -10.55
CA LYS B 179 25.85 -5.48 -10.15
C LYS B 179 26.80 -4.31 -9.91
N ASN B 180 27.73 -4.49 -8.97
CA ASN B 180 28.85 -3.56 -8.84
C ASN B 180 29.92 -3.77 -9.91
N SER B 181 30.99 -2.98 -9.83
CA SER B 181 32.05 -2.99 -10.84
C SER B 181 32.81 -4.31 -10.89
N SER B 182 32.70 -5.10 -9.83
CA SER B 182 33.34 -6.41 -9.81
C SER B 182 32.37 -7.49 -10.30
N GLY B 183 31.18 -7.06 -10.72
CA GLY B 183 30.20 -7.94 -11.33
C GLY B 183 29.36 -8.73 -10.34
N GLU B 184 29.30 -8.25 -9.10
CA GLU B 184 28.56 -8.98 -8.07
C GLU B 184 27.28 -8.22 -7.69
N PHE B 185 26.18 -8.95 -7.51
CA PHE B 185 25.01 -8.38 -6.85
C PHE B 185 25.29 -8.28 -5.36
N GLN B 186 24.67 -7.29 -4.73
CA GLN B 186 24.69 -7.23 -3.28
C GLN B 186 23.25 -7.25 -2.73
N LEU B 187 22.75 -8.46 -2.50
CA LEU B 187 21.35 -8.67 -2.16
C LEU B 187 21.09 -8.72 -0.66
N GLU B 188 22.10 -8.36 0.14
CA GLU B 188 22.00 -8.52 1.59
C GLU B 188 20.72 -7.93 2.19
N SER B 189 20.29 -6.78 1.67
CA SER B 189 19.12 -6.12 2.23
C SER B 189 17.87 -7.00 2.10
N LEU B 190 17.85 -7.87 1.10
CA LEU B 190 16.76 -8.82 0.91
C LEU B 190 16.86 -10.10 1.77
N PHE B 191 17.95 -10.28 2.51
CA PHE B 191 18.10 -11.48 3.33
C PHE B 191 17.53 -11.17 4.70
N SER C 2 -33.81 15.87 19.53
CA SER C 2 -33.10 16.93 20.24
C SER C 2 -31.66 17.12 19.74
N LEU C 3 -31.13 16.13 19.01
CA LEU C 3 -29.75 16.17 18.55
C LEU C 3 -29.60 16.41 17.05
N GLU C 4 -30.71 16.67 16.36
CA GLU C 4 -30.63 16.94 14.92
C GLU C 4 -30.25 18.40 14.65
N ALA C 5 -29.02 18.60 14.18
CA ALA C 5 -28.52 19.94 13.86
C ALA C 5 -29.36 20.63 12.78
N ILE C 6 -29.87 19.84 11.85
CA ILE C 6 -30.51 20.39 10.67
C ILE C 6 -31.83 19.66 10.44
N VAL C 7 -32.94 20.40 10.45
CA VAL C 7 -34.23 19.79 10.19
C VAL C 7 -34.67 20.14 8.77
N PHE C 8 -34.62 19.14 7.90
CA PHE C 8 -34.86 19.30 6.45
C PHE C 8 -36.16 18.55 6.14
N ASP C 9 -37.21 19.31 5.83
CA ASP C 9 -38.46 18.72 5.42
C ASP C 9 -38.45 18.63 3.89
N ARG C 10 -38.19 17.42 3.38
CA ARG C 10 -38.08 17.21 1.94
C ARG C 10 -39.40 16.75 1.31
N SER C 11 -40.48 16.78 2.09
CA SER C 11 -41.75 16.19 1.66
C SER C 11 -42.39 16.91 0.46
N GLU C 12 -42.14 18.20 0.35
CA GLU C 12 -42.49 18.96 -0.86
C GLU C 12 -41.20 19.25 -1.62
N PRO C 13 -40.86 18.41 -2.59
CA PRO C 13 -39.56 18.55 -3.28
C PRO C 13 -39.37 19.92 -3.95
N GLU C 14 -40.46 20.56 -4.35
CA GLU C 14 -40.41 21.88 -4.98
C GLU C 14 -40.51 23.04 -3.99
N ASN C 15 -40.68 22.73 -2.70
CA ASN C 15 -40.91 23.75 -1.68
C ASN C 15 -40.43 23.22 -0.34
N VAL C 16 -39.15 22.90 -0.26
CA VAL C 16 -38.58 22.32 0.96
C VAL C 16 -38.54 23.34 2.09
N SER C 17 -38.56 22.86 3.33
CA SER C 17 -38.28 23.73 4.47
C SER C 17 -37.02 23.27 5.18
N VAL C 18 -36.25 24.23 5.66
CA VAL C 18 -34.99 23.95 6.33
C VAL C 18 -34.95 24.87 7.56
N LYS C 19 -34.65 24.31 8.72
CA LYS C 19 -34.35 25.12 9.89
C LYS C 19 -33.23 24.42 10.64
N VAL C 20 -32.46 25.20 11.40
CA VAL C 20 -31.30 24.62 12.06
C VAL C 20 -31.26 24.98 13.54
N LEU C 21 -30.77 24.04 14.34
CA LEU C 21 -30.67 24.26 15.76
C LEU C 21 -29.60 25.32 15.97
N ASP C 22 -29.82 26.27 16.86
CA ASP C 22 -28.78 27.25 17.13
C ASP C 22 -27.82 26.63 18.16
N GLN C 23 -26.68 26.17 17.68
CA GLN C 23 -25.75 25.43 18.54
C GLN C 23 -25.00 26.32 19.53
N LEU C 24 -25.09 27.64 19.36
CA LEU C 24 -24.54 28.56 20.37
C LEU C 24 -25.30 28.45 21.68
N LEU C 25 -26.56 28.02 21.62
CA LEU C 25 -27.44 28.14 22.79
C LEU C 25 -27.69 26.80 23.50
N LEU C 26 -27.26 25.71 22.89
CA LEU C 26 -27.36 24.39 23.50
C LEU C 26 -26.46 24.31 24.73
N PRO C 27 -26.71 23.39 25.67
CA PRO C 27 -27.80 22.41 25.62
C PRO C 27 -29.12 22.80 26.29
N TYR C 28 -29.18 23.92 27.00
CA TYR C 28 -30.39 24.24 27.75
C TYR C 28 -31.44 24.98 26.94
N THR C 29 -31.01 25.59 25.84
CA THR C 29 -31.93 26.25 24.92
C THR C 29 -31.92 25.52 23.56
N THR C 30 -33.12 25.11 23.14
CA THR C 30 -33.35 24.47 21.85
C THR C 30 -34.15 25.45 21.01
N LYS C 31 -33.48 26.17 20.12
CA LYS C 31 -34.10 27.23 19.31
C LYS C 31 -33.71 27.02 17.85
N TYR C 32 -34.66 27.17 16.92
CA TYR C 32 -34.39 26.99 15.50
C TYR C 32 -34.29 28.29 14.71
N VAL C 33 -33.40 28.28 13.72
CA VAL C 33 -33.23 29.41 12.81
C VAL C 33 -33.66 28.96 11.43
N PRO C 34 -34.68 29.60 10.85
CA PRO C 34 -35.12 29.21 9.51
C PRO C 34 -34.08 29.58 8.47
N ILE C 35 -33.96 28.75 7.45
CA ILE C 35 -33.07 29.02 6.32
C ILE C 35 -33.92 29.25 5.07
N HIS C 36 -33.81 30.45 4.49
CA HIS C 36 -34.60 30.78 3.30
C HIS C 36 -33.75 31.17 2.10
N THR C 37 -32.56 31.70 2.35
CA THR C 37 -31.71 32.19 1.27
C THR C 37 -30.26 31.85 1.57
N ILE C 38 -29.39 32.10 0.60
CA ILE C 38 -27.96 31.93 0.82
C ILE C 38 -27.42 32.89 1.88
N ASP C 39 -28.07 34.04 2.06
CA ASP C 39 -27.68 34.95 3.12
C ASP C 39 -27.81 34.29 4.50
N ASP C 40 -28.90 33.54 4.65
CA ASP C 40 -29.14 32.80 5.89
C ASP C 40 -28.10 31.69 6.09
N GLY C 41 -27.82 30.96 5.01
CA GLY C 41 -26.77 29.95 5.04
C GLY C 41 -25.46 30.56 5.47
N TYR C 42 -25.09 31.68 4.84
CA TYR C 42 -23.84 32.34 5.21
C TYR C 42 -23.87 32.74 6.69
N SER C 43 -24.98 33.35 7.12
CA SER C 43 -25.00 33.89 8.47
C SER C 43 -24.87 32.79 9.55
N VAL C 44 -25.58 31.68 9.39
CA VAL C 44 -25.54 30.65 10.43
C VAL C 44 -24.18 29.96 10.46
N ILE C 45 -23.54 29.82 9.30
CA ILE C 45 -22.19 29.24 9.25
C ILE C 45 -21.19 30.21 9.86
N LYS C 46 -21.22 31.46 9.40
CA LYS C 46 -20.23 32.43 9.86
C LYS C 46 -20.32 32.61 11.38
N SER C 47 -21.53 32.61 11.93
CA SER C 47 -21.70 32.89 13.35
C SER C 47 -21.59 31.60 14.19
N GLN C 49 -23.71 29.26 14.44
CA GLN C 49 -24.99 28.68 14.82
C GLN C 49 -25.17 27.26 14.29
N VAL C 50 -24.74 27.01 13.05
CA VAL C 50 -24.46 25.65 12.62
C VAL C 50 -22.93 25.50 12.56
N ARG C 51 -22.40 24.37 13.05
CA ARG C 51 -20.98 24.12 12.92
C ARG C 51 -20.79 22.60 12.88
N GLY C 52 -19.54 22.16 12.71
CA GLY C 52 -19.29 20.79 12.29
C GLY C 52 -19.11 20.72 10.78
N ALA C 53 -17.98 20.18 10.32
CA ALA C 53 -17.66 20.28 8.90
C ALA C 53 -18.75 19.78 7.92
N PRO C 54 -19.29 18.57 8.09
CA PRO C 54 -20.39 18.12 7.22
C PRO C 54 -21.68 18.92 7.42
N ALA C 55 -22.04 19.27 8.65
CA ALA C 55 -23.25 20.08 8.84
C ALA C 55 -23.15 21.43 8.13
N ILE C 56 -21.98 22.04 8.14
CA ILE C 56 -21.74 23.28 7.41
C ILE C 56 -22.01 23.09 5.90
N ALA C 57 -21.48 22.01 5.34
CA ALA C 57 -21.70 21.75 3.92
C ALA C 57 -23.17 21.48 3.62
N ILE C 58 -23.85 20.79 4.53
CA ILE C 58 -25.26 20.46 4.28
C ILE C 58 -26.13 21.73 4.37
N VAL C 59 -25.93 22.55 5.40
CA VAL C 59 -26.70 23.80 5.51
C VAL C 59 -26.38 24.72 4.35
N GLY C 60 -25.12 24.80 3.99
CA GLY C 60 -24.74 25.62 2.84
C GLY C 60 -25.49 25.17 1.59
N SER C 61 -25.42 23.87 1.32
CA SER C 61 -26.06 23.33 0.12
C SER C 61 -27.58 23.54 0.18
N LEU C 62 -28.16 23.34 1.36
CA LEU C 62 -29.61 23.48 1.49
C LEU C 62 -30.02 24.94 1.27
N SER C 63 -29.18 25.88 1.67
CA SER C 63 -29.55 27.29 1.53
C SER C 63 -29.54 27.71 0.06
N VAL C 64 -28.71 27.05 -0.75
CA VAL C 64 -28.79 27.27 -2.18
C VAL C 64 -30.14 26.82 -2.71
N LEU C 65 -30.57 25.63 -2.28
CA LEU C 65 -31.87 25.12 -2.68
C LEU C 65 -33.01 26.02 -2.26
N THR C 66 -33.03 26.48 -1.00
CA THR C 66 -34.11 27.36 -0.56
C THR C 66 -34.13 28.65 -1.37
N GLU C 67 -32.97 29.20 -1.68
CA GLU C 67 -32.92 30.42 -2.50
C GLU C 67 -33.50 30.19 -3.90
N VAL C 68 -33.08 29.11 -4.55
CA VAL C 68 -33.57 28.84 -5.90
C VAL C 68 -35.08 28.68 -5.89
N GLN C 69 -35.61 27.99 -4.88
CA GLN C 69 -37.05 27.79 -4.79
C GLN C 69 -37.81 29.08 -4.47
N LEU C 70 -37.18 29.95 -3.67
CA LEU C 70 -37.77 31.22 -3.29
C LEU C 70 -37.90 32.17 -4.50
N ILE C 71 -36.91 32.15 -5.38
CA ILE C 71 -36.96 33.09 -6.49
C ILE C 71 -38.13 32.77 -7.41
N LYS C 72 -38.44 31.49 -7.52
CA LYS C 72 -39.59 31.01 -8.29
C LYS C 72 -40.90 31.37 -7.57
N HIS C 73 -40.93 31.21 -6.26
CA HIS C 73 -42.16 31.36 -5.47
C HIS C 73 -42.49 32.78 -5.06
N ASN C 74 -41.46 33.62 -4.94
CA ASN C 74 -41.66 35.00 -4.53
C ASN C 74 -40.83 35.91 -5.44
N PRO C 75 -41.35 36.14 -6.64
CA PRO C 75 -40.61 36.91 -7.66
C PRO C 75 -40.36 38.37 -7.27
N THR C 76 -41.01 38.87 -6.23
CA THR C 76 -40.81 40.25 -5.81
C THR C 76 -39.93 40.42 -4.56
N SER C 77 -39.58 39.31 -3.92
CA SER C 77 -38.70 39.32 -2.75
C SER C 77 -37.37 39.98 -3.07
N ASP C 78 -36.69 40.49 -2.04
CA ASP C 78 -35.42 41.17 -2.23
C ASP C 78 -34.44 40.24 -2.94
N VAL C 79 -34.39 38.99 -2.51
CA VAL C 79 -33.43 38.06 -3.07
C VAL C 79 -33.73 37.74 -4.54
N ALA C 80 -34.99 37.55 -4.89
CA ALA C 80 -35.36 37.33 -6.29
C ALA C 80 -34.94 38.48 -7.21
N THR C 81 -34.98 39.71 -6.73
CA THR C 81 -34.65 40.85 -7.56
C THR C 81 -33.16 40.98 -7.85
N LEU C 82 -32.34 40.19 -7.17
CA LEU C 82 -30.93 40.06 -7.53
C LEU C 82 -30.79 39.41 -8.90
N TYR C 83 -31.80 38.68 -9.33
CA TYR C 83 -31.69 37.80 -10.49
C TYR C 83 -32.35 38.40 -11.72
N SER C 84 -31.64 38.36 -12.85
CA SER C 84 -32.28 38.67 -14.11
C SER C 84 -32.75 37.36 -14.77
N LEU C 85 -33.91 36.88 -14.32
CA LEU C 85 -34.37 35.53 -14.66
C LEU C 85 -34.72 35.34 -16.13
N VAL C 86 -34.88 36.44 -16.86
CA VAL C 86 -35.20 36.35 -18.27
C VAL C 86 -34.06 35.77 -19.10
N ASN C 87 -32.87 35.71 -18.52
CA ASN C 87 -31.71 35.17 -19.24
C ASN C 87 -30.97 34.17 -18.37
N TRP C 88 -30.85 32.93 -18.87
CA TRP C 88 -30.33 31.82 -18.09
C TRP C 88 -28.85 32.02 -17.76
N GLU C 89 -28.06 32.49 -18.72
CA GLU C 89 -26.65 32.76 -18.42
C GLU C 89 -26.51 33.85 -17.37
N SER C 90 -27.35 34.87 -17.40
CA SER C 90 -27.20 35.98 -16.47
C SER C 90 -27.56 35.44 -15.08
N THR C 91 -28.57 34.57 -15.05
CA THR C 91 -28.98 33.95 -13.79
C THR C 91 -27.85 33.13 -13.19
N LYS C 92 -27.16 32.36 -14.02
CA LYS C 92 -26.04 31.57 -13.53
C LYS C 92 -24.92 32.43 -12.97
N THR C 93 -24.64 33.57 -13.61
CA THR C 93 -23.58 34.45 -13.14
C THR C 93 -23.87 34.93 -11.72
N VAL C 94 -25.12 35.32 -11.49
CA VAL C 94 -25.51 35.77 -10.16
C VAL C 94 -25.47 34.61 -9.16
N LEU C 95 -26.00 33.45 -9.53
CA LEU C 95 -25.94 32.28 -8.66
C LEU C 95 -24.50 31.91 -8.29
N ASN C 96 -23.61 31.90 -9.28
CA ASN C 96 -22.19 31.65 -9.03
C ASN C 96 -21.54 32.65 -8.08
N LYS C 97 -21.90 33.92 -8.22
CA LYS C 97 -21.38 34.95 -7.33
C LYS C 97 -21.87 34.67 -5.90
N ARG C 98 -23.12 34.26 -5.78
CA ARG C 98 -23.65 33.98 -4.46
C ARG C 98 -23.06 32.72 -3.84
N LEU C 99 -22.81 31.71 -4.66
CA LEU C 99 -22.07 30.53 -4.20
C LEU C 99 -20.67 30.90 -3.69
N ASP C 100 -20.00 31.83 -4.38
CA ASP C 100 -18.68 32.28 -3.91
C ASP C 100 -18.77 33.04 -2.59
N PHE C 101 -19.86 33.78 -2.42
CA PHE C 101 -20.10 34.46 -1.16
C PHE C 101 -20.29 33.43 -0.04
N LEU C 102 -21.10 32.40 -0.33
CA LEU C 102 -21.35 31.36 0.66
C LEU C 102 -20.04 30.68 1.04
N LEU C 103 -19.22 30.38 0.05
CA LEU C 103 -17.90 29.79 0.26
C LEU C 103 -17.05 30.53 1.29
N SER C 104 -17.16 31.86 1.29
CA SER C 104 -16.32 32.74 2.10
C SER C 104 -16.72 32.75 3.58
N SER C 105 -17.81 32.06 3.92
CA SER C 105 -18.32 32.05 5.30
C SER C 105 -17.27 31.60 6.32
N ARG C 106 -16.74 30.39 6.14
CA ARG C 106 -15.67 29.85 6.99
C ARG C 106 -14.78 28.97 6.12
N PRO C 107 -13.47 29.23 6.09
CA PRO C 107 -12.60 28.66 5.06
C PRO C 107 -12.00 27.29 5.34
N THR C 108 -11.83 26.90 6.60
CA THR C 108 -10.92 25.82 6.92
C THR C 108 -11.47 24.43 6.60
N ALA C 109 -12.69 24.13 7.04
CA ALA C 109 -13.23 22.82 6.70
C ALA C 109 -13.55 22.79 5.21
N VAL C 110 -13.12 21.72 4.55
CA VAL C 110 -13.23 21.61 3.09
C VAL C 110 -14.59 21.13 2.62
N ASN C 111 -15.40 20.55 3.52
CA ASN C 111 -16.68 19.95 3.06
C ASN C 111 -17.56 20.90 2.27
N LEU C 112 -17.66 22.13 2.74
CA LEU C 112 -18.46 23.14 2.04
C LEU C 112 -17.97 23.35 0.61
N SER C 113 -16.68 23.64 0.46
CA SER C 113 -16.10 23.80 -0.87
C SER C 113 -16.38 22.58 -1.76
N ASN C 114 -16.16 21.39 -1.23
CA ASN C 114 -16.40 20.19 -2.00
C ASN C 114 -17.86 20.14 -2.49
N SER C 115 -18.81 20.54 -1.65
CA SER C 115 -20.22 20.54 -2.06
C SER C 115 -20.49 21.63 -3.08
N LEU C 116 -19.92 22.81 -2.85
CA LEU C 116 -20.18 23.94 -3.75
C LEU C 116 -19.60 23.68 -5.16
N VAL C 117 -18.46 22.99 -5.21
CA VAL C 117 -17.88 22.59 -6.49
C VAL C 117 -18.83 21.67 -7.24
N GLU C 118 -19.42 20.71 -6.55
CA GLU C 118 -20.41 19.84 -7.16
C GLU C 118 -21.68 20.57 -7.58
N ILE C 119 -22.14 21.52 -6.76
CA ILE C 119 -23.34 22.28 -7.11
C ILE C 119 -23.08 23.10 -8.37
N LYS C 120 -21.87 23.64 -8.50
CA LYS C 120 -21.52 24.41 -9.69
C LYS C 120 -21.45 23.52 -10.93
N ASN C 121 -21.00 22.29 -10.75
CA ASN C 121 -21.02 21.31 -11.83
C ASN C 121 -22.45 21.01 -12.27
N ILE C 122 -23.34 20.80 -11.31
CA ILE C 122 -24.76 20.59 -11.63
C ILE C 122 -25.34 21.79 -12.38
N LEU C 123 -24.99 22.98 -11.92
CA LEU C 123 -25.49 24.22 -12.51
C LEU C 123 -25.07 24.32 -13.99
N LYS C 124 -23.81 23.97 -14.24
CA LYS C 124 -23.26 23.99 -15.60
C LYS C 124 -23.99 23.07 -16.58
N SER C 125 -24.56 21.99 -16.08
CA SER C 125 -25.21 21.03 -16.96
C SER C 125 -26.73 21.08 -16.83
N SER C 126 -27.24 22.18 -16.28
CA SER C 126 -28.67 22.39 -16.16
C SER C 126 -29.12 23.34 -17.29
N SER C 127 -30.21 23.01 -17.97
CA SER C 127 -30.67 23.79 -19.10
C SER C 127 -31.43 25.05 -18.69
N ASP C 128 -31.94 25.05 -17.46
CA ASP C 128 -32.69 26.19 -16.93
C ASP C 128 -32.84 26.05 -15.42
N LEU C 129 -33.47 27.05 -14.81
CA LEU C 129 -33.60 27.08 -13.36
C LEU C 129 -34.41 25.91 -12.83
N LYS C 130 -35.46 25.56 -13.57
CA LYS C 130 -36.34 24.46 -13.17
C LYS C 130 -35.57 23.14 -13.14
N ALA C 131 -34.73 22.90 -14.15
CA ALA C 131 -33.88 21.72 -14.16
C ALA C 131 -32.90 21.74 -12.98
N PHE C 132 -32.31 22.91 -12.74
CA PHE C 132 -31.33 23.03 -11.66
C PHE C 132 -31.97 22.73 -10.31
N ASP C 133 -33.15 23.29 -10.10
CA ASP C 133 -33.94 23.07 -8.89
C ASP C 133 -34.07 21.57 -8.60
N GLY C 134 -34.57 20.80 -9.56
CA GLY C 134 -34.83 19.38 -9.35
C GLY C 134 -33.55 18.59 -9.10
N SER C 135 -32.52 18.92 -9.87
CA SER C 135 -31.22 18.26 -9.75
C SER C 135 -30.55 18.64 -8.43
N LEU C 136 -30.71 19.89 -7.99
CA LEU C 136 -30.17 20.28 -6.68
C LEU C 136 -30.88 19.59 -5.52
N TYR C 137 -32.21 19.52 -5.58
CA TYR C 137 -32.96 18.71 -4.61
C TYR C 137 -32.38 17.30 -4.54
N ASN C 138 -32.22 16.66 -5.69
CA ASN C 138 -31.64 15.33 -5.71
C ASN C 138 -30.25 15.30 -5.06
N TYR C 139 -29.43 16.30 -5.36
CA TYR C 139 -28.09 16.39 -4.79
C TYR C 139 -28.11 16.50 -3.26
N VAL C 140 -28.92 17.40 -2.73
CA VAL C 140 -28.87 17.61 -1.28
C VAL C 140 -29.39 16.37 -0.55
N CYS C 141 -30.42 15.74 -1.12
CA CYS C 141 -30.93 14.48 -0.56
C CYS C 141 -29.84 13.42 -0.51
N GLU C 142 -29.10 13.27 -1.60
CA GLU C 142 -28.01 12.30 -1.67
C GLU C 142 -26.88 12.65 -0.71
N LEU C 143 -26.53 13.93 -0.67
CA LEU C 143 -25.47 14.40 0.23
C LEU C 143 -25.80 14.05 1.68
N ILE C 144 -27.02 14.36 2.10
CA ILE C 144 -27.47 14.09 3.46
C ILE C 144 -27.61 12.59 3.71
N ASP C 145 -28.24 11.86 2.77
CA ASP C 145 -28.48 10.46 3.05
C ASP C 145 -27.20 9.66 3.07
N GLU C 146 -26.29 9.97 2.14
CA GLU C 146 -24.96 9.39 2.14
C GLU C 146 -24.17 9.78 3.38
N ASP C 147 -24.35 11.01 3.84
CA ASP C 147 -23.62 11.40 5.04
C ASP C 147 -23.97 10.44 6.17
N LEU C 148 -25.26 10.24 6.40
CA LEU C 148 -25.73 9.40 7.51
C LEU C 148 -25.27 7.95 7.29
N ALA C 149 -25.48 7.43 6.08
CA ALA C 149 -25.12 6.04 5.80
C ALA C 149 -23.61 5.84 5.97
N ASN C 150 -22.83 6.80 5.51
CA ASN C 150 -21.38 6.69 5.63
C ASN C 150 -20.87 6.84 7.06
N ASN C 151 -21.55 7.66 7.85
CA ASN C 151 -21.21 7.80 9.26
C ASN C 151 -21.38 6.47 9.98
N LYS C 153 -21.27 3.41 8.58
CA LYS C 153 -20.24 2.54 8.01
C LYS C 153 -18.86 2.82 8.62
N GLY C 155 -18.24 4.32 11.37
CA GLY C 155 -18.30 4.05 12.81
C GLY C 155 -18.02 2.58 13.06
N ASP C 156 -18.70 1.74 12.28
CA ASP C 156 -18.53 0.29 12.38
C ASP C 156 -17.10 -0.10 11.99
N ASN C 157 -16.58 0.49 10.91
CA ASN C 157 -15.21 0.23 10.48
C ASN C 157 -14.21 0.56 11.59
N GLY C 158 -14.41 1.70 12.24
CA GLY C 158 -13.50 2.10 13.30
C GLY C 158 -13.59 1.20 14.52
N ALA C 159 -14.80 0.83 14.90
CA ALA C 159 -15.00 0.08 16.13
C ALA C 159 -14.37 -1.30 15.91
N LYS C 160 -14.67 -1.90 14.75
CA LYS C 160 -14.08 -3.21 14.44
C LYS C 160 -12.56 -3.18 14.36
N TYR C 161 -12.02 -2.11 13.81
CA TYR C 161 -10.58 -1.96 13.68
C TYR C 161 -9.91 -1.92 15.05
N LEU C 162 -10.43 -1.12 15.96
CA LEU C 162 -9.76 -0.94 17.24
C LEU C 162 -9.88 -2.24 18.05
N ILE C 163 -11.06 -2.85 18.07
CA ILE C 163 -11.21 -4.14 18.75
C ILE C 163 -10.20 -5.17 18.23
N ASP C 164 -10.03 -5.23 16.90
CA ASP C 164 -9.06 -6.11 16.26
C ASP C 164 -7.63 -5.84 16.73
N VAL C 165 -7.25 -4.57 16.72
CA VAL C 165 -5.92 -4.14 17.10
C VAL C 165 -5.65 -4.53 18.55
N LEU C 166 -6.62 -4.25 19.43
CA LEU C 166 -6.47 -4.58 20.84
C LEU C 166 -6.33 -6.09 21.07
N GLN C 167 -7.20 -6.86 20.42
CA GLN C 167 -7.10 -8.31 20.49
C GLN C 167 -5.75 -8.85 20.06
N LYS C 168 -5.26 -8.40 18.90
CA LYS C 168 -3.93 -8.82 18.42
C LYS C 168 -2.79 -8.47 19.39
N ASP C 169 -2.96 -7.38 20.13
CA ASP C 169 -1.97 -6.95 21.11
C ASP C 169 -2.16 -7.61 22.48
N GLY C 170 -3.16 -8.47 22.59
CA GLY C 170 -3.39 -9.24 23.79
C GLY C 170 -4.11 -8.48 24.88
N PHE C 171 -4.71 -7.35 24.52
CA PHE C 171 -5.52 -6.59 25.47
C PHE C 171 -6.96 -7.09 25.50
N LYS C 172 -7.41 -7.53 26.67
CA LYS C 172 -8.70 -8.22 26.77
C LYS C 172 -9.65 -7.62 27.80
N ASP C 173 -9.38 -6.38 28.22
CA ASP C 173 -10.11 -5.78 29.33
C ASP C 173 -11.02 -4.63 28.88
N GLU C 174 -11.75 -4.05 29.83
CA GLU C 174 -12.49 -2.81 29.57
C GLU C 174 -11.51 -1.68 29.29
N PHE C 175 -11.82 -0.80 28.32
CA PHE C 175 -10.94 0.34 28.05
C PHE C 175 -11.75 1.63 27.90
N ALA C 176 -11.05 2.77 27.95
CA ALA C 176 -11.71 4.06 27.74
C ALA C 176 -11.11 4.73 26.51
N VAL C 177 -11.81 5.75 25.99
CA VAL C 177 -11.28 6.54 24.88
C VAL C 177 -11.37 8.02 25.18
N LEU C 178 -10.51 8.79 24.53
CA LEU C 178 -10.58 10.25 24.56
C LEU C 178 -11.21 10.76 23.28
N THR C 179 -11.90 11.89 23.36
CA THR C 179 -12.32 12.56 22.12
C THR C 179 -12.36 14.07 22.30
N ILE C 180 -12.44 14.81 21.20
CA ILE C 180 -12.35 16.28 21.24
C ILE C 180 -13.44 16.85 20.32
N CYS C 181 -13.86 18.08 20.63
CA CYS C 181 -14.82 18.81 19.80
C CYS C 181 -16.18 18.11 19.82
N ASN C 182 -16.97 18.36 18.79
CA ASN C 182 -18.23 17.63 18.61
C ASN C 182 -18.29 17.11 17.18
N THR C 183 -18.48 15.79 17.07
CA THR C 183 -18.46 15.07 15.81
C THR C 183 -19.67 14.12 15.74
N GLY C 184 -20.72 14.42 16.50
CA GLY C 184 -21.86 13.52 16.54
C GLY C 184 -23.00 13.94 15.63
N SER C 185 -24.22 13.69 16.07
CA SER C 185 -25.40 14.14 15.31
C SER C 185 -25.45 15.66 15.14
N LEU C 186 -24.88 16.41 16.07
CA LEU C 186 -24.93 17.87 16.03
C LEU C 186 -23.95 18.47 14.99
N ALA C 187 -23.05 17.63 14.51
CA ALA C 187 -21.97 18.07 13.62
C ALA C 187 -22.20 17.59 12.18
N THR C 188 -23.24 16.79 11.98
CA THR C 188 -23.39 16.01 10.76
C THR C 188 -24.88 15.85 10.44
N SER C 189 -25.19 14.94 9.52
CA SER C 189 -26.58 14.55 9.26
C SER C 189 -27.14 13.64 10.34
N GLY C 190 -26.28 13.15 11.22
CA GLY C 190 -26.69 12.17 12.23
C GLY C 190 -25.65 11.09 12.45
N TYR C 191 -25.62 10.58 13.68
CA TYR C 191 -24.68 9.52 14.06
C TYR C 191 -23.23 9.98 14.23
N GLY C 192 -22.66 10.59 13.20
CA GLY C 192 -21.40 11.29 13.38
C GLY C 192 -20.17 10.49 12.94
N THR C 193 -18.99 11.09 13.10
CA THR C 193 -17.75 10.51 12.59
C THR C 193 -16.98 9.91 13.77
N ALA C 194 -16.14 10.70 14.43
CA ALA C 194 -15.50 10.20 15.64
C ALA C 194 -16.53 9.73 16.69
N LEU C 195 -17.58 10.52 16.93
CA LEU C 195 -18.60 10.04 17.87
C LEU C 195 -19.36 8.81 17.34
N GLY C 196 -19.43 8.68 16.02
CA GLY C 196 -19.96 7.48 15.37
C GLY C 196 -19.21 6.21 15.73
N VAL C 197 -17.88 6.31 15.72
CA VAL C 197 -17.05 5.17 16.13
C VAL C 197 -17.32 4.84 17.60
N ILE C 198 -17.35 5.87 18.43
CA ILE C 198 -17.68 5.69 19.85
C ILE C 198 -19.06 5.04 20.03
N ARG C 199 -20.06 5.52 19.29
CA ARG C 199 -21.37 4.86 19.34
C ARG C 199 -21.31 3.40 18.91
N SER C 200 -20.57 3.09 17.86
CA SER C 200 -20.44 1.71 17.41
C SER C 200 -19.71 0.86 18.46
N LEU C 201 -18.68 1.43 19.08
CA LEU C 201 -18.01 0.75 20.20
C LEU C 201 -18.94 0.51 21.40
N TRP C 202 -19.82 1.47 21.68
CA TRP C 202 -20.77 1.29 22.78
C TRP C 202 -21.76 0.16 22.47
N LYS C 203 -22.27 0.13 21.25
CA LYS C 203 -23.14 -0.99 20.85
C LYS C 203 -22.42 -2.33 21.07
N ASP C 204 -21.14 -2.38 20.70
CA ASP C 204 -20.33 -3.60 20.83
C ASP C 204 -20.19 -3.98 22.31
N SER C 205 -19.94 -2.96 23.13
CA SER C 205 -19.74 -3.17 24.56
C SER C 205 -21.01 -3.69 25.20
N LEU C 206 -22.15 -3.12 24.82
CA LEU C 206 -23.44 -3.56 25.36
C LEU C 206 -23.73 -5.01 24.99
N ALA C 207 -23.47 -5.37 23.73
CA ALA C 207 -23.64 -6.74 23.28
C ALA C 207 -22.77 -7.73 24.09
N LYS C 208 -21.59 -7.27 24.48
CA LYS C 208 -20.69 -8.08 25.30
C LYS C 208 -21.13 -8.26 26.75
N THR C 209 -21.56 -7.19 27.40
CA THR C 209 -21.97 -7.28 28.80
C THR C 209 -23.33 -7.95 28.95
N ASP C 210 -24.09 -7.99 27.85
CA ASP C 210 -25.35 -8.71 27.78
C ASP C 210 -25.17 -10.23 27.78
N LYS C 211 -23.94 -10.68 27.58
CA LYS C 211 -23.59 -12.10 27.60
C LYS C 211 -23.12 -12.55 28.98
N CYS D 1 -12.75 -10.63 26.05
CA CYS D 1 -12.67 -9.71 24.88
C CYS D 1 -12.68 -8.26 25.35
N PRO D 2 -11.89 -7.40 24.70
CA PRO D 2 -11.87 -5.98 25.08
C PRO D 2 -13.21 -5.33 24.75
N ARG D 3 -13.60 -4.34 25.54
CA ARG D 3 -14.80 -3.57 25.21
C ARG D 3 -14.67 -2.16 25.77
N GLY D 5 -15.60 0.81 27.93
CA GLY D 5 -16.46 1.07 29.07
C GLY D 5 -16.69 2.51 29.44
N HIS D 6 -15.95 3.43 28.83
CA HIS D 6 -16.04 4.83 29.26
C HIS D 6 -15.50 5.77 28.20
N VAL D 7 -16.08 6.97 28.13
CA VAL D 7 -15.60 8.02 27.24
C VAL D 7 -15.20 9.26 28.05
N PHE D 8 -14.06 9.86 27.67
CA PHE D 8 -13.58 11.10 28.28
C PHE D 8 -13.55 12.17 27.18
N PRO D 9 -14.65 12.88 27.00
CA PRO D 9 -14.65 14.04 26.09
C PRO D 9 -13.96 15.26 26.72
N LEU D 10 -13.22 16.02 25.90
CA LEU D 10 -12.63 17.27 26.37
C LEU D 10 -13.60 18.43 26.23
N GLU D 11 -13.53 19.37 27.15
CA GLU D 11 -14.41 20.55 27.12
C GLU D 11 -14.36 21.24 25.76
N THR D 12 -13.16 21.38 25.20
CA THR D 12 -12.93 21.99 23.90
C THR D 12 -13.19 23.50 23.90
N ARG D 13 -12.38 24.24 24.64
CA ARG D 13 -12.41 25.71 24.58
C ARG D 13 -12.02 26.17 23.17
N PRO D 14 -12.34 27.41 22.79
CA PRO D 14 -13.18 28.33 23.55
C PRO D 14 -14.68 28.25 23.26
N TYR D 15 -15.09 27.53 22.23
CA TYR D 15 -16.50 27.48 21.84
C TYR D 15 -17.24 26.51 22.77
N ASN D 16 -16.51 25.56 23.33
CA ASN D 16 -17.06 24.52 24.22
C ASN D 16 -17.94 23.49 23.50
N GLN D 17 -17.52 23.10 22.30
CA GLN D 17 -18.20 22.00 21.60
C GLN D 17 -18.26 20.75 22.48
N GLY D 18 -17.21 20.51 23.26
CA GLY D 18 -17.17 19.30 24.08
C GLY D 18 -18.16 19.29 25.22
N SER D 19 -18.14 20.36 26.01
CA SER D 19 -18.95 20.40 27.22
C SER D 19 -20.43 20.69 26.93
N ARG D 20 -20.70 21.54 25.92
CA ARG D 20 -22.09 21.92 25.64
C ARG D 20 -22.75 20.98 24.65
N LEU D 21 -21.98 20.39 23.76
CA LEU D 21 -22.58 19.58 22.70
C LEU D 21 -22.30 18.10 22.84
N THR D 22 -21.03 17.73 22.89
CA THR D 22 -20.70 16.32 22.99
C THR D 22 -21.22 15.71 24.29
N ALA D 23 -21.04 16.42 25.40
CA ALA D 23 -21.56 15.91 26.68
C ALA D 23 -23.08 15.71 26.59
N TYR D 24 -23.77 16.59 25.88
CA TYR D 24 -25.21 16.49 25.65
C TYR D 24 -25.55 15.22 24.87
N GLU D 25 -24.84 14.97 23.78
CA GLU D 25 -25.09 13.75 22.99
C GLU D 25 -24.83 12.48 23.81
N LEU D 26 -23.76 12.48 24.59
CA LEU D 26 -23.41 11.31 25.38
C LEU D 26 -24.46 11.01 26.45
N VAL D 27 -24.97 12.06 27.09
CA VAL D 27 -26.03 11.95 28.08
C VAL D 27 -27.31 11.43 27.43
N TYR D 28 -27.58 11.92 26.23
CA TYR D 28 -28.77 11.51 25.47
C TYR D 28 -28.70 10.02 25.16
N ASP D 29 -27.54 9.55 24.69
CA ASP D 29 -27.35 8.14 24.36
C ASP D 29 -27.06 7.22 25.55
N LYS D 30 -26.99 7.79 26.75
CA LYS D 30 -26.62 7.05 27.97
C LYS D 30 -25.30 6.28 27.90
N ILE D 31 -24.28 6.91 27.31
CA ILE D 31 -22.95 6.29 27.18
C ILE D 31 -22.15 6.82 28.37
N PRO D 32 -21.62 5.91 29.18
CA PRO D 32 -20.88 6.28 30.41
C PRO D 32 -19.72 7.21 30.08
N SER D 33 -19.73 8.41 30.63
CA SER D 33 -18.82 9.44 30.17
C SER D 33 -18.44 10.33 31.34
N THR D 34 -17.21 10.86 31.29
CA THR D 34 -16.76 11.87 32.24
C THR D 34 -16.07 13.00 31.48
N LEU D 35 -16.66 14.17 31.55
CA LEU D 35 -16.10 15.35 30.88
C LEU D 35 -14.86 15.83 31.62
N ILE D 36 -13.81 16.17 30.89
CA ILE D 36 -12.57 16.64 31.53
C ILE D 36 -12.12 17.95 30.90
N THR D 37 -11.32 18.75 31.61
CA THR D 37 -10.78 19.94 30.97
C THR D 37 -9.78 19.61 29.88
N ASP D 38 -9.57 20.54 28.96
CA ASP D 38 -8.57 20.31 27.92
C ASP D 38 -7.20 20.06 28.53
N SER D 39 -6.92 20.71 29.65
CA SER D 39 -5.60 20.67 30.29
C SER D 39 -5.36 19.34 31.04
N SER D 40 -6.39 18.50 31.11
CA SER D 40 -6.36 17.34 32.00
C SER D 40 -6.03 16.05 31.27
N ILE D 41 -5.77 16.08 29.97
CA ILE D 41 -5.49 14.83 29.25
C ILE D 41 -4.38 14.01 29.89
N ALA D 42 -3.23 14.65 30.13
CA ALA D 42 -2.05 13.89 30.55
C ALA D 42 -2.33 13.27 31.92
N TYR D 43 -2.84 14.06 32.84
CA TYR D 43 -3.13 13.53 34.18
C TYR D 43 -4.26 12.51 34.16
N ARG D 44 -5.25 12.71 33.30
CA ARG D 44 -6.30 11.70 33.14
C ARG D 44 -5.71 10.36 32.72
N ILE D 45 -4.76 10.39 31.79
CA ILE D 45 -4.16 9.15 31.33
C ILE D 45 -3.44 8.44 32.48
N ARG D 46 -2.69 9.21 33.25
CA ARG D 46 -1.88 8.62 34.32
C ARG D 46 -2.72 8.04 35.44
N THR D 47 -3.92 8.55 35.62
CA THR D 47 -4.76 8.16 36.75
C THR D 47 -6.02 7.37 36.43
N SER D 48 -6.31 7.14 35.16
CA SER D 48 -7.61 6.58 34.83
C SER D 48 -7.74 5.18 35.41
N PRO D 49 -8.87 4.88 36.03
CA PRO D 49 -9.10 3.54 36.60
C PRO D 49 -9.31 2.51 35.49
N ILE D 50 -9.69 2.98 34.30
CA ILE D 50 -9.93 2.17 33.10
C ILE D 50 -8.85 2.62 32.08
N PRO D 51 -8.02 1.72 31.57
CA PRO D 51 -6.93 2.14 30.68
C PRO D 51 -7.43 2.84 29.42
N ILE D 52 -6.87 4.00 29.11
CA ILE D 52 -7.24 4.67 27.87
C ILE D 52 -6.46 4.10 26.69
N LYS D 53 -7.19 3.59 25.70
CA LYS D 53 -6.55 2.82 24.63
C LYS D 53 -6.63 3.47 23.27
N ALA D 54 -7.40 4.57 23.18
CA ALA D 54 -7.47 5.29 21.90
C ALA D 54 -7.97 6.70 22.09
N ALA D 55 -7.56 7.58 21.19
CA ALA D 55 -8.27 8.86 20.98
C ALA D 55 -8.89 8.84 19.60
N PHE D 56 -10.14 9.28 19.51
CA PHE D 56 -10.79 9.44 18.21
C PHE D 56 -11.12 10.91 18.03
N VAL D 57 -10.71 11.48 16.90
CA VAL D 57 -10.98 12.89 16.61
C VAL D 57 -11.57 12.94 15.23
N GLY D 58 -12.32 14.00 14.93
CA GLY D 58 -12.82 14.21 13.58
C GLY D 58 -11.80 14.93 12.72
N ALA D 59 -12.25 15.53 11.62
CA ALA D 59 -11.38 16.34 10.78
C ALA D 59 -12.20 17.42 10.11
N ASP D 60 -11.56 18.55 9.83
CA ASP D 60 -12.13 19.59 8.96
C ASP D 60 -11.57 19.54 7.55
N ARG D 61 -10.31 19.13 7.42
CA ARG D 61 -9.66 19.02 6.11
C ARG D 61 -8.50 18.04 6.25
N ILE D 62 -8.51 17.00 5.44
CA ILE D 62 -7.39 16.08 5.37
C ILE D 62 -6.79 16.28 3.99
N VAL D 63 -5.53 16.68 3.95
CA VAL D 63 -4.90 16.98 2.67
C VAL D 63 -4.19 15.73 2.13
N ARG D 64 -3.46 15.87 1.02
CA ARG D 64 -3.13 14.69 0.23
C ARG D 64 -2.23 13.72 1.01
N ASN D 65 -1.37 14.27 1.86
CA ASN D 65 -0.44 13.44 2.64
C ASN D 65 -0.98 13.01 4.00
N GLY D 66 -2.27 13.30 4.22
CA GLY D 66 -2.91 12.94 5.47
C GLY D 66 -2.80 13.96 6.60
N ASP D 67 -2.02 15.02 6.40
CA ASP D 67 -1.95 16.06 7.41
C ASP D 67 -3.37 16.59 7.62
N THR D 68 -3.75 16.86 8.87
CA THR D 68 -5.16 17.08 9.18
C THR D 68 -5.38 18.41 9.91
N ALA D 69 -6.26 19.24 9.37
CA ALA D 69 -6.77 20.38 10.14
C ALA D 69 -8.00 19.89 10.92
N ASN D 70 -8.00 20.16 12.21
CA ASN D 70 -9.14 19.87 13.09
C ASN D 70 -9.17 20.89 14.22
N LYS D 71 -10.18 20.82 15.08
CA LYS D 71 -10.38 21.81 16.13
C LYS D 71 -9.07 22.06 16.88
N ILE D 72 -8.81 23.33 17.22
CA ILE D 72 -7.69 23.68 18.08
C ILE D 72 -7.64 22.75 19.30
N GLY D 73 -6.44 22.22 19.57
CA GLY D 73 -6.24 21.20 20.58
C GLY D 73 -6.04 19.79 20.06
N THR D 74 -6.34 19.57 18.78
CA THR D 74 -6.15 18.24 18.22
C THR D 74 -4.69 17.83 18.08
N LEU D 75 -3.88 18.74 17.54
CA LEU D 75 -2.44 18.52 17.49
C LEU D 75 -1.93 18.21 18.89
N GLN D 76 -2.39 18.97 19.86
CA GLN D 76 -1.93 18.80 21.24
C GLN D 76 -2.32 17.41 21.76
N LEU D 77 -3.58 17.03 21.56
CA LEU D 77 -3.99 15.68 21.91
C LEU D 77 -3.12 14.60 21.24
N ALA D 78 -2.83 14.79 19.96
CA ALA D 78 -2.00 13.81 19.24
C ALA D 78 -0.61 13.71 19.87
N VAL D 79 -0.06 14.86 20.22
CA VAL D 79 1.26 14.89 20.85
C VAL D 79 1.22 14.19 22.20
N ILE D 80 0.19 14.45 23.00
CA ILE D 80 0.12 13.75 24.28
C ILE D 80 -0.07 12.24 24.08
N CYS D 81 -0.89 11.86 23.11
CA CYS D 81 -1.08 10.43 22.82
C CYS D 81 0.24 9.76 22.44
N LYS D 82 1.04 10.44 21.62
CA LYS D 82 2.36 9.93 21.25
C LYS D 82 3.23 9.71 22.50
N GLN D 83 3.29 10.70 23.37
CA GLN D 83 4.08 10.61 24.59
C GLN D 83 3.67 9.42 25.45
N PHE D 84 2.37 9.11 25.48
CA PHE D 84 1.86 8.04 26.33
C PHE D 84 1.57 6.73 25.60
N GLY D 85 1.87 6.67 24.30
CA GLY D 85 1.78 5.41 23.60
C GLY D 85 0.34 5.00 23.29
N ILE D 86 -0.54 6.00 23.14
CA ILE D 86 -1.96 5.74 22.90
C ILE D 86 -2.28 5.98 21.43
N LYS D 87 -2.97 5.03 20.80
CA LYS D 87 -3.28 5.13 19.38
C LYS D 87 -4.17 6.36 19.15
N PHE D 88 -3.89 7.09 18.08
CA PHE D 88 -4.61 8.33 17.75
C PHE D 88 -5.19 8.19 16.35
N PHE D 89 -6.52 8.28 16.26
CA PHE D 89 -7.21 8.10 14.97
C PHE D 89 -8.00 9.32 14.55
N VAL D 90 -7.88 9.69 13.28
CA VAL D 90 -8.71 10.72 12.67
C VAL D 90 -9.83 9.96 11.95
N VAL D 91 -11.07 10.43 12.13
CA VAL D 91 -12.25 9.76 11.61
C VAL D 91 -12.99 10.77 10.73
N ALA D 92 -13.10 10.51 9.45
CA ALA D 92 -13.75 11.49 8.57
C ALA D 92 -14.24 10.88 7.27
N PRO D 93 -15.28 11.45 6.66
CA PRO D 93 -15.73 10.99 5.35
C PRO D 93 -14.88 11.50 4.19
N LYS D 94 -15.04 10.85 3.05
CA LYS D 94 -14.37 11.29 1.83
C LYS D 94 -14.67 12.76 1.51
N THR D 95 -15.82 13.26 1.94
CA THR D 95 -16.18 14.65 1.67
C THR D 95 -15.27 15.62 2.44
N THR D 96 -14.47 15.09 3.35
CA THR D 96 -13.56 15.93 4.14
C THR D 96 -12.15 15.91 3.57
N ILE D 97 -11.97 15.14 2.50
CA ILE D 97 -10.68 15.07 1.80
C ILE D 97 -10.50 16.23 0.85
N ASP D 98 -9.33 16.84 0.93
CA ASP D 98 -8.90 17.87 0.00
C ASP D 98 -7.84 17.22 -0.90
N ASN D 99 -8.23 16.94 -2.14
CA ASN D 99 -7.36 16.17 -3.05
C ASN D 99 -6.40 17.05 -3.86
N VAL D 100 -6.29 18.32 -3.49
CA VAL D 100 -5.39 19.25 -4.18
C VAL D 100 -4.22 19.68 -3.30
N THR D 101 -4.52 20.15 -2.10
CA THR D 101 -3.46 20.60 -1.19
C THR D 101 -2.48 19.46 -0.81
N GLU D 102 -1.17 19.71 -0.90
CA GLU D 102 -0.20 18.61 -0.71
C GLU D 102 0.08 18.34 0.76
N THR D 103 0.21 19.39 1.54
CA THR D 103 0.71 19.23 2.91
C THR D 103 0.08 20.23 3.88
N GLY D 104 0.20 19.95 5.17
CA GLY D 104 -0.51 20.73 6.17
C GLY D 104 -0.06 22.17 6.20
N ASP D 105 1.18 22.45 5.79
CA ASP D 105 1.67 23.83 5.82
C ASP D 105 0.90 24.79 4.90
N ASP D 106 0.16 24.22 3.95
CA ASP D 106 -0.56 25.05 2.98
C ASP D 106 -2.01 25.28 3.37
N ILE D 107 -2.46 24.68 4.48
CA ILE D 107 -3.84 24.89 4.91
C ILE D 107 -4.02 26.25 5.57
N ILE D 108 -5.07 26.96 5.15
CA ILE D 108 -5.45 28.23 5.75
C ILE D 108 -6.28 27.96 7.00
N VAL D 109 -5.82 28.51 8.13
CA VAL D 109 -6.46 28.25 9.42
C VAL D 109 -7.25 29.46 9.90
N GLU D 110 -8.57 29.31 10.04
CA GLU D 110 -9.42 30.42 10.50
C GLU D 110 -9.01 30.87 11.91
N GLU D 111 -8.90 32.19 12.11
CA GLU D 111 -8.84 32.77 13.45
C GLU D 111 -10.09 33.59 13.70
N ARG D 112 -10.60 33.55 14.92
CA ARG D 112 -11.90 34.16 15.19
C ARG D 112 -11.81 35.30 16.17
N ASN D 113 -12.90 36.05 16.26
CA ASN D 113 -12.97 37.22 17.10
C ASN D 113 -12.49 36.90 18.50
N PRO D 114 -11.59 37.71 19.05
CA PRO D 114 -11.09 37.48 20.41
C PRO D 114 -12.19 37.48 21.47
N GLU D 115 -13.30 38.18 21.26
CA GLU D 115 -14.35 38.16 22.26
C GLU D 115 -14.99 36.79 22.38
N GLU D 116 -14.84 35.95 21.37
CA GLU D 116 -15.40 34.59 21.45
C GLU D 116 -14.62 33.70 22.41
N PHE D 117 -13.44 34.15 22.79
CA PHE D 117 -12.59 33.47 23.78
C PHE D 117 -12.76 34.21 25.13
N LYS D 118 -12.69 35.54 25.11
CA LYS D 118 -12.68 36.29 26.35
C LYS D 118 -14.04 36.28 27.04
N VAL D 119 -15.08 36.05 26.25
CA VAL D 119 -16.43 36.00 26.79
C VAL D 119 -16.99 34.59 26.61
N VAL D 120 -17.55 34.06 27.70
CA VAL D 120 -18.09 32.70 27.71
C VAL D 120 -19.61 32.78 27.66
N THR D 121 -20.20 32.08 26.70
CA THR D 121 -21.66 32.00 26.55
C THR D 121 -22.20 30.73 27.21
N GLY D 122 -23.29 30.86 27.97
CA GLY D 122 -23.92 29.67 28.52
C GLY D 122 -25.26 30.02 29.11
N THR D 123 -25.89 29.05 29.79
CA THR D 123 -27.19 29.32 30.40
C THR D 123 -27.02 30.10 31.71
N VAL D 124 -27.84 31.13 31.93
CA VAL D 124 -27.66 31.96 33.13
C VAL D 124 -27.93 31.16 34.41
N ILE D 125 -27.01 31.24 35.37
CA ILE D 125 -27.15 30.58 36.66
C ILE D 125 -27.29 31.64 37.74
N ASN D 126 -28.20 31.43 38.68
CA ASN D 126 -28.35 32.30 39.84
C ASN D 126 -27.08 32.29 40.69
N PRO D 127 -26.40 33.42 40.82
CA PRO D 127 -25.08 33.46 41.48
C PRO D 127 -25.15 33.12 42.98
N GLU D 128 -26.35 33.14 43.52
CA GLU D 128 -26.57 32.90 44.95
C GLU D 128 -26.90 31.44 45.23
N ASN D 129 -27.87 30.89 44.51
CA ASN D 129 -28.38 29.55 44.79
C ASN D 129 -28.21 28.49 43.69
N GLY D 130 -27.62 28.87 42.56
CA GLY D 130 -27.22 27.92 41.55
C GLY D 130 -28.31 27.35 40.65
N SER D 131 -29.54 27.82 40.82
CA SER D 131 -30.62 27.35 39.94
C SER D 131 -30.54 28.08 38.60
N LEU D 132 -31.20 27.53 37.60
CA LEU D 132 -31.31 28.20 36.31
C LEU D 132 -32.15 29.45 36.46
N ILE D 133 -31.70 30.54 35.87
CA ILE D 133 -32.56 31.70 35.69
C ILE D 133 -33.38 31.59 34.41
N LEU D 134 -34.69 31.75 34.56
CA LEU D 134 -35.62 31.53 33.46
C LEU D 134 -36.30 32.86 33.10
N ASN D 135 -36.71 32.95 31.85
CA ASN D 135 -37.46 34.12 31.39
C ASN D 135 -38.93 34.05 31.79
N GLU D 136 -39.73 34.99 31.31
CA GLU D 136 -41.14 35.10 31.67
C GLU D 136 -41.94 33.92 31.12
N SER D 137 -41.36 33.20 30.16
CA SER D 137 -41.97 32.03 29.55
C SER D 137 -41.45 30.72 30.14
N GLY D 138 -40.62 30.81 31.17
CA GLY D 138 -40.13 29.64 31.87
C GLY D 138 -38.97 28.93 31.18
N GLU D 139 -38.36 29.60 30.21
CA GLU D 139 -37.26 29.05 29.40
C GLU D 139 -35.93 29.54 29.95
N PRO D 140 -34.90 28.69 29.96
CA PRO D 140 -33.55 29.12 30.32
C PRO D 140 -33.09 30.30 29.49
N ILE D 141 -32.37 31.25 30.09
CA ILE D 141 -31.87 32.44 29.39
C ILE D 141 -30.41 32.24 29.01
N THR D 142 -30.07 32.63 27.78
CA THR D 142 -28.67 32.72 27.39
C THR D 142 -27.97 33.94 27.98
N GLY D 143 -26.82 33.70 28.57
CA GLY D 143 -26.04 34.78 29.15
C GLY D 143 -24.60 34.73 28.72
N LYS D 144 -23.88 35.82 28.98
CA LYS D 144 -22.45 35.88 28.66
C LYS D 144 -21.70 36.45 29.85
N VAL D 145 -20.54 35.87 30.15
CA VAL D 145 -19.67 36.44 31.16
C VAL D 145 -18.25 36.64 30.64
N GLY D 146 -17.61 37.71 31.07
CA GLY D 146 -16.26 38.03 30.65
C GLY D 146 -15.28 37.44 31.63
N ILE D 147 -14.26 36.74 31.13
CA ILE D 147 -13.28 36.08 31.99
C ILE D 147 -11.84 36.60 31.80
N ALA D 148 -11.70 37.75 31.13
CA ALA D 148 -10.37 38.34 30.91
C ALA D 148 -10.45 39.86 30.86
N PRO D 149 -9.36 40.53 31.22
CA PRO D 149 -9.32 41.99 31.15
C PRO D 149 -9.53 42.49 29.74
N LEU D 150 -10.15 43.66 29.60
CA LEU D 150 -10.29 44.29 28.29
C LEU D 150 -8.96 44.34 27.54
N GLU D 151 -7.87 44.59 28.26
CA GLU D 151 -6.62 45.02 27.64
C GLU D 151 -5.75 43.87 27.15
N ILE D 152 -6.04 42.66 27.62
CA ILE D 152 -5.22 41.52 27.21
C ILE D 152 -5.51 41.06 25.79
N ASN D 153 -4.45 40.94 24.99
CA ASN D 153 -4.56 40.34 23.67
C ASN D 153 -4.73 38.83 23.81
N VAL D 154 -5.51 38.24 22.91
CA VAL D 154 -5.63 36.79 22.88
C VAL D 154 -5.34 36.26 21.48
N TRP D 155 -5.01 34.97 21.44
CA TRP D 155 -4.89 34.25 20.17
C TRP D 155 -6.06 33.30 20.09
N ASN D 156 -6.83 33.39 19.01
CA ASN D 156 -8.04 32.56 18.91
C ASN D 156 -8.13 31.79 17.59
N PRO D 157 -7.21 30.85 17.39
CA PRO D 157 -7.27 30.00 16.20
C PRO D 157 -8.40 28.96 16.37
N ALA D 158 -9.19 28.73 15.33
CA ALA D 158 -10.30 27.79 15.42
C ALA D 158 -9.83 26.35 15.21
N PHE D 159 -8.63 26.19 14.64
CA PHE D 159 -8.12 24.88 14.23
C PHE D 159 -6.61 24.84 14.50
N ASP D 160 -6.08 23.64 14.62
CA ASP D 160 -4.65 23.42 14.42
C ASP D 160 -4.41 22.33 13.38
N ILE D 161 -3.14 22.07 13.07
CA ILE D 161 -2.77 21.11 12.05
C ILE D 161 -1.98 20.01 12.74
N THR D 162 -2.44 18.78 12.54
CA THR D 162 -1.77 17.57 13.04
C THR D 162 -1.07 16.92 11.85
N PRO D 163 0.27 16.92 11.88
CA PRO D 163 1.05 16.24 10.84
C PRO D 163 0.78 14.73 10.81
N HIS D 164 0.84 14.16 9.62
CA HIS D 164 0.51 12.74 9.48
C HIS D 164 1.41 11.83 10.32
N GLU D 165 2.61 12.29 10.65
CA GLU D 165 3.50 11.45 11.46
C GLU D 165 2.87 11.10 12.81
N LEU D 166 1.96 11.96 13.30
CA LEU D 166 1.32 11.72 14.60
C LEU D 166 0.00 10.95 14.51
N ILE D 167 -0.41 10.58 13.30
CA ILE D 167 -1.72 9.95 13.14
C ILE D 167 -1.54 8.47 12.85
N ASP D 168 -2.14 7.62 13.69
CA ASP D 168 -1.96 6.18 13.52
C ASP D 168 -2.88 5.56 12.50
N GLY D 169 -4.04 6.18 12.27
CA GLY D 169 -4.88 5.73 11.18
C GLY D 169 -5.94 6.76 10.87
N ILE D 170 -6.40 6.76 9.62
CA ILE D 170 -7.51 7.59 9.19
C ILE D 170 -8.66 6.65 8.88
N ILE D 171 -9.76 6.82 9.60
CA ILE D 171 -10.90 5.93 9.54
C ILE D 171 -11.99 6.57 8.70
N THR D 172 -12.42 5.88 7.64
CA THR D 172 -13.41 6.40 6.70
C THR D 172 -14.45 5.33 6.35
N GLU D 173 -15.48 5.75 5.62
CA GLU D 173 -16.51 4.83 5.16
C GLU D 173 -15.94 3.82 4.16
N GLU D 174 -14.76 4.09 3.62
CA GLU D 174 -14.13 3.17 2.67
C GLU D 174 -13.15 2.21 3.33
N GLY D 175 -13.02 2.33 4.65
CA GLY D 175 -12.05 1.55 5.41
C GLY D 175 -11.02 2.40 6.14
N VAL D 176 -10.03 1.74 6.72
CA VAL D 176 -9.09 2.37 7.64
C VAL D 176 -7.75 2.46 6.94
N PHE D 177 -7.24 3.68 6.79
CA PHE D 177 -5.98 3.90 6.08
C PHE D 177 -4.84 3.99 7.08
N THR D 178 -3.75 3.26 6.83
CA THR D 178 -2.58 3.40 7.69
C THR D 178 -1.30 3.67 6.90
N LYS D 179 -0.23 3.97 7.62
CA LYS D 179 1.01 4.40 6.98
C LYS D 179 1.85 3.19 6.55
N ASN D 180 2.56 3.34 5.44
CA ASN D 180 3.56 2.34 5.00
C ASN D 180 4.86 2.42 5.77
N SER D 181 5.84 1.60 5.41
CA SER D 181 7.10 1.57 6.14
C SER D 181 7.94 2.85 6.02
N SER D 182 7.62 3.68 5.03
CA SER D 182 8.25 5.00 4.93
C SER D 182 7.51 6.06 5.74
N GLY D 183 6.47 5.66 6.48
CA GLY D 183 5.67 6.59 7.25
C GLY D 183 4.68 7.43 6.45
N GLU D 184 4.34 6.99 5.25
CA GLU D 184 3.40 7.74 4.39
C GLU D 184 2.02 7.09 4.28
N PHE D 185 0.97 7.91 4.32
CA PHE D 185 -0.36 7.46 3.96
C PHE D 185 -0.47 7.30 2.44
N GLN D 186 -1.36 6.41 2.00
CA GLN D 186 -1.62 6.20 0.58
C GLN D 186 -3.10 6.42 0.36
N LEU D 187 -3.49 7.69 0.19
CA LEU D 187 -4.90 8.06 0.22
C LEU D 187 -5.49 8.18 -1.18
N GLU D 188 -4.72 7.79 -2.19
CA GLU D 188 -5.08 8.03 -3.59
C GLU D 188 -6.51 7.61 -3.92
N SER D 189 -6.98 6.50 -3.35
CA SER D 189 -8.32 6.01 -3.68
C SER D 189 -9.43 6.98 -3.24
N LEU D 190 -9.12 7.86 -2.28
CA LEU D 190 -10.09 8.85 -1.82
C LEU D 190 -10.10 10.11 -2.67
N PHE D 191 -9.18 10.20 -3.63
CA PHE D 191 -9.09 11.39 -4.47
C PHE D 191 -9.98 11.23 -5.71
N SER E 2 -3.83 47.49 43.57
CA SER E 2 -4.76 46.61 42.86
C SER E 2 -4.35 45.14 42.83
N LEU E 3 -3.06 44.86 42.98
CA LEU E 3 -2.55 43.48 42.98
C LEU E 3 -2.28 42.89 44.38
N GLU E 4 -2.80 43.58 45.40
CA GLU E 4 -2.54 43.22 46.79
C GLU E 4 -3.59 42.22 47.30
N ALA E 5 -3.21 40.95 47.35
CA ALA E 5 -4.15 39.87 47.67
C ALA E 5 -4.56 39.94 49.15
N ILE E 6 -3.64 40.43 49.97
CA ILE E 6 -3.84 40.45 51.41
C ILE E 6 -3.48 41.82 51.97
N VAL E 7 -4.46 42.46 52.58
CA VAL E 7 -4.21 43.74 53.23
C VAL E 7 -4.05 43.55 54.75
N PHE E 8 -2.81 43.63 55.21
CA PHE E 8 -2.44 43.44 56.62
C PHE E 8 -1.99 44.78 57.22
N ASP E 9 -2.80 45.35 58.11
CA ASP E 9 -2.44 46.58 58.81
C ASP E 9 -1.61 46.29 60.05
N ARG E 10 -0.30 46.55 59.94
CA ARG E 10 0.65 46.37 61.03
C ARG E 10 0.81 47.52 62.00
N SER E 11 0.01 48.57 61.84
CA SER E 11 0.33 49.82 62.50
C SER E 11 0.19 49.69 64.02
N GLU E 12 -0.77 48.89 64.47
CA GLU E 12 -0.83 48.46 65.86
C GLU E 12 -0.66 46.94 65.97
N PRO E 13 0.56 46.51 66.30
CA PRO E 13 0.88 45.08 66.36
C PRO E 13 0.00 44.30 67.35
N GLU E 14 -0.52 44.96 68.38
CA GLU E 14 -1.37 44.31 69.37
C GLU E 14 -2.84 44.25 68.95
N ASN E 15 -3.15 44.93 67.86
CA ASN E 15 -4.52 44.97 67.33
C ASN E 15 -4.48 45.12 65.83
N VAL E 16 -4.02 44.07 65.16
CA VAL E 16 -3.87 44.11 63.72
C VAL E 16 -5.23 44.02 63.04
N SER E 17 -5.27 44.39 61.77
CA SER E 17 -6.44 44.13 60.94
C SER E 17 -6.02 43.48 59.63
N VAL E 18 -6.87 42.60 59.14
CA VAL E 18 -6.55 41.79 57.97
C VAL E 18 -7.81 41.70 57.12
N LYS E 19 -7.67 41.96 55.82
CA LYS E 19 -8.73 41.65 54.86
C LYS E 19 -8.12 41.11 53.58
N VAL E 20 -8.90 40.37 52.81
CA VAL E 20 -8.35 39.66 51.69
C VAL E 20 -9.17 39.95 50.44
N LEU E 21 -8.47 40.14 49.32
CA LEU E 21 -9.11 40.32 48.02
C LEU E 21 -9.86 39.05 47.64
N ASP E 22 -11.12 39.18 47.24
CA ASP E 22 -11.86 38.04 46.72
C ASP E 22 -11.46 37.74 45.26
N GLN E 23 -10.56 36.77 45.11
CA GLN E 23 -10.04 36.45 43.79
C GLN E 23 -11.05 35.78 42.86
N LEU E 24 -12.18 35.36 43.40
CA LEU E 24 -13.24 34.78 42.55
C LEU E 24 -13.84 35.85 41.65
N LEU E 25 -13.74 37.11 42.10
CA LEU E 25 -14.44 38.22 41.44
C LEU E 25 -13.57 39.04 40.51
N LEU E 26 -12.25 38.86 40.58
CA LEU E 26 -11.33 39.57 39.70
C LEU E 26 -11.53 39.15 38.23
N PRO E 27 -11.15 39.99 37.27
CA PRO E 27 -10.46 41.26 37.50
C PRO E 27 -11.35 42.50 37.53
N TYR E 28 -12.64 42.37 37.20
CA TYR E 28 -13.49 43.55 37.06
C TYR E 28 -14.01 44.04 38.41
N THR E 29 -14.04 43.14 39.39
CA THR E 29 -14.61 43.49 40.68
C THR E 29 -13.53 43.31 41.74
N THR E 30 -13.34 44.34 42.55
CA THR E 30 -12.36 44.34 43.65
C THR E 30 -13.14 44.46 44.96
N LYS E 31 -13.24 43.36 45.72
CA LYS E 31 -13.98 43.36 46.97
C LYS E 31 -13.11 42.69 48.02
N TYR E 32 -13.11 43.21 49.24
CA TYR E 32 -12.35 42.60 50.32
C TYR E 32 -13.21 41.92 51.37
N VAL E 33 -12.68 40.84 51.94
CA VAL E 33 -13.37 40.03 52.94
C VAL E 33 -12.55 40.15 54.21
N PRO E 34 -13.18 40.57 55.31
CA PRO E 34 -12.44 40.73 56.57
C PRO E 34 -12.11 39.38 57.17
N ILE E 35 -10.94 39.29 57.80
CA ILE E 35 -10.53 38.08 58.52
C ILE E 35 -10.45 38.41 60.01
N HIS E 36 -11.28 37.74 60.81
CA HIS E 36 -11.30 37.95 62.25
C HIS E 36 -10.91 36.72 63.05
N THR E 37 -11.19 35.54 62.49
CA THR E 37 -11.01 34.28 63.21
C THR E 37 -10.48 33.20 62.28
N ILE E 38 -10.10 32.08 62.85
CA ILE E 38 -9.62 30.94 62.07
C ILE E 38 -10.75 30.42 61.16
N ASP E 39 -12.00 30.55 61.59
CA ASP E 39 -13.13 30.20 60.72
C ASP E 39 -13.15 31.02 59.44
N ASP E 40 -12.80 32.30 59.53
CA ASP E 40 -12.75 33.16 58.36
C ASP E 40 -11.57 32.77 57.46
N GLY E 41 -10.44 32.47 58.08
CA GLY E 41 -9.28 31.94 57.36
C GLY E 41 -9.64 30.65 56.62
N TYR E 42 -10.26 29.71 57.34
CA TYR E 42 -10.68 28.47 56.69
C TYR E 42 -11.62 28.72 55.51
N SER E 43 -12.59 29.60 55.70
CA SER E 43 -13.61 29.83 54.69
C SER E 43 -13.02 30.45 53.42
N VAL E 44 -12.16 31.45 53.57
CA VAL E 44 -11.64 32.10 52.37
C VAL E 44 -10.68 31.16 51.63
N ILE E 45 -10.01 30.30 52.37
CA ILE E 45 -9.12 29.32 51.72
C ILE E 45 -9.94 28.25 51.04
N LYS E 46 -10.86 27.65 51.78
CA LYS E 46 -11.70 26.60 51.21
C LYS E 46 -12.48 27.04 49.96
N SER E 47 -12.99 28.28 49.96
CA SER E 47 -13.79 28.77 48.85
C SER E 47 -12.94 29.34 47.72
N GLN E 49 -11.45 32.15 47.65
CA GLN E 49 -11.35 33.60 47.66
C GLN E 49 -9.91 34.08 47.78
N VAL E 50 -9.12 33.46 48.65
CA VAL E 50 -7.67 33.57 48.56
C VAL E 50 -7.20 32.24 47.98
N ARG E 51 -6.24 32.31 47.06
CA ARG E 51 -5.59 31.09 46.60
C ARG E 51 -4.17 31.41 46.11
N GLY E 52 -3.44 30.39 45.65
CA GLY E 52 -1.99 30.53 45.52
C GLY E 52 -1.32 30.02 46.80
N ALA E 53 -0.35 29.14 46.63
CA ALA E 53 0.14 28.40 47.81
C ALA E 53 0.69 29.28 48.96
N PRO E 54 1.56 30.24 48.68
CA PRO E 54 2.04 31.12 49.75
C PRO E 54 0.94 32.03 50.31
N ALA E 55 0.08 32.58 49.47
CA ALA E 55 -1.01 33.42 49.98
C ALA E 55 -1.93 32.65 50.93
N ILE E 56 -2.18 31.39 50.61
CA ILE E 56 -2.95 30.52 51.49
C ILE E 56 -2.28 30.41 52.86
N ALA E 57 -0.97 30.14 52.88
CA ALA E 57 -0.24 30.06 54.16
C ALA E 57 -0.25 31.37 54.93
N ILE E 58 -0.08 32.48 54.21
CA ILE E 58 -0.09 33.80 54.85
C ILE E 58 -1.48 34.11 55.45
N VAL E 59 -2.55 33.91 54.68
CA VAL E 59 -3.87 34.19 55.25
C VAL E 59 -4.20 33.24 56.40
N GLY E 60 -3.83 31.98 56.26
CA GLY E 60 -4.07 31.03 57.34
C GLY E 60 -3.38 31.51 58.60
N SER E 61 -2.10 31.83 58.48
CA SER E 61 -1.30 32.30 59.61
C SER E 61 -1.89 33.56 60.24
N LEU E 62 -2.25 34.53 59.40
CA LEU E 62 -2.87 35.76 59.88
C LEU E 62 -4.20 35.53 60.59
N SER E 63 -5.00 34.59 60.12
CA SER E 63 -6.27 34.29 60.79
C SER E 63 -6.05 33.75 62.21
N VAL E 64 -4.93 33.07 62.43
CA VAL E 64 -4.63 32.59 63.78
C VAL E 64 -4.37 33.83 64.65
N LEU E 65 -3.61 34.76 64.09
CA LEU E 65 -3.24 35.96 64.83
C LEU E 65 -4.47 36.79 65.15
N THR E 66 -5.36 36.99 64.17
CA THR E 66 -6.57 37.74 64.50
C THR E 66 -7.42 37.03 65.54
N GLU E 67 -7.45 35.69 65.48
CA GLU E 67 -8.17 34.92 66.49
C GLU E 67 -7.60 35.13 67.90
N VAL E 68 -6.28 35.00 68.04
CA VAL E 68 -5.67 35.20 69.36
C VAL E 68 -5.91 36.59 69.91
N GLN E 69 -5.92 37.59 69.03
CA GLN E 69 -6.12 38.96 69.50
C GLN E 69 -7.59 39.21 69.80
N LEU E 70 -8.48 38.54 69.07
CA LEU E 70 -9.91 38.67 69.32
C LEU E 70 -10.34 38.09 70.66
N ILE E 71 -9.79 36.93 71.02
CA ILE E 71 -10.22 36.30 72.27
C ILE E 71 -9.77 37.09 73.49
N LYS E 72 -8.67 37.83 73.31
CA LYS E 72 -8.18 38.86 74.22
C LYS E 72 -9.13 40.08 74.26
N HIS E 73 -9.39 40.70 73.11
CA HIS E 73 -10.11 41.97 73.05
C HIS E 73 -11.62 41.85 73.23
N ASN E 74 -12.22 40.74 72.80
CA ASN E 74 -13.64 40.53 73.08
C ASN E 74 -14.00 39.18 73.67
N PRO E 75 -13.88 39.09 74.99
CA PRO E 75 -14.09 37.85 75.74
C PRO E 75 -15.49 37.26 75.62
N THR E 76 -16.47 38.01 75.10
CA THR E 76 -17.81 37.46 74.89
C THR E 76 -18.12 37.10 73.43
N SER E 77 -17.11 37.08 72.57
CA SER E 77 -17.31 36.58 71.21
C SER E 77 -17.55 35.09 71.19
N ASP E 78 -18.22 34.60 70.15
CA ASP E 78 -18.42 33.16 70.02
C ASP E 78 -17.09 32.42 70.03
N VAL E 79 -16.09 32.99 69.36
CA VAL E 79 -14.79 32.34 69.28
C VAL E 79 -14.12 32.33 70.66
N ALA E 80 -14.22 33.42 71.41
CA ALA E 80 -13.68 33.45 72.78
C ALA E 80 -14.19 32.31 73.68
N THR E 81 -15.47 31.95 73.54
CA THR E 81 -16.04 30.87 74.35
C THR E 81 -15.49 29.48 74.05
N LEU E 82 -14.70 29.33 72.98
CA LEU E 82 -14.10 28.03 72.72
C LEU E 82 -12.97 27.79 73.71
N TYR E 83 -12.53 28.87 74.35
CA TYR E 83 -11.30 28.84 75.13
C TYR E 83 -11.56 28.99 76.64
N SER E 84 -10.78 28.29 77.45
CA SER E 84 -10.65 28.61 78.87
C SER E 84 -9.31 29.27 79.14
N LEU E 85 -9.29 30.59 79.05
CA LEU E 85 -8.04 31.35 79.02
C LEU E 85 -7.36 31.36 80.37
N VAL E 86 -8.14 31.04 81.41
CA VAL E 86 -7.62 30.95 82.77
C VAL E 86 -6.55 29.86 82.87
N ASN E 87 -6.64 28.86 81.98
CA ASN E 87 -5.67 27.79 81.96
C ASN E 87 -4.90 27.74 80.64
N TRP E 88 -3.62 28.07 80.70
CA TRP E 88 -2.79 28.20 79.51
C TRP E 88 -2.69 26.85 78.80
N GLU E 89 -2.54 25.77 79.57
CA GLU E 89 -2.46 24.45 78.96
C GLU E 89 -3.73 24.11 78.19
N SER E 90 -4.89 24.37 78.78
CA SER E 90 -6.17 24.16 78.09
C SER E 90 -6.27 25.05 76.86
N THR E 91 -5.77 26.28 76.97
CA THR E 91 -5.82 27.21 75.85
C THR E 91 -5.04 26.68 74.65
N LYS E 92 -3.81 26.23 74.90
CA LYS E 92 -3.00 25.63 73.84
C LYS E 92 -3.72 24.44 73.19
N THR E 93 -4.43 23.66 73.99
CA THR E 93 -5.07 22.47 73.46
C THR E 93 -6.13 22.84 72.43
N VAL E 94 -6.96 23.82 72.77
CA VAL E 94 -8.01 24.28 71.85
C VAL E 94 -7.39 24.96 70.62
N LEU E 95 -6.37 25.79 70.84
CA LEU E 95 -5.64 26.39 69.73
C LEU E 95 -5.09 25.33 68.78
N ASN E 96 -4.44 24.31 69.33
CA ASN E 96 -3.92 23.24 68.49
C ASN E 96 -5.02 22.54 67.69
N LYS E 97 -6.20 22.35 68.30
CA LYS E 97 -7.35 21.81 67.55
C LYS E 97 -7.84 22.73 66.43
N ARG E 98 -7.83 24.03 66.69
CA ARG E 98 -8.23 24.94 65.63
C ARG E 98 -7.23 25.09 64.50
N LEU E 99 -5.95 24.99 64.84
CA LEU E 99 -4.94 24.86 63.80
C LEU E 99 -5.13 23.63 62.93
N ASP E 100 -5.51 22.50 63.54
CA ASP E 100 -5.76 21.31 62.73
C ASP E 100 -6.98 21.50 61.84
N PHE E 101 -7.97 22.22 62.34
CA PHE E 101 -9.16 22.53 61.54
C PHE E 101 -8.75 23.38 60.34
N LEU E 102 -8.01 24.44 60.61
CA LEU E 102 -7.47 25.27 59.53
C LEU E 102 -6.70 24.48 58.47
N LEU E 103 -5.83 23.58 58.90
CA LEU E 103 -5.04 22.75 58.00
C LEU E 103 -5.92 22.01 56.99
N SER E 104 -7.12 21.62 57.44
CA SER E 104 -8.04 20.82 56.63
C SER E 104 -8.69 21.57 55.47
N SER E 105 -8.53 22.89 55.43
CA SER E 105 -9.15 23.74 54.41
C SER E 105 -8.88 23.25 52.99
N ARG E 106 -7.60 23.21 52.60
CA ARG E 106 -7.22 22.67 51.29
C ARG E 106 -5.91 21.93 51.47
N PRO E 107 -5.87 20.66 51.09
CA PRO E 107 -4.78 19.77 51.48
C PRO E 107 -3.50 19.82 50.63
N THR E 108 -3.60 20.18 49.36
CA THR E 108 -2.49 19.86 48.47
C THR E 108 -1.24 20.75 48.57
N ALA E 109 -1.43 22.07 48.53
CA ALA E 109 -0.28 22.96 48.76
C ALA E 109 0.25 22.77 50.17
N VAL E 110 1.56 22.64 50.31
CA VAL E 110 2.15 22.30 51.61
C VAL E 110 2.53 23.55 52.41
N ASN E 111 2.53 24.72 51.76
CA ASN E 111 2.92 25.94 52.47
C ASN E 111 2.16 26.15 53.78
N LEU E 112 0.84 25.96 53.74
CA LEU E 112 0.02 26.16 54.94
C LEU E 112 0.52 25.27 56.07
N SER E 113 0.65 23.97 55.79
CA SER E 113 1.15 23.01 56.77
C SER E 113 2.50 23.46 57.31
N ASN E 114 3.41 23.84 56.43
CA ASN E 114 4.73 24.26 56.89
C ASN E 114 4.63 25.43 57.87
N SER E 115 3.72 26.37 57.58
CA SER E 115 3.52 27.48 58.50
C SER E 115 2.88 27.03 59.82
N LEU E 116 1.89 26.16 59.74
CA LEU E 116 1.14 25.80 60.93
C LEU E 116 2.05 24.99 61.86
N VAL E 117 2.96 24.20 61.29
CA VAL E 117 3.95 23.51 62.12
C VAL E 117 4.83 24.49 62.89
N GLU E 118 5.26 25.55 62.22
CA GLU E 118 6.08 26.56 62.89
C GLU E 118 5.27 27.25 63.98
N ILE E 119 4.02 27.59 63.69
CA ILE E 119 3.16 28.25 64.67
C ILE E 119 2.98 27.37 65.90
N LYS E 120 2.79 26.06 65.66
CA LYS E 120 2.68 25.13 66.78
C LYS E 120 3.96 25.10 67.61
N ASN E 121 5.11 25.16 66.95
CA ASN E 121 6.40 25.23 67.65
C ASN E 121 6.53 26.49 68.51
N ILE E 122 6.11 27.63 67.94
CA ILE E 122 6.03 28.87 68.71
C ILE E 122 5.09 28.77 69.90
N LEU E 123 3.92 28.20 69.69
CA LEU E 123 2.96 28.01 70.77
C LEU E 123 3.59 27.20 71.90
N LYS E 124 4.30 26.13 71.55
CA LYS E 124 4.90 25.25 72.55
C LYS E 124 5.99 25.92 73.38
N SER E 125 6.64 26.93 72.80
CA SER E 125 7.67 27.64 73.54
C SER E 125 7.18 28.95 74.14
N SER E 126 5.87 29.17 74.10
CA SER E 126 5.29 30.40 74.66
C SER E 126 4.82 30.25 76.10
N SER E 127 5.22 31.17 76.98
CA SER E 127 4.89 31.07 78.40
C SER E 127 3.43 31.41 78.71
N ASP E 128 2.82 32.26 77.89
CA ASP E 128 1.39 32.58 77.98
C ASP E 128 0.88 33.18 76.66
N LEU E 129 -0.41 33.49 76.62
CA LEU E 129 -1.03 34.02 75.40
C LEU E 129 -0.41 35.34 74.93
N LYS E 130 -0.12 36.22 75.87
CA LYS E 130 0.48 37.50 75.51
C LYS E 130 1.80 37.25 74.78
N ALA E 131 2.59 36.30 75.27
CA ALA E 131 3.89 36.01 74.68
C ALA E 131 3.71 35.42 73.28
N PHE E 132 2.76 34.51 73.14
CA PHE E 132 2.47 33.85 71.86
C PHE E 132 1.94 34.85 70.83
N ASP E 133 1.00 35.69 71.25
CA ASP E 133 0.54 36.83 70.45
C ASP E 133 1.70 37.63 69.83
N GLY E 134 2.61 38.11 70.66
CA GLY E 134 3.76 38.88 70.18
C GLY E 134 4.68 38.10 69.25
N SER E 135 4.95 36.85 69.60
CA SER E 135 5.84 36.01 68.79
C SER E 135 5.16 35.66 67.47
N LEU E 136 3.85 35.46 67.53
CA LEU E 136 3.10 35.16 66.31
C LEU E 136 3.07 36.37 65.37
N TYR E 137 2.88 37.56 65.95
CA TYR E 137 3.00 38.78 65.15
C TYR E 137 4.34 38.81 64.41
N ASN E 138 5.43 38.59 65.15
CA ASN E 138 6.75 38.65 64.54
C ASN E 138 6.89 37.58 63.45
N TYR E 139 6.40 36.37 63.74
CA TYR E 139 6.39 35.28 62.77
C TYR E 139 5.67 35.62 61.45
N VAL E 140 4.45 36.12 61.54
CA VAL E 140 3.72 36.44 60.31
C VAL E 140 4.38 37.57 59.52
N CYS E 141 4.93 38.56 60.21
CA CYS E 141 5.72 39.59 59.51
C CYS E 141 6.91 39.01 58.76
N GLU E 142 7.65 38.10 59.41
CA GLU E 142 8.80 37.46 58.79
C GLU E 142 8.38 36.57 57.61
N LEU E 143 7.29 35.84 57.80
CA LEU E 143 6.79 34.97 56.73
C LEU E 143 6.52 35.82 55.48
N ILE E 144 5.77 36.91 55.67
CA ILE E 144 5.36 37.74 54.54
C ILE E 144 6.58 38.45 53.96
N ASP E 145 7.40 39.05 54.82
CA ASP E 145 8.50 39.86 54.31
C ASP E 145 9.59 39.02 53.63
N GLU E 146 9.85 37.85 54.20
CA GLU E 146 10.72 36.88 53.56
C GLU E 146 10.12 36.36 52.26
N ASP E 147 8.81 36.15 52.21
CA ASP E 147 8.20 35.68 50.97
C ASP E 147 8.50 36.67 49.84
N LEU E 148 8.34 37.96 50.12
CA LEU E 148 8.57 38.99 49.12
C LEU E 148 10.05 39.06 48.72
N ALA E 149 10.94 39.11 49.70
CA ALA E 149 12.36 39.21 49.38
C ALA E 149 12.80 37.97 48.61
N ASN E 150 12.26 36.82 49.00
CA ASN E 150 12.68 35.57 48.37
C ASN E 150 12.10 35.44 46.97
N ASN E 151 10.90 35.97 46.76
CA ASN E 151 10.33 36.02 45.40
C ASN E 151 11.22 36.81 44.44
N LYS E 153 14.48 37.42 44.82
CA LYS E 153 15.75 36.72 44.70
C LYS E 153 15.58 35.58 43.68
N GLY E 155 13.35 35.27 41.43
CA GLY E 155 13.05 35.86 40.13
C GLY E 155 14.33 36.14 39.36
N ASP E 156 15.25 36.83 40.03
CA ASP E 156 16.54 37.16 39.46
C ASP E 156 17.37 35.90 39.22
N ASN E 157 17.29 34.94 40.13
CA ASN E 157 18.03 33.69 39.97
C ASN E 157 17.58 32.98 38.68
N GLY E 158 16.27 32.91 38.49
CA GLY E 158 15.73 32.26 37.30
C GLY E 158 16.04 33.02 36.01
N ALA E 159 15.95 34.34 36.05
CA ALA E 159 16.21 35.13 34.84
C ALA E 159 17.66 34.97 34.40
N LYS E 160 18.57 35.07 35.36
CA LYS E 160 20.00 34.93 35.03
C LYS E 160 20.25 33.54 34.48
N TYR E 161 19.66 32.54 35.13
CA TYR E 161 19.90 31.15 34.73
C TYR E 161 19.48 30.92 33.27
N LEU E 162 18.27 31.34 32.93
CA LEU E 162 17.77 31.11 31.58
C LEU E 162 18.60 31.88 30.54
N ILE E 163 18.88 33.15 30.81
CA ILE E 163 19.68 33.91 29.85
C ILE E 163 21.06 33.27 29.66
N ASP E 164 21.65 32.78 30.74
CA ASP E 164 22.96 32.13 30.64
C ASP E 164 22.92 30.85 29.82
N VAL E 165 21.87 30.06 30.04
CA VAL E 165 21.73 28.79 29.33
C VAL E 165 21.53 29.09 27.85
N LEU E 166 20.68 30.06 27.53
CA LEU E 166 20.41 30.38 26.14
C LEU E 166 21.67 30.87 25.45
N GLN E 167 22.41 31.73 26.13
CA GLN E 167 23.65 32.26 25.56
C GLN E 167 24.63 31.13 25.26
N LYS E 168 24.79 30.24 26.24
CA LYS E 168 25.66 29.08 26.08
C LYS E 168 25.26 28.25 24.87
N ASP E 169 23.95 28.13 24.66
CA ASP E 169 23.40 27.31 23.57
C ASP E 169 23.37 28.07 22.25
N GLY E 170 23.88 29.31 22.25
CA GLY E 170 24.04 30.04 21.01
C GLY E 170 22.78 30.76 20.57
N PHE E 171 21.80 30.88 21.46
CA PHE E 171 20.61 31.65 21.15
C PHE E 171 20.74 33.11 21.57
N LYS E 172 20.55 34.04 20.63
CA LYS E 172 20.93 35.42 20.91
C LYS E 172 19.84 36.46 20.63
N ASP E 173 18.61 36.00 20.43
CA ASP E 173 17.55 36.86 19.92
C ASP E 173 16.41 36.98 20.91
N GLU E 174 15.30 37.56 20.47
CA GLU E 174 14.08 37.66 21.26
C GLU E 174 13.44 36.28 21.42
N PHE E 175 12.97 35.95 22.62
CA PHE E 175 12.26 34.69 22.85
C PHE E 175 10.98 34.92 23.65
N ALA E 176 10.09 33.93 23.61
CA ALA E 176 8.87 33.99 24.40
C ALA E 176 8.88 32.89 25.45
N VAL E 177 8.01 33.03 26.43
CA VAL E 177 7.81 32.02 27.46
C VAL E 177 6.34 31.67 27.60
N LEU E 178 6.11 30.43 28.02
CA LEU E 178 4.80 29.94 28.46
C LEU E 178 4.68 29.96 29.97
N THR E 179 3.48 30.21 30.49
CA THR E 179 3.27 30.01 31.91
C THR E 179 1.83 29.57 32.15
N ILE E 180 1.56 29.09 33.35
CA ILE E 180 0.28 28.50 33.71
C ILE E 180 -0.12 29.00 35.09
N CYS E 181 -1.43 29.04 35.34
CA CYS E 181 -2.00 29.42 36.63
C CYS E 181 -1.73 30.90 36.93
N ASN E 182 -1.72 31.24 38.21
CA ASN E 182 -1.29 32.56 38.65
C ASN E 182 -0.29 32.39 39.79
N THR E 183 0.90 32.96 39.59
CA THR E 183 2.00 32.81 40.54
C THR E 183 2.60 34.19 40.76
N GLY E 184 1.79 35.23 40.54
CA GLY E 184 2.29 36.58 40.73
C GLY E 184 2.01 37.19 42.09
N SER E 185 1.73 38.48 42.12
CA SER E 185 1.50 39.13 43.39
C SER E 185 0.18 38.65 44.01
N LEU E 186 -0.76 38.22 43.18
CA LEU E 186 -2.07 37.79 43.69
C LEU E 186 -1.99 36.43 44.38
N ALA E 187 -0.93 35.68 44.11
CA ALA E 187 -0.76 34.35 44.71
C ALA E 187 0.18 34.30 45.91
N THR E 188 0.80 35.43 46.21
CA THR E 188 1.91 35.47 47.15
C THR E 188 1.86 36.78 47.94
N SER E 189 2.97 37.11 48.60
CA SER E 189 3.12 38.40 49.28
C SER E 189 3.36 39.54 48.30
N GLY E 190 3.62 39.21 47.04
CA GLY E 190 4.05 40.21 46.06
C GLY E 190 5.19 39.70 45.21
N TYR E 191 5.21 40.16 43.97
CA TYR E 191 6.22 39.82 42.95
C TYR E 191 6.05 38.44 42.36
N GLY E 192 6.05 37.44 43.23
CA GLY E 192 5.67 36.09 42.83
C GLY E 192 6.81 35.18 42.43
N THR E 193 6.44 34.02 41.90
CA THR E 193 7.42 32.95 41.77
C THR E 193 7.68 32.78 40.28
N ALA E 194 6.92 31.93 39.59
CA ALA E 194 7.13 31.84 38.15
C ALA E 194 6.94 33.20 37.48
N LEU E 195 5.95 33.96 37.93
CA LEU E 195 5.73 35.27 37.33
C LEU E 195 6.84 36.24 37.73
N GLY E 196 7.44 35.98 38.90
CA GLY E 196 8.59 36.76 39.35
C GLY E 196 9.78 36.61 38.42
N VAL E 197 10.05 35.38 37.98
CA VAL E 197 11.11 35.19 36.99
C VAL E 197 10.79 35.95 35.69
N ILE E 198 9.52 35.94 35.30
CA ILE E 198 9.07 36.57 34.06
C ILE E 198 9.25 38.07 34.20
N ARG E 199 8.87 38.60 35.36
CA ARG E 199 9.13 40.01 35.65
C ARG E 199 10.60 40.38 35.60
N SER E 200 11.44 39.56 36.24
CA SER E 200 12.88 39.78 36.17
C SER E 200 13.40 39.71 34.73
N LEU E 201 12.93 38.73 33.97
CA LEU E 201 13.31 38.66 32.55
C LEU E 201 12.89 39.91 31.78
N TRP E 202 11.71 40.46 32.08
CA TRP E 202 11.25 41.64 31.35
C TRP E 202 12.12 42.87 31.71
N LYS E 203 12.47 43.02 32.97
CA LYS E 203 13.35 44.13 33.33
C LYS E 203 14.69 44.02 32.60
N ASP E 204 15.23 42.80 32.50
CA ASP E 204 16.44 42.53 31.70
C ASP E 204 16.24 42.89 30.22
N SER E 205 15.14 42.44 29.64
CA SER E 205 14.83 42.71 28.24
C SER E 205 14.74 44.21 27.95
N LEU E 206 14.20 44.97 28.90
CA LEU E 206 14.08 46.42 28.70
C LEU E 206 15.45 47.07 28.63
N ALA E 207 16.42 46.46 29.31
CA ALA E 207 17.79 46.96 29.35
C ALA E 207 18.57 46.70 28.06
N LYS E 208 17.99 45.93 27.14
CA LYS E 208 18.71 45.49 25.95
C LYS E 208 18.09 46.01 24.64
N THR E 209 16.76 46.10 24.61
CA THR E 209 16.01 46.50 23.41
C THR E 209 16.23 47.96 23.03
N ASP E 210 15.80 48.85 23.93
CA ASP E 210 16.19 50.27 23.90
C ASP E 210 17.67 50.47 23.56
N LYS E 211 18.51 49.51 23.95
CA LYS E 211 19.93 49.52 23.63
C LYS E 211 20.17 49.21 22.14
N CYS F 1 22.81 39.28 22.63
CA CYS F 1 22.30 38.69 23.90
C CYS F 1 20.81 38.37 23.76
N PRO F 2 20.38 37.21 24.23
CA PRO F 2 18.96 36.85 24.14
C PRO F 2 18.17 37.69 25.13
N ARG F 3 16.89 37.89 24.85
CA ARG F 3 16.02 38.64 25.76
C ARG F 3 14.58 38.20 25.54
N GLY F 5 10.84 38.65 24.81
CA GLY F 5 10.03 39.60 24.06
C GLY F 5 8.52 39.40 24.28
N HIS F 6 8.10 38.26 24.81
CA HIS F 6 6.66 37.94 24.88
C HIS F 6 6.32 36.84 25.88
N VAL F 7 5.14 36.95 26.48
CA VAL F 7 4.64 35.92 27.41
C VAL F 7 3.31 35.37 26.90
N PHE F 8 3.17 34.04 26.95
CA PHE F 8 1.93 33.38 26.60
C PHE F 8 1.41 32.66 27.84
N PRO F 9 0.58 33.33 28.64
CA PRO F 9 -0.07 32.65 29.76
C PRO F 9 -1.25 31.80 29.27
N LEU F 10 -1.49 30.66 29.91
CA LEU F 10 -2.62 29.80 29.60
C LEU F 10 -3.85 30.19 30.42
N GLU F 11 -5.03 30.06 29.81
CA GLU F 11 -6.29 30.44 30.48
C GLU F 11 -6.35 29.80 31.86
N THR F 12 -5.98 28.52 31.92
CA THR F 12 -5.98 27.70 33.15
C THR F 12 -7.39 27.43 33.69
N ARG F 13 -8.14 26.63 32.95
CA ARG F 13 -9.44 26.16 33.43
C ARG F 13 -9.21 25.26 34.64
N PRO F 14 -10.24 25.00 35.45
CA PRO F 14 -11.57 25.61 35.35
C PRO F 14 -11.74 26.93 36.12
N TYR F 15 -10.76 27.27 36.96
CA TYR F 15 -10.95 28.41 37.85
C TYR F 15 -10.58 29.68 37.08
N ASN F 16 -9.73 29.52 36.07
CA ASN F 16 -9.30 30.58 35.16
C ASN F 16 -8.35 31.56 35.84
N GLN F 17 -7.39 31.01 36.59
CA GLN F 17 -6.36 31.83 37.21
C GLN F 17 -5.59 32.55 36.12
N GLY F 18 -5.52 31.94 34.94
CA GLY F 18 -4.66 32.50 33.89
C GLY F 18 -5.33 33.70 33.28
N SER F 19 -6.60 33.53 32.88
CA SER F 19 -7.26 34.60 32.15
C SER F 19 -7.71 35.72 33.06
N ARG F 20 -8.15 35.41 34.29
CA ARG F 20 -8.70 36.43 35.16
C ARG F 20 -7.62 37.10 36.04
N LEU F 21 -6.55 36.36 36.34
CA LEU F 21 -5.59 36.86 37.33
C LEU F 21 -4.25 37.19 36.67
N THR F 22 -3.65 36.20 36.01
CA THR F 22 -2.34 36.44 35.40
C THR F 22 -2.40 37.48 34.29
N ALA F 23 -3.42 37.40 33.44
CA ALA F 23 -3.58 38.42 32.42
C ALA F 23 -3.72 39.79 33.05
N TYR F 24 -4.40 39.87 34.20
CA TYR F 24 -4.56 41.15 34.88
C TYR F 24 -3.19 41.68 35.35
N GLU F 25 -2.37 40.83 35.93
CA GLU F 25 -1.07 41.28 36.42
C GLU F 25 -0.15 41.67 35.27
N LEU F 26 -0.17 40.91 34.17
CA LEU F 26 0.68 41.23 33.01
C LEU F 26 0.30 42.56 32.36
N VAL F 27 -1.00 42.84 32.29
CA VAL F 27 -1.44 44.14 31.83
C VAL F 27 -0.91 45.26 32.71
N TYR F 28 -1.03 45.06 34.01
CA TYR F 28 -0.50 46.04 34.97
C TYR F 28 0.99 46.29 34.77
N ASP F 29 1.74 45.21 34.55
CA ASP F 29 3.20 45.26 34.40
C ASP F 29 3.61 45.82 33.03
N LYS F 30 2.66 45.89 32.10
CA LYS F 30 2.96 46.31 30.72
C LYS F 30 3.99 45.39 30.08
N ILE F 31 3.83 44.09 30.35
CA ILE F 31 4.63 43.06 29.71
C ILE F 31 3.88 42.53 28.49
N PRO F 32 4.53 42.52 27.33
CA PRO F 32 3.88 42.08 26.10
C PRO F 32 3.45 40.64 26.21
N SER F 33 2.14 40.43 26.08
CA SER F 33 1.56 39.15 26.44
C SER F 33 0.41 38.84 25.50
N THR F 34 0.19 37.54 25.28
CA THR F 34 -0.98 37.06 24.56
C THR F 34 -1.55 35.85 25.28
N LEU F 35 -2.80 35.96 25.70
CA LEU F 35 -3.46 34.89 26.42
C LEU F 35 -3.90 33.81 25.44
N ILE F 36 -3.71 32.54 25.79
CA ILE F 36 -4.06 31.45 24.88
C ILE F 36 -4.86 30.38 25.61
N THR F 37 -5.63 29.57 24.90
CA THR F 37 -6.34 28.49 25.61
C THR F 37 -5.35 27.42 26.07
N ASP F 38 -5.76 26.66 27.08
CA ASP F 38 -4.91 25.54 27.52
C ASP F 38 -4.60 24.57 26.38
N SER F 39 -5.57 24.40 25.48
CA SER F 39 -5.47 23.41 24.41
C SER F 39 -4.52 23.87 23.30
N SER F 40 -4.06 25.13 23.36
CA SER F 40 -3.35 25.74 22.25
C SER F 40 -1.82 25.70 22.39
N ILE F 41 -1.28 25.05 23.42
CA ILE F 41 0.17 25.13 23.61
C ILE F 41 0.90 24.62 22.38
N ALA F 42 0.53 23.44 21.89
CA ALA F 42 1.28 22.78 20.82
C ALA F 42 1.28 23.64 19.57
N TYR F 43 0.10 24.10 19.16
CA TYR F 43 0.03 24.89 17.95
C TYR F 43 0.64 26.28 18.17
N ARG F 44 0.55 26.78 19.40
CA ARG F 44 1.21 28.04 19.72
C ARG F 44 2.70 27.97 19.43
N ILE F 45 3.35 26.87 19.82
CA ILE F 45 4.79 26.72 19.56
C ILE F 45 5.09 26.85 18.06
N ARG F 46 4.27 26.19 17.24
CA ARG F 46 4.44 26.13 15.80
C ARG F 46 4.28 27.50 15.13
N THR F 47 3.43 28.35 15.70
CA THR F 47 2.97 29.54 14.98
C THR F 47 3.43 30.84 15.63
N SER F 48 4.06 30.75 16.79
CA SER F 48 4.55 31.96 17.46
C SER F 48 5.54 32.69 16.55
N PRO F 49 5.44 34.02 16.47
CA PRO F 49 6.38 34.79 15.64
C PRO F 49 7.78 34.87 16.25
N ILE F 50 7.86 34.55 17.54
CA ILE F 50 9.08 34.62 18.34
C ILE F 50 9.26 33.23 18.97
N PRO F 51 10.48 32.66 18.97
CA PRO F 51 10.64 31.28 19.44
C PRO F 51 10.30 31.14 20.93
N ILE F 52 9.48 30.17 21.31
CA ILE F 52 9.26 29.87 22.73
C ILE F 52 10.46 29.08 23.28
N LYS F 53 11.14 29.63 24.29
CA LYS F 53 12.36 29.01 24.82
C LYS F 53 12.29 28.54 26.27
N ALA F 54 11.16 28.75 26.95
CA ALA F 54 11.00 28.18 28.28
C ALA F 54 9.54 28.18 28.68
N ALA F 55 9.18 27.25 29.56
CA ALA F 55 7.97 27.35 30.36
C ALA F 55 8.39 27.52 31.82
N PHE F 56 7.76 28.46 32.50
CA PHE F 56 7.94 28.62 33.93
C PHE F 56 6.62 28.36 34.62
N VAL F 57 6.65 27.41 35.57
CA VAL F 57 5.46 27.12 36.36
C VAL F 57 5.81 27.28 37.82
N GLY F 58 4.78 27.49 38.63
CA GLY F 58 5.01 27.49 40.08
C GLY F 58 4.87 26.09 40.65
N ALA F 59 4.63 26.01 41.96
CA ALA F 59 4.40 24.71 42.59
C ALA F 59 3.50 24.87 43.81
N ASP F 60 2.80 23.78 44.14
CA ASP F 60 2.05 23.72 45.38
C ASP F 60 2.73 22.83 46.38
N ARG F 61 3.40 21.79 45.90
CA ARG F 61 4.16 20.93 46.81
C ARG F 61 5.26 20.28 45.98
N ILE F 62 6.50 20.43 46.42
CA ILE F 62 7.62 19.71 45.81
C ILE F 62 8.12 18.75 46.88
N VAL F 63 8.06 17.45 46.58
CA VAL F 63 8.47 16.42 47.53
C VAL F 63 9.94 16.05 47.37
N ARG F 64 10.41 15.04 48.09
CA ARG F 64 11.85 14.90 48.28
C ARG F 64 12.60 14.60 46.99
N ASN F 65 11.96 13.89 46.05
CA ASN F 65 12.56 13.58 44.75
C ASN F 65 12.30 14.63 43.68
N GLY F 66 11.74 15.76 44.09
CA GLY F 66 11.47 16.83 43.15
C GLY F 66 10.15 16.72 42.39
N ASP F 67 9.44 15.61 42.54
CA ASP F 67 8.11 15.51 41.94
C ASP F 67 7.25 16.67 42.43
N THR F 68 6.49 17.25 41.52
CA THR F 68 5.85 18.53 41.82
C THR F 68 4.35 18.48 41.61
N ALA F 69 3.60 18.73 42.66
CA ALA F 69 2.17 19.01 42.53
C ALA F 69 2.01 20.48 42.19
N ASN F 70 1.23 20.75 41.15
CA ASN F 70 0.93 22.12 40.73
C ASN F 70 -0.40 22.14 40.00
N LYS F 71 -0.87 23.31 39.60
CA LYS F 71 -2.19 23.43 38.96
C LYS F 71 -2.42 22.39 37.87
N ILE F 72 -3.63 21.80 37.85
CA ILE F 72 -4.01 20.88 36.79
C ILE F 72 -3.64 21.49 35.41
N GLY F 73 -2.95 20.70 34.59
CA GLY F 73 -2.43 21.18 33.32
C GLY F 73 -0.91 21.32 33.32
N THR F 74 -0.30 21.31 34.50
CA THR F 74 1.15 21.51 34.58
C THR F 74 1.89 20.29 34.03
N LEU F 75 1.50 19.09 34.45
CA LEU F 75 2.05 17.88 33.86
C LEU F 75 1.96 17.90 32.34
N GLN F 76 0.79 18.32 31.85
CA GLN F 76 0.53 18.33 30.42
C GLN F 76 1.44 19.32 29.72
N LEU F 77 1.59 20.52 30.28
CA LEU F 77 2.55 21.49 29.74
C LEU F 77 3.97 20.90 29.73
N ALA F 78 4.35 20.20 30.79
CA ALA F 78 5.68 19.59 30.82
C ALA F 78 5.84 18.56 29.70
N VAL F 79 4.79 17.78 29.45
CA VAL F 79 4.88 16.75 28.41
C VAL F 79 5.01 17.39 27.02
N ILE F 80 4.22 18.43 26.79
CA ILE F 80 4.30 19.15 25.51
C ILE F 80 5.69 19.77 25.32
N CYS F 81 6.23 20.38 26.38
CA CYS F 81 7.57 20.96 26.31
C CYS F 81 8.62 19.90 25.99
N LYS F 82 8.48 18.72 26.57
CA LYS F 82 9.43 17.64 26.26
C LYS F 82 9.37 17.27 24.78
N GLN F 83 8.17 17.11 24.25
CA GLN F 83 8.00 16.76 22.86
C GLN F 83 8.64 17.79 21.91
N PHE F 84 8.55 19.08 22.25
CA PHE F 84 9.03 20.18 21.40
C PHE F 84 10.44 20.66 21.78
N GLY F 85 11.04 20.01 22.77
CA GLY F 85 12.39 20.30 23.20
C GLY F 85 12.56 21.60 23.94
N ILE F 86 11.50 22.06 24.60
CA ILE F 86 11.52 23.35 25.30
C ILE F 86 11.81 23.10 26.78
N LYS F 87 12.75 23.86 27.33
CA LYS F 87 13.05 23.83 28.77
C LYS F 87 11.84 24.12 29.65
N PHE F 88 11.69 23.33 30.72
CA PHE F 88 10.55 23.45 31.62
C PHE F 88 11.04 23.61 33.05
N PHE F 89 10.68 24.71 33.71
CA PHE F 89 11.22 25.03 35.03
C PHE F 89 10.08 25.24 36.03
N VAL F 90 10.28 24.66 37.21
CA VAL F 90 9.43 24.88 38.37
C VAL F 90 10.11 25.92 39.23
N VAL F 91 9.34 26.90 39.69
CA VAL F 91 9.87 28.02 40.46
C VAL F 91 9.07 28.05 41.77
N ALA F 92 9.78 27.95 42.89
CA ALA F 92 9.09 27.87 44.17
C ALA F 92 10.04 28.14 45.32
N PRO F 93 9.51 28.69 46.42
CA PRO F 93 10.28 28.94 47.63
C PRO F 93 10.51 27.67 48.46
N LYS F 94 11.50 27.70 49.34
CA LYS F 94 11.67 26.65 50.33
C LYS F 94 10.40 26.30 51.11
N THR F 95 9.54 27.29 51.38
CA THR F 95 8.27 27.01 52.04
C THR F 95 7.33 26.08 51.28
N THR F 96 7.61 25.82 50.00
CA THR F 96 6.82 24.88 49.18
C THR F 96 7.41 23.46 49.15
N ILE F 97 8.55 23.28 49.81
CA ILE F 97 9.13 21.94 49.93
C ILE F 97 8.44 21.10 51.01
N ASP F 98 8.14 19.85 50.65
CA ASP F 98 7.70 18.85 51.62
C ASP F 98 8.89 17.92 51.84
N ASN F 99 9.51 17.98 53.02
CA ASN F 99 10.75 17.24 53.25
C ASN F 99 10.54 15.83 53.81
N VAL F 100 9.30 15.35 53.75
CA VAL F 100 9.00 14.01 54.23
C VAL F 100 8.57 13.06 53.11
N THR F 101 7.56 13.47 52.35
CA THR F 101 6.97 12.65 51.29
C THR F 101 8.04 12.30 50.26
N GLU F 102 8.15 11.03 49.88
CA GLU F 102 9.27 10.60 49.04
C GLU F 102 9.00 10.77 47.55
N THR F 103 7.72 10.68 47.17
CA THR F 103 7.34 10.53 45.77
C THR F 103 6.01 11.22 45.48
N GLY F 104 5.85 11.68 44.24
CA GLY F 104 4.63 12.32 43.82
C GLY F 104 3.42 11.40 43.93
N ASP F 105 3.66 10.09 43.89
CA ASP F 105 2.58 9.12 43.97
C ASP F 105 1.83 9.23 45.30
N ASP F 106 2.46 9.83 46.30
CA ASP F 106 1.90 9.84 47.65
C ASP F 106 1.19 11.16 47.97
N ILE F 107 1.25 12.12 47.05
CA ILE F 107 0.64 13.43 47.27
C ILE F 107 -0.89 13.34 47.16
N ILE F 108 -1.58 13.88 48.16
CA ILE F 108 -3.05 13.90 48.12
C ILE F 108 -3.47 15.07 47.21
N VAL F 109 -4.23 14.77 46.17
CA VAL F 109 -4.62 15.78 45.18
C VAL F 109 -6.08 16.16 45.39
N GLU F 110 -6.32 17.44 45.69
CA GLU F 110 -7.66 17.92 45.98
C GLU F 110 -8.52 17.81 44.72
N GLU F 111 -9.73 17.29 44.88
CA GLU F 111 -10.72 17.36 43.80
C GLU F 111 -11.87 18.25 44.23
N ARG F 112 -12.27 19.16 43.34
CA ARG F 112 -13.22 20.20 43.72
C ARG F 112 -14.63 19.89 43.20
N ASN F 113 -15.61 20.54 43.80
CA ASN F 113 -17.01 20.42 43.43
C ASN F 113 -17.19 20.51 41.92
N PRO F 114 -17.96 19.59 41.35
CA PRO F 114 -18.16 19.58 39.90
C PRO F 114 -18.80 20.86 39.37
N GLU F 115 -19.54 21.58 40.20
CA GLU F 115 -20.19 22.80 39.69
C GLU F 115 -19.14 23.89 39.42
N GLU F 116 -17.98 23.80 40.06
CA GLU F 116 -16.90 24.76 39.77
C GLU F 116 -16.29 24.60 38.37
N PHE F 117 -16.53 23.46 37.74
CA PHE F 117 -16.12 23.20 36.37
C PHE F 117 -17.29 23.55 35.45
N LYS F 118 -18.49 23.09 35.77
CA LYS F 118 -19.60 23.18 34.83
C LYS F 118 -20.17 24.60 34.73
N VAL F 119 -19.88 25.42 35.74
CA VAL F 119 -20.44 26.77 35.83
C VAL F 119 -19.25 27.72 35.82
N VAL F 120 -19.31 28.69 34.91
CA VAL F 120 -18.21 29.64 34.78
C VAL F 120 -18.63 30.97 35.38
N THR F 121 -17.77 31.55 36.21
CA THR F 121 -18.04 32.84 36.85
C THR F 121 -17.28 33.94 36.12
N GLY F 122 -17.92 35.08 35.91
CA GLY F 122 -17.24 36.19 35.26
C GLY F 122 -18.09 37.43 35.35
N THR F 123 -17.68 38.49 34.67
CA THR F 123 -18.46 39.72 34.77
C THR F 123 -19.56 39.67 33.70
N VAL F 124 -20.77 40.10 34.05
CA VAL F 124 -21.89 40.04 33.11
C VAL F 124 -21.65 40.91 31.88
N ILE F 125 -21.87 40.33 30.71
CA ILE F 125 -21.65 41.03 29.44
C ILE F 125 -23.01 41.17 28.79
N ASN F 126 -23.26 42.36 28.23
CA ASN F 126 -24.45 42.66 27.43
C ASN F 126 -24.48 41.81 26.17
N PRO F 127 -25.47 40.92 26.03
CA PRO F 127 -25.43 39.89 24.98
C PRO F 127 -25.83 40.46 23.62
N GLU F 128 -26.28 41.71 23.61
CA GLU F 128 -26.48 42.43 22.36
C GLU F 128 -25.16 43.00 21.85
N ASN F 129 -24.60 43.96 22.58
CA ASN F 129 -23.49 44.77 22.07
C ASN F 129 -22.10 44.46 22.65
N GLY F 130 -22.02 43.51 23.58
CA GLY F 130 -20.72 43.05 24.05
C GLY F 130 -20.05 43.88 25.13
N SER F 131 -20.72 44.92 25.61
CA SER F 131 -20.13 45.76 26.66
C SER F 131 -20.39 45.15 28.03
N LEU F 132 -19.63 45.60 29.03
CA LEU F 132 -19.92 45.29 30.43
C LEU F 132 -21.32 45.82 30.79
N ILE F 133 -22.09 45.00 31.49
CA ILE F 133 -23.28 45.47 32.18
C ILE F 133 -22.89 45.98 33.56
N LEU F 134 -23.23 47.24 33.84
CA LEU F 134 -22.93 47.85 35.13
C LEU F 134 -24.21 48.07 35.92
N ASN F 135 -24.15 47.92 37.23
CA ASN F 135 -25.31 48.27 38.04
C ASN F 135 -25.56 49.76 38.15
N GLU F 136 -26.60 50.13 38.90
CA GLU F 136 -27.05 51.51 39.01
C GLU F 136 -25.96 52.38 39.65
N SER F 137 -25.11 51.74 40.44
CA SER F 137 -24.03 52.39 41.17
C SER F 137 -22.77 52.49 40.32
N GLY F 138 -22.82 51.95 39.13
CA GLY F 138 -21.64 51.95 38.29
C GLY F 138 -20.67 50.79 38.40
N GLU F 139 -21.07 49.72 39.09
CA GLU F 139 -20.16 48.61 39.36
C GLU F 139 -20.46 47.45 38.41
N PRO F 140 -19.42 46.73 38.00
CA PRO F 140 -19.61 45.48 37.24
C PRO F 140 -20.46 44.52 38.05
N ILE F 141 -21.14 43.60 37.37
CA ILE F 141 -21.99 42.63 38.07
C ILE F 141 -21.37 41.26 37.86
N THR F 142 -21.20 40.49 38.93
CA THR F 142 -20.75 39.12 38.80
C THR F 142 -21.90 38.25 38.29
N GLY F 143 -21.61 37.38 37.33
CA GLY F 143 -22.62 36.48 36.81
C GLY F 143 -22.02 35.11 36.66
N LYS F 144 -22.89 34.13 36.46
CA LYS F 144 -22.41 32.76 36.25
C LYS F 144 -23.17 32.16 35.08
N VAL F 145 -22.50 31.34 34.26
CA VAL F 145 -23.20 30.65 33.17
C VAL F 145 -22.85 29.16 33.15
N GLY F 146 -23.83 28.33 32.81
CA GLY F 146 -23.59 26.88 32.74
C GLY F 146 -23.13 26.48 31.36
N ILE F 147 -22.04 25.70 31.28
CA ILE F 147 -21.47 25.27 30.01
C ILE F 147 -21.52 23.77 29.76
N ALA F 148 -22.32 23.07 30.55
CA ALA F 148 -22.49 21.62 30.39
C ALA F 148 -23.88 21.23 30.89
N PRO F 149 -24.41 20.11 30.41
CA PRO F 149 -25.64 19.55 30.98
C PRO F 149 -25.44 19.28 32.47
N LEU F 150 -26.50 19.50 33.24
CA LEU F 150 -26.65 18.95 34.59
C LEU F 150 -26.21 17.49 34.68
N GLU F 151 -26.56 16.69 33.67
CA GLU F 151 -26.43 15.23 33.74
C GLU F 151 -25.01 14.70 33.68
N ILE F 152 -24.07 15.47 33.12
CA ILE F 152 -22.75 14.90 32.88
C ILE F 152 -21.87 14.85 34.14
N ASN F 153 -21.27 13.69 34.38
CA ASN F 153 -20.17 13.49 35.33
C ASN F 153 -18.96 14.26 34.80
N VAL F 154 -18.22 14.92 35.69
CA VAL F 154 -16.97 15.55 35.34
C VAL F 154 -15.86 15.10 36.27
N TRP F 155 -14.63 15.30 35.83
CA TRP F 155 -13.48 15.09 36.70
C TRP F 155 -12.90 16.47 36.97
N ASN F 156 -12.75 16.81 38.24
CA ASN F 156 -12.26 18.14 38.62
C ASN F 156 -11.10 18.15 39.62
N PRO F 157 -9.96 17.57 39.25
CA PRO F 157 -8.77 17.66 40.11
C PRO F 157 -8.20 19.09 40.01
N ALA F 158 -7.84 19.66 41.15
CA ALA F 158 -7.32 21.02 41.19
C ALA F 158 -5.83 21.02 40.84
N PHE F 159 -5.21 19.85 40.87
CA PHE F 159 -3.76 19.76 40.62
C PHE F 159 -3.46 18.52 39.80
N ASP F 160 -2.30 18.51 39.14
CA ASP F 160 -1.71 17.25 38.72
C ASP F 160 -0.29 17.09 39.24
N ILE F 161 0.36 15.96 38.96
CA ILE F 161 1.70 15.69 39.48
C ILE F 161 2.63 15.61 38.29
N THR F 162 3.68 16.44 38.30
CA THR F 162 4.71 16.36 37.26
C THR F 162 5.89 15.60 37.84
N PRO F 163 6.24 14.46 37.26
CA PRO F 163 7.38 13.69 37.76
C PRO F 163 8.68 14.43 37.48
N HIS F 164 9.67 14.23 38.36
CA HIS F 164 10.93 14.96 38.27
C HIS F 164 11.63 14.74 36.94
N GLU F 165 11.36 13.61 36.29
CA GLU F 165 12.04 13.35 35.03
C GLU F 165 11.70 14.41 33.97
N LEU F 166 10.53 15.05 34.11
CA LEU F 166 10.14 16.09 33.13
C LEU F 166 10.52 17.51 33.53
N ILE F 167 11.22 17.68 34.64
CA ILE F 167 11.49 19.03 35.13
C ILE F 167 12.97 19.32 34.88
N ASP F 168 13.30 20.42 34.19
CA ASP F 168 14.69 20.71 33.86
C ASP F 168 15.46 21.43 34.95
N GLY F 169 14.74 22.11 35.84
CA GLY F 169 15.35 22.75 36.99
C GLY F 169 14.28 23.24 37.94
N ILE F 170 14.63 23.32 39.21
CA ILE F 170 13.81 23.89 40.27
C ILE F 170 14.50 25.17 40.71
N ILE F 171 13.83 26.29 40.46
CA ILE F 171 14.38 27.61 40.70
C ILE F 171 13.87 28.13 42.03
N THR F 172 14.78 28.45 42.94
CA THR F 172 14.40 28.90 44.28
C THR F 172 15.23 30.11 44.72
N GLU F 173 14.92 30.64 45.90
CA GLU F 173 15.68 31.75 46.44
C GLU F 173 17.10 31.35 46.84
N GLU F 174 17.35 30.04 46.89
CA GLU F 174 18.67 29.53 47.29
C GLU F 174 19.49 29.17 46.06
N GLY F 175 18.90 29.32 44.88
CA GLY F 175 19.59 29.03 43.64
C GLY F 175 18.80 28.03 42.81
N VAL F 176 19.38 27.60 41.69
CA VAL F 176 18.67 26.72 40.77
C VAL F 176 19.18 25.30 40.98
N PHE F 177 18.27 24.38 41.25
CA PHE F 177 18.64 22.99 41.50
C PHE F 177 18.47 22.23 40.19
N THR F 178 19.48 21.46 39.81
CA THR F 178 19.33 20.68 38.59
C THR F 178 19.70 19.22 38.89
N LYS F 179 19.42 18.39 37.91
CA LYS F 179 19.52 16.95 38.11
C LYS F 179 20.95 16.46 37.92
N ASN F 180 21.28 15.41 38.66
CA ASN F 180 22.56 14.76 38.48
C ASN F 180 22.55 13.86 37.24
N SER F 181 23.62 13.10 37.06
CA SER F 181 23.80 12.33 35.83
C SER F 181 22.79 11.18 35.72
N SER F 182 22.24 10.78 36.86
CA SER F 182 21.17 9.78 37.02
C SER F 182 19.77 10.30 36.79
N GLY F 183 19.61 11.61 36.60
CA GLY F 183 18.31 12.23 36.48
C GLY F 183 17.60 12.52 37.80
N GLU F 184 18.37 12.72 38.85
CA GLU F 184 17.79 12.97 40.17
C GLU F 184 18.21 14.33 40.73
N PHE F 185 17.27 14.98 41.41
CA PHE F 185 17.57 16.19 42.17
C PHE F 185 18.18 15.85 43.51
N GLN F 186 19.04 16.74 44.02
CA GLN F 186 19.54 16.61 45.38
C GLN F 186 19.10 17.85 46.14
N LEU F 187 17.90 17.78 46.72
CA LEU F 187 17.29 18.92 47.38
C LEU F 187 17.59 19.02 48.86
N GLU F 188 18.60 18.26 49.33
CA GLU F 188 18.80 18.08 50.77
C GLU F 188 18.96 19.42 51.51
N SER F 189 19.60 20.39 50.87
CA SER F 189 19.77 21.68 51.52
C SER F 189 18.45 22.40 51.79
N LEU F 190 17.39 22.06 51.04
CA LEU F 190 16.07 22.63 51.25
C LEU F 190 15.32 21.93 52.38
N PHE F 191 15.81 20.77 52.82
CA PHE F 191 15.11 19.99 53.85
C PHE F 191 15.53 20.46 55.25
N SER G 2 8.36 -47.34 -44.25
CA SER G 2 8.80 -46.91 -42.90
C SER G 2 9.31 -45.47 -42.93
N LEU G 3 10.50 -45.27 -43.49
CA LEU G 3 11.10 -43.93 -43.52
C LEU G 3 11.20 -43.35 -44.92
N GLU G 4 10.59 -44.01 -45.90
CA GLU G 4 10.72 -43.56 -47.28
C GLU G 4 9.63 -42.54 -47.63
N ALA G 5 10.01 -41.28 -47.72
CA ALA G 5 9.07 -40.19 -47.89
C ALA G 5 8.32 -40.28 -49.22
N ILE G 6 9.01 -40.77 -50.24
CA ILE G 6 8.44 -40.82 -51.59
C ILE G 6 8.63 -42.22 -52.18
N VAL G 7 7.53 -42.84 -52.57
CA VAL G 7 7.55 -44.17 -53.18
C VAL G 7 7.28 -44.13 -54.68
N PHE G 8 8.37 -44.28 -55.44
CA PHE G 8 8.40 -44.03 -56.88
C PHE G 8 8.66 -45.38 -57.54
N ASP G 9 7.64 -45.93 -58.20
CA ASP G 9 7.80 -47.15 -58.97
C ASP G 9 8.21 -46.80 -60.40
N ARG G 10 9.51 -46.97 -60.69
CA ARG G 10 10.06 -46.53 -61.95
C ARG G 10 10.18 -47.69 -62.93
N SER G 11 9.70 -48.86 -62.50
CA SER G 11 9.99 -50.11 -63.19
C SER G 11 9.32 -50.19 -64.56
N GLU G 12 8.24 -49.44 -64.75
CA GLU G 12 7.63 -49.28 -66.07
C GLU G 12 7.74 -47.84 -66.53
N PRO G 13 8.79 -47.55 -67.30
CA PRO G 13 9.18 -46.15 -67.56
C PRO G 13 8.09 -45.30 -68.19
N GLU G 14 7.19 -45.90 -68.94
CA GLU G 14 6.14 -45.15 -69.63
C GLU G 14 4.87 -45.02 -68.78
N ASN G 15 4.85 -45.69 -67.64
CA ASN G 15 3.69 -45.67 -66.76
C ASN G 15 4.13 -45.75 -65.31
N VAL G 16 4.77 -44.69 -64.83
CA VAL G 16 5.29 -44.70 -63.46
C VAL G 16 4.16 -44.52 -62.46
N SER G 17 4.40 -44.97 -61.24
CA SER G 17 3.53 -44.60 -60.13
C SER G 17 4.27 -43.95 -58.97
N VAL G 18 3.59 -43.01 -58.32
CA VAL G 18 4.19 -42.21 -57.28
C VAL G 18 3.17 -42.08 -56.16
N LYS G 19 3.60 -42.36 -54.93
CA LYS G 19 2.79 -42.04 -53.76
C LYS G 19 3.71 -41.55 -52.65
N VAL G 20 3.21 -40.70 -51.75
CA VAL G 20 4.04 -40.07 -50.72
C VAL G 20 3.48 -40.33 -49.32
N LEU G 21 4.36 -40.48 -48.34
CA LEU G 21 3.94 -40.57 -46.94
C LEU G 21 3.36 -39.24 -46.53
N ASP G 22 2.23 -39.27 -45.84
CA ASP G 22 1.70 -38.04 -45.26
C ASP G 22 2.42 -37.74 -43.95
N GLN G 23 3.37 -36.80 -44.01
CA GLN G 23 4.26 -36.55 -42.88
C GLN G 23 3.55 -35.78 -41.77
N LEU G 24 2.35 -35.29 -42.05
CA LEU G 24 1.51 -34.67 -41.01
C LEU G 24 1.11 -35.67 -39.93
N LEU G 25 1.07 -36.95 -40.29
CA LEU G 25 0.45 -37.97 -39.45
C LEU G 25 1.45 -38.88 -38.74
N LEU G 26 2.71 -38.82 -39.15
CA LEU G 26 3.77 -39.58 -38.49
C LEU G 26 3.98 -39.04 -37.06
N PRO G 27 4.55 -39.83 -36.16
CA PRO G 27 5.01 -41.20 -36.42
C PRO G 27 3.98 -42.32 -36.21
N TYR G 28 2.82 -42.06 -35.60
CA TYR G 28 1.92 -43.16 -35.26
C TYR G 28 1.07 -43.68 -36.40
N THR G 29 0.93 -42.85 -37.43
CA THR G 29 0.04 -43.18 -38.54
C THR G 29 0.80 -43.12 -39.85
N THR G 30 0.72 -44.21 -40.61
CA THR G 30 1.45 -44.32 -41.86
C THR G 30 0.44 -44.39 -43.00
N LYS G 31 0.29 -43.29 -43.75
CA LYS G 31 -0.70 -43.21 -44.80
C LYS G 31 -0.12 -42.59 -46.07
N TYR G 32 -0.49 -43.13 -47.22
CA TYR G 32 0.07 -42.66 -48.48
C TYR G 32 -0.91 -41.81 -49.27
N VAL G 33 -0.36 -40.83 -49.97
CA VAL G 33 -1.13 -40.00 -50.89
C VAL G 33 -0.58 -40.24 -52.31
N PRO G 34 -1.42 -40.78 -53.19
CA PRO G 34 -1.07 -40.93 -54.61
C PRO G 34 -0.87 -39.58 -55.29
N ILE G 35 0.13 -39.52 -56.18
CA ILE G 35 0.38 -38.32 -56.96
C ILE G 35 0.09 -38.67 -58.41
N HIS G 36 -0.87 -37.98 -59.02
CA HIS G 36 -1.25 -38.22 -60.41
C HIS G 36 -1.02 -36.99 -61.29
N THR G 37 -1.17 -35.80 -60.70
CA THR G 37 -1.08 -34.53 -61.44
C THR G 37 -0.23 -33.50 -60.73
N ILE G 38 0.07 -32.41 -61.43
CA ILE G 38 0.74 -31.27 -60.81
C ILE G 38 -0.09 -30.65 -59.70
N ASP G 39 -1.42 -30.73 -59.81
CA ASP G 39 -2.31 -30.39 -58.71
C ASP G 39 -2.03 -31.13 -57.41
N ASP G 40 -1.82 -32.43 -57.52
CA ASP G 40 -1.49 -33.26 -56.36
C ASP G 40 -0.13 -32.85 -55.83
N GLY G 41 0.83 -32.63 -56.74
CA GLY G 41 2.14 -32.16 -56.35
C GLY G 41 2.08 -30.85 -55.58
N TYR G 42 1.42 -29.85 -56.16
CA TYR G 42 1.19 -28.59 -55.47
C TYR G 42 0.57 -28.80 -54.09
N SER G 43 -0.45 -29.65 -54.02
CA SER G 43 -1.25 -29.79 -52.80
C SER G 43 -0.44 -30.43 -51.67
N VAL G 44 0.28 -31.50 -51.96
CA VAL G 44 1.06 -32.13 -50.89
C VAL G 44 2.22 -31.27 -50.41
N ILE G 45 2.80 -30.48 -51.32
CA ILE G 45 3.83 -29.51 -50.94
C ILE G 45 3.23 -28.35 -50.12
N LYS G 46 2.17 -27.73 -50.63
CA LYS G 46 1.63 -26.57 -49.91
C LYS G 46 1.17 -26.94 -48.51
N SER G 47 0.55 -28.11 -48.38
CA SER G 47 0.02 -28.55 -47.10
C SER G 47 1.06 -29.24 -46.22
N GLN G 49 2.35 -32.15 -46.48
CA GLN G 49 2.28 -33.61 -46.39
C GLN G 49 3.60 -34.21 -46.88
N VAL G 50 4.20 -33.61 -47.91
CA VAL G 50 5.63 -33.79 -48.16
C VAL G 50 6.34 -32.52 -47.74
N ARG G 51 7.47 -32.65 -47.05
CA ARG G 51 8.33 -31.50 -46.78
C ARG G 51 9.80 -31.92 -46.63
N GLY G 52 10.67 -30.94 -46.46
CA GLY G 52 12.10 -31.15 -46.61
C GLY G 52 12.50 -30.71 -48.00
N ALA G 53 13.52 -29.87 -48.11
CA ALA G 53 13.81 -29.17 -49.36
C ALA G 53 13.95 -30.09 -50.58
N PRO G 54 14.80 -31.11 -50.50
CA PRO G 54 14.95 -32.05 -51.61
C PRO G 54 13.69 -32.87 -51.88
N ALA G 55 13.02 -33.37 -50.84
CA ALA G 55 11.81 -34.15 -51.06
C ALA G 55 10.75 -33.33 -51.79
N ILE G 56 10.65 -32.03 -51.47
CA ILE G 56 9.75 -31.13 -52.18
C ILE G 56 10.10 -31.05 -53.67
N ALA G 57 11.38 -30.87 -53.98
CA ALA G 57 11.84 -30.84 -55.36
C ALA G 57 11.52 -32.15 -56.08
N ILE G 58 11.70 -33.27 -55.39
CA ILE G 58 11.49 -34.58 -56.00
C ILE G 58 10.02 -34.84 -56.30
N VAL G 59 9.16 -34.69 -55.29
CA VAL G 59 7.71 -34.86 -55.50
C VAL G 59 7.17 -33.88 -56.53
N GLY G 60 7.64 -32.64 -56.49
CA GLY G 60 7.25 -31.66 -57.49
C GLY G 60 7.59 -32.19 -58.88
N SER G 61 8.84 -32.57 -59.06
CA SER G 61 9.33 -33.06 -60.34
C SER G 61 8.56 -34.28 -60.82
N LEU G 62 8.38 -35.26 -59.94
CA LEU G 62 7.59 -36.46 -60.22
C LEU G 62 6.15 -36.13 -60.63
N SER G 63 5.54 -35.14 -59.97
CA SER G 63 4.17 -34.75 -60.30
C SER G 63 4.04 -34.25 -61.75
N VAL G 64 5.12 -33.67 -62.26
CA VAL G 64 5.12 -33.23 -63.65
C VAL G 64 5.11 -34.45 -64.55
N LEU G 65 5.91 -35.45 -64.17
CA LEU G 65 5.97 -36.70 -64.90
C LEU G 65 4.61 -37.41 -64.92
N THR G 66 3.98 -37.53 -63.76
CA THR G 66 2.69 -38.20 -63.69
C THR G 66 1.63 -37.45 -64.51
N GLU G 67 1.69 -36.12 -64.50
CA GLU G 67 0.78 -35.33 -65.33
C GLU G 67 1.01 -35.56 -66.82
N VAL G 68 2.27 -35.52 -67.25
CA VAL G 68 2.57 -35.67 -68.67
C VAL G 68 2.16 -37.05 -69.16
N GLN G 69 2.37 -38.07 -68.33
CA GLN G 69 2.01 -39.42 -68.74
C GLN G 69 0.49 -39.62 -68.76
N LEU G 70 -0.21 -38.98 -67.82
CA LEU G 70 -1.68 -39.01 -67.78
C LEU G 70 -2.31 -38.36 -69.01
N ILE G 71 -1.79 -37.21 -69.41
CA ILE G 71 -2.33 -36.56 -70.59
C ILE G 71 -1.97 -37.29 -71.89
N LYS G 72 -0.85 -38.02 -71.88
CA LYS G 72 -0.53 -38.95 -72.97
C LYS G 72 -1.53 -40.10 -73.03
N HIS G 73 -1.67 -40.83 -71.92
CA HIS G 73 -2.51 -42.02 -71.87
C HIS G 73 -4.00 -41.72 -72.05
N ASN G 74 -4.43 -40.53 -71.66
CA ASN G 74 -5.85 -40.19 -71.65
C ASN G 74 -6.17 -38.71 -71.90
N PRO G 75 -6.35 -38.36 -73.17
CA PRO G 75 -6.66 -36.98 -73.57
C PRO G 75 -7.96 -36.41 -73.00
N THR G 76 -8.78 -37.26 -72.38
CA THR G 76 -10.09 -36.84 -71.91
C THR G 76 -10.19 -36.59 -70.40
N SER G 77 -9.14 -36.92 -69.66
CA SER G 77 -9.12 -36.69 -68.21
C SER G 77 -9.27 -35.20 -67.90
N ASP G 78 -9.69 -34.87 -66.69
CA ASP G 78 -9.91 -33.47 -66.31
C ASP G 78 -8.66 -32.64 -66.59
N VAL G 79 -7.51 -33.11 -66.11
CA VAL G 79 -6.29 -32.33 -66.31
C VAL G 79 -5.96 -32.22 -67.79
N ALA G 80 -6.25 -33.27 -68.55
CA ALA G 80 -5.94 -33.25 -69.97
C ALA G 80 -6.69 -32.14 -70.72
N THR G 81 -7.90 -31.83 -70.27
CA THR G 81 -8.72 -30.86 -70.98
C THR G 81 -8.18 -29.44 -70.80
N LEU G 82 -7.11 -29.30 -70.03
CA LEU G 82 -6.39 -28.03 -69.93
C LEU G 82 -5.48 -27.86 -71.13
N TYR G 83 -5.29 -28.95 -71.87
CA TYR G 83 -4.34 -28.97 -72.99
C TYR G 83 -5.06 -29.16 -74.31
N SER G 84 -4.55 -28.49 -75.34
CA SER G 84 -4.82 -28.90 -76.72
C SER G 84 -3.66 -29.75 -77.23
N LEU G 85 -3.83 -31.07 -77.14
CA LEU G 85 -2.70 -31.99 -77.32
C LEU G 85 -2.31 -32.16 -78.79
N VAL G 86 -3.20 -31.77 -79.70
CA VAL G 86 -2.93 -31.85 -81.13
C VAL G 86 -1.84 -30.85 -81.52
N ASN G 87 -1.59 -29.87 -80.65
CA ASN G 87 -0.70 -28.75 -80.96
C ASN G 87 0.41 -28.61 -79.93
N TRP G 88 1.64 -28.95 -80.33
CA TRP G 88 2.78 -29.04 -79.40
C TRP G 88 3.16 -27.72 -78.74
N GLU G 89 3.17 -26.63 -79.52
CA GLU G 89 3.47 -25.30 -79.02
C GLU G 89 2.46 -24.81 -77.96
N SER G 90 1.18 -25.11 -78.17
CA SER G 90 0.14 -24.73 -77.22
C SER G 90 0.24 -25.55 -75.93
N THR G 91 0.63 -26.82 -76.07
CA THR G 91 0.86 -27.73 -74.94
C THR G 91 2.01 -27.28 -74.06
N LYS G 92 3.12 -26.91 -74.69
CA LYS G 92 4.32 -26.50 -73.96
C LYS G 92 3.98 -25.29 -73.10
N THR G 93 3.13 -24.43 -73.65
CA THR G 93 2.72 -23.20 -73.02
C THR G 93 1.98 -23.48 -71.72
N VAL G 94 1.07 -24.45 -71.79
CA VAL G 94 0.25 -24.83 -70.66
C VAL G 94 1.11 -25.55 -69.62
N LEU G 95 2.00 -26.43 -70.07
CA LEU G 95 2.99 -27.04 -69.19
C LEU G 95 3.77 -25.98 -68.43
N ASN G 96 4.23 -24.95 -69.15
CA ASN G 96 5.06 -23.92 -68.53
C ASN G 96 4.28 -23.15 -67.46
N LYS G 97 3.04 -22.83 -67.75
CA LYS G 97 2.14 -22.21 -66.78
C LYS G 97 1.92 -23.09 -65.54
N ARG G 98 1.69 -24.38 -65.76
CA ARG G 98 1.52 -25.30 -64.64
C ARG G 98 2.80 -25.44 -63.82
N LEU G 99 3.94 -25.31 -64.48
CA LEU G 99 5.22 -25.35 -63.76
C LEU G 99 5.37 -24.12 -62.86
N ASP G 100 4.91 -22.98 -63.35
CA ASP G 100 4.87 -21.75 -62.57
C ASP G 100 3.92 -21.88 -61.39
N PHE G 101 2.78 -22.54 -61.61
CA PHE G 101 1.83 -22.82 -60.54
C PHE G 101 2.50 -23.67 -59.47
N LEU G 102 3.07 -24.79 -59.88
CA LEU G 102 3.80 -25.68 -58.98
C LEU G 102 4.87 -24.97 -58.19
N LEU G 103 5.65 -24.10 -58.84
CA LEU G 103 6.68 -23.30 -58.19
C LEU G 103 6.13 -22.49 -57.01
N SER G 104 4.88 -22.05 -57.13
CA SER G 104 4.31 -21.13 -56.16
C SER G 104 3.88 -21.85 -54.87
N SER G 105 3.91 -23.18 -54.90
CA SER G 105 3.58 -23.95 -53.70
C SER G 105 4.23 -23.45 -52.41
N ARG G 106 5.56 -23.46 -52.34
CA ARG G 106 6.29 -22.94 -51.17
C ARG G 106 7.58 -22.32 -51.70
N PRO G 107 7.82 -21.06 -51.37
CA PRO G 107 8.88 -20.26 -52.01
C PRO G 107 10.29 -20.39 -51.46
N THR G 108 10.47 -20.77 -50.20
CA THR G 108 11.75 -20.49 -49.56
C THR G 108 12.88 -21.44 -49.98
N ALA G 109 12.64 -22.74 -49.88
CA ALA G 109 13.67 -23.70 -50.26
C ALA G 109 13.84 -23.61 -51.78
N VAL G 110 15.08 -23.58 -52.25
CA VAL G 110 15.36 -23.30 -53.65
C VAL G 110 15.40 -24.57 -54.49
N ASN G 111 15.47 -25.75 -53.86
CA ASN G 111 15.59 -26.99 -54.61
C ASN G 111 14.51 -27.15 -55.69
N LEU G 112 13.26 -26.83 -55.35
CA LEU G 112 12.16 -26.98 -56.28
C LEU G 112 12.42 -26.12 -57.53
N SER G 113 12.69 -24.85 -57.32
CA SER G 113 13.00 -23.93 -58.42
C SER G 113 14.16 -24.47 -59.25
N ASN G 114 15.20 -24.95 -58.60
CA ASN G 114 16.36 -25.47 -59.34
C ASN G 114 15.96 -26.64 -60.25
N SER G 115 15.14 -27.56 -59.73
CA SER G 115 14.61 -28.65 -60.56
C SER G 115 13.69 -28.17 -61.68
N LEU G 116 12.80 -27.24 -61.40
CA LEU G 116 11.84 -26.79 -62.41
C LEU G 116 12.51 -26.02 -63.55
N VAL G 117 13.58 -25.29 -63.24
CA VAL G 117 14.38 -24.66 -64.28
C VAL G 117 14.98 -25.70 -65.23
N GLU G 118 15.54 -26.76 -64.66
CA GLU G 118 16.12 -27.83 -65.46
C GLU G 118 15.02 -28.52 -66.29
N ILE G 119 13.83 -28.70 -65.71
CA ILE G 119 12.71 -29.30 -66.44
C ILE G 119 12.22 -28.40 -67.59
N LYS G 120 12.17 -27.10 -67.38
CA LYS G 120 11.80 -26.16 -68.43
C LYS G 120 12.81 -26.21 -69.58
N ASN G 121 14.09 -26.32 -69.22
CA ASN G 121 15.16 -26.51 -70.21
C ASN G 121 15.04 -27.79 -71.01
N ILE G 122 14.75 -28.90 -70.33
CA ILE G 122 14.49 -30.16 -71.02
C ILE G 122 13.29 -30.04 -71.95
N LEU G 123 12.27 -29.32 -71.50
CA LEU G 123 11.05 -29.13 -72.28
C LEU G 123 11.30 -28.32 -73.57
N LYS G 124 12.11 -27.28 -73.45
CA LYS G 124 12.52 -26.47 -74.60
C LYS G 124 13.28 -27.27 -75.65
N SER G 125 14.03 -28.29 -75.24
CA SER G 125 14.74 -29.12 -76.21
C SER G 125 13.94 -30.34 -76.67
N SER G 126 12.66 -30.38 -76.35
CA SER G 126 11.83 -31.55 -76.66
C SER G 126 10.91 -31.32 -77.86
N SER G 127 11.00 -32.22 -78.84
CA SER G 127 10.30 -32.01 -80.12
C SER G 127 8.81 -32.32 -80.04
N ASP G 128 8.42 -33.11 -79.03
CA ASP G 128 7.02 -33.45 -78.82
C ASP G 128 6.82 -34.02 -77.42
N LEU G 129 5.56 -34.23 -77.05
CA LEU G 129 5.24 -34.74 -75.72
C LEU G 129 5.91 -36.09 -75.40
N LYS G 130 6.03 -36.95 -76.40
CA LYS G 130 6.63 -38.26 -76.20
C LYS G 130 8.13 -38.14 -75.85
N ALA G 131 8.83 -37.22 -76.51
CA ALA G 131 10.25 -37.03 -76.24
C ALA G 131 10.46 -36.43 -74.83
N PHE G 132 9.63 -35.44 -74.50
CA PHE G 132 9.62 -34.84 -73.16
C PHE G 132 9.41 -35.86 -72.05
N ASP G 133 8.42 -36.72 -72.26
CA ASP G 133 8.12 -37.81 -71.36
C ASP G 133 9.38 -38.60 -71.02
N GLY G 134 10.00 -39.20 -72.03
CA GLY G 134 11.17 -40.03 -71.81
C GLY G 134 12.33 -39.30 -71.16
N SER G 135 12.54 -38.04 -71.54
CA SER G 135 13.66 -37.25 -71.03
C SER G 135 13.39 -36.80 -69.60
N LEU G 136 12.13 -36.51 -69.30
CA LEU G 136 11.74 -36.17 -67.94
C LEU G 136 11.91 -37.38 -67.03
N TYR G 137 11.51 -38.56 -67.50
CA TYR G 137 11.76 -39.78 -66.75
C TYR G 137 13.25 -39.93 -66.39
N ASN G 138 14.14 -39.73 -67.36
CA ASN G 138 15.56 -39.89 -67.06
C ASN G 138 16.04 -38.85 -66.07
N TYR G 139 15.59 -37.61 -66.26
CA TYR G 139 15.91 -36.52 -65.35
C TYR G 139 15.49 -36.81 -63.90
N VAL G 140 14.24 -37.20 -63.68
CA VAL G 140 13.79 -37.40 -62.30
C VAL G 140 14.49 -38.59 -61.67
N CYS G 141 14.72 -39.64 -62.46
CA CYS G 141 15.47 -40.77 -61.96
C CYS G 141 16.84 -40.31 -61.45
N GLU G 142 17.49 -39.43 -62.20
CA GLU G 142 18.82 -38.99 -61.84
C GLU G 142 18.84 -38.02 -60.67
N LEU G 143 17.86 -37.12 -60.65
CA LEU G 143 17.63 -36.25 -59.48
C LEU G 143 17.60 -37.08 -58.19
N ILE G 144 16.78 -38.11 -58.17
CA ILE G 144 16.61 -38.96 -57.00
C ILE G 144 17.88 -39.73 -56.69
N ASP G 145 18.44 -40.35 -57.74
CA ASP G 145 19.62 -41.18 -57.55
C ASP G 145 20.84 -40.37 -57.13
N GLU G 146 21.02 -39.18 -57.69
CA GLU G 146 22.11 -38.31 -57.27
C GLU G 146 21.84 -37.76 -55.86
N ASP G 147 20.56 -37.52 -55.54
CA ASP G 147 20.23 -37.08 -54.20
C ASP G 147 20.70 -38.07 -53.12
N LEU G 148 20.39 -39.36 -53.28
CA LEU G 148 20.79 -40.38 -52.33
C LEU G 148 22.31 -40.54 -52.28
N ALA G 149 22.95 -40.64 -53.44
CA ALA G 149 24.38 -40.89 -53.48
C ALA G 149 25.12 -39.69 -52.89
N ASN G 150 24.65 -38.49 -53.22
CA ASN G 150 25.21 -37.27 -52.65
C ASN G 150 24.96 -37.10 -51.15
N ASN G 151 23.81 -37.55 -50.66
CA ASN G 151 23.57 -37.59 -49.22
C ASN G 151 24.60 -38.43 -48.47
N LYS G 153 27.60 -39.32 -49.64
CA LYS G 153 28.91 -38.71 -49.85
C LYS G 153 29.16 -37.57 -48.88
N GLY G 155 27.53 -37.04 -46.12
CA GLY G 155 27.49 -37.62 -44.79
C GLY G 155 28.87 -38.05 -44.34
N ASP G 156 29.54 -38.79 -45.21
CA ASP G 156 30.92 -39.22 -44.97
C ASP G 156 31.89 -38.05 -44.88
N ASN G 157 31.76 -37.08 -45.79
CA ASN G 157 32.61 -35.89 -45.80
C ASN G 157 32.54 -35.14 -44.48
N GLY G 158 31.33 -34.92 -44.01
CA GLY G 158 31.11 -34.23 -42.75
C GLY G 158 31.62 -34.99 -41.52
N ALA G 159 31.37 -36.29 -41.47
CA ALA G 159 31.85 -37.11 -40.36
C ALA G 159 33.38 -37.09 -40.30
N LYS G 160 34.02 -37.37 -41.43
CA LYS G 160 35.48 -37.33 -41.53
C LYS G 160 36.00 -35.96 -41.09
N TYR G 161 35.33 -34.91 -41.55
CA TYR G 161 35.74 -33.55 -41.22
C TYR G 161 35.74 -33.27 -39.72
N LEU G 162 34.65 -33.59 -39.04
CA LEU G 162 34.56 -33.32 -37.60
C LEU G 162 35.57 -34.14 -36.80
N ILE G 163 35.65 -35.43 -37.07
CA ILE G 163 36.61 -36.27 -36.36
C ILE G 163 38.01 -35.68 -36.56
N ASP G 164 38.33 -35.33 -37.79
CA ASP G 164 39.55 -34.59 -38.13
C ASP G 164 39.82 -33.39 -37.25
N VAL G 165 38.87 -32.47 -37.22
CA VAL G 165 38.99 -31.24 -36.44
C VAL G 165 39.16 -31.58 -34.96
N LEU G 166 38.37 -32.52 -34.46
CA LEU G 166 38.46 -32.88 -33.05
C LEU G 166 39.83 -33.45 -32.71
N GLN G 167 40.29 -34.38 -33.52
CA GLN G 167 41.58 -35.03 -33.27
C GLN G 167 42.73 -34.03 -33.25
N LYS G 168 42.73 -33.10 -34.21
CA LYS G 168 43.71 -32.03 -34.25
C LYS G 168 43.68 -31.13 -33.01
N ASP G 169 42.47 -30.86 -32.49
CA ASP G 169 42.31 -29.98 -31.33
C ASP G 169 42.63 -30.71 -30.03
N GLY G 170 42.97 -32.00 -30.15
CA GLY G 170 43.38 -32.80 -29.01
C GLY G 170 42.23 -33.49 -28.31
N PHE G 171 41.02 -33.37 -28.85
CA PHE G 171 39.85 -34.04 -28.27
C PHE G 171 39.83 -35.51 -28.62
N LYS G 172 39.69 -36.37 -27.61
CA LYS G 172 39.88 -37.80 -27.78
C LYS G 172 38.75 -38.62 -27.19
N ASP G 173 37.70 -37.95 -26.71
CA ASP G 173 36.66 -38.64 -25.96
C ASP G 173 35.35 -38.82 -26.71
N GLU G 174 34.36 -39.41 -26.05
CA GLU G 174 32.98 -39.41 -26.51
C GLU G 174 32.44 -37.98 -26.58
N PHE G 175 31.67 -37.68 -27.62
CA PHE G 175 31.01 -36.38 -27.74
C PHE G 175 29.56 -36.49 -28.19
N ALA G 176 28.83 -35.40 -28.01
CA ALA G 176 27.44 -35.32 -28.45
C ALA G 176 27.27 -34.24 -29.52
N VAL G 177 26.17 -34.33 -30.26
CA VAL G 177 25.84 -33.31 -31.25
C VAL G 177 24.40 -32.86 -31.09
N LEU G 178 24.13 -31.65 -31.57
CA LEU G 178 22.79 -31.10 -31.63
C LEU G 178 22.32 -31.12 -33.08
N THR G 179 21.02 -31.30 -33.30
CA THR G 179 20.48 -31.06 -34.63
C THR G 179 19.08 -30.49 -34.57
N ILE G 180 18.60 -29.99 -35.70
CA ILE G 180 17.31 -29.29 -35.76
C ILE G 180 16.50 -29.79 -36.95
N CYS G 181 15.18 -29.75 -36.81
CA CYS G 181 14.26 -30.04 -37.91
C CYS G 181 14.36 -31.51 -38.28
N ASN G 182 14.01 -31.85 -39.51
CA ASN G 182 14.23 -33.20 -40.01
C ASN G 182 14.93 -33.11 -41.35
N THR G 183 16.09 -33.78 -41.41
CA THR G 183 16.94 -33.72 -42.60
C THR G 183 17.36 -35.13 -42.97
N GLY G 184 16.55 -36.11 -42.57
CA GLY G 184 16.87 -37.50 -42.82
C GLY G 184 16.26 -38.07 -44.08
N SER G 185 15.89 -39.35 -44.01
CA SER G 185 15.23 -39.99 -45.15
C SER G 185 13.83 -39.40 -45.41
N LEU G 186 13.19 -38.88 -44.39
CA LEU G 186 11.86 -38.28 -44.57
C LEU G 186 11.89 -36.94 -45.31
N ALA G 187 13.07 -36.31 -45.38
CA ALA G 187 13.22 -34.99 -45.98
C ALA G 187 13.85 -35.05 -47.37
N THR G 188 14.23 -36.26 -47.80
CA THR G 188 15.02 -36.42 -49.00
C THR G 188 14.67 -37.73 -49.71
N SER G 189 15.53 -38.11 -50.66
CA SER G 189 15.42 -39.43 -51.31
C SER G 189 15.83 -40.57 -50.38
N GLY G 190 16.41 -40.22 -49.23
CA GLY G 190 16.95 -41.20 -48.31
C GLY G 190 18.32 -40.84 -47.74
N TYR G 191 18.55 -41.25 -46.49
CA TYR G 191 19.79 -41.00 -45.77
C TYR G 191 19.91 -39.60 -45.21
N GLY G 192 19.81 -38.61 -46.07
CA GLY G 192 19.62 -37.23 -45.64
C GLY G 192 20.90 -36.44 -45.57
N THR G 193 20.81 -35.22 -45.03
CA THR G 193 21.92 -34.28 -45.10
C THR G 193 22.54 -34.15 -43.72
N ALA G 194 22.07 -33.22 -42.89
CA ALA G 194 22.58 -33.19 -41.53
C ALA G 194 22.44 -34.55 -40.83
N LEU G 195 21.28 -35.18 -40.92
CA LEU G 195 21.10 -36.46 -40.26
C LEU G 195 21.99 -37.51 -40.92
N GLY G 196 22.30 -37.30 -42.20
CA GLY G 196 23.25 -38.16 -42.90
C GLY G 196 24.64 -38.10 -42.30
N VAL G 197 25.11 -36.91 -41.95
CA VAL G 197 26.38 -36.78 -41.23
C VAL G 197 26.34 -37.49 -39.88
N ILE G 198 25.24 -37.31 -39.15
CA ILE G 198 25.01 -38.01 -37.89
C ILE G 198 25.04 -39.53 -38.08
N ARG G 199 24.42 -40.02 -39.14
CA ARG G 199 24.41 -41.45 -39.42
C ARG G 199 25.82 -41.95 -39.71
N SER G 200 26.59 -41.16 -40.46
CA SER G 200 28.00 -41.48 -40.74
C SER G 200 28.84 -41.46 -39.48
N LEU G 201 28.63 -40.46 -38.64
CA LEU G 201 29.31 -40.42 -37.35
C LEU G 201 28.96 -41.62 -36.49
N TRP G 202 27.72 -42.09 -36.56
CA TRP G 202 27.35 -43.24 -35.74
C TRP G 202 28.05 -44.51 -36.26
N LYS G 203 28.13 -44.66 -37.57
CA LYS G 203 28.85 -45.79 -38.15
C LYS G 203 30.30 -45.77 -37.70
N ASP G 204 30.93 -44.61 -37.78
CA ASP G 204 32.29 -44.41 -37.28
C ASP G 204 32.42 -44.79 -35.80
N SER G 205 31.43 -44.41 -35.01
CA SER G 205 31.44 -44.70 -33.58
C SER G 205 31.33 -46.20 -33.31
N LEU G 206 30.38 -46.86 -33.97
CA LEU G 206 30.20 -48.30 -33.82
C LEU G 206 31.47 -49.05 -34.22
N ALA G 207 32.07 -48.64 -35.34
CA ALA G 207 33.34 -49.20 -35.79
C ALA G 207 34.44 -49.07 -34.72
N LYS G 208 34.55 -47.89 -34.13
CA LYS G 208 35.59 -47.63 -33.13
C LYS G 208 35.39 -48.38 -31.82
N THR G 209 34.14 -48.69 -31.47
CA THR G 209 33.88 -49.50 -30.26
C THR G 209 33.74 -50.98 -30.60
N ASP G 210 34.23 -51.36 -31.78
CA ASP G 210 34.67 -52.73 -32.02
C ASP G 210 36.12 -52.93 -31.59
N LYS G 211 36.85 -51.82 -31.44
CA LYS G 211 38.27 -51.87 -31.08
C LYS G 211 38.53 -51.23 -29.71
N CYS H 1 40.62 -42.14 -29.81
CA CYS H 1 39.96 -41.40 -30.92
C CYS H 1 38.63 -40.87 -30.45
N PRO H 2 38.28 -39.65 -30.84
CA PRO H 2 36.94 -39.11 -30.53
C PRO H 2 35.88 -39.92 -31.26
N ARG H 3 34.70 -40.07 -30.68
CA ARG H 3 33.58 -40.72 -31.33
C ARG H 3 32.27 -40.13 -30.84
N GLY H 5 28.77 -40.19 -29.26
CA GLY H 5 28.07 -41.05 -28.32
C GLY H 5 26.59 -40.76 -28.11
N HIS H 6 26.13 -39.59 -28.54
CA HIS H 6 24.75 -39.17 -28.28
C HIS H 6 24.27 -38.07 -29.21
N VAL H 7 22.97 -38.07 -29.50
CA VAL H 7 22.36 -37.02 -30.33
C VAL H 7 21.27 -36.33 -29.53
N PHE H 8 21.27 -34.99 -29.57
CA PHE H 8 20.20 -34.20 -29.01
C PHE H 8 19.44 -33.44 -30.09
N PRO H 9 18.38 -34.05 -30.64
CA PRO H 9 17.51 -33.34 -31.59
C PRO H 9 16.56 -32.37 -30.88
N LEU H 10 16.28 -31.22 -31.49
CA LEU H 10 15.26 -30.31 -30.99
C LEU H 10 13.88 -30.67 -31.51
N GLU H 11 12.89 -30.48 -30.65
CA GLU H 11 11.49 -30.71 -31.01
C GLU H 11 11.14 -30.02 -32.33
N THR H 12 11.62 -28.79 -32.49
CA THR H 12 11.35 -27.98 -33.68
C THR H 12 9.88 -27.62 -33.87
N ARG H 13 9.36 -26.80 -32.96
CA ARG H 13 8.07 -26.16 -33.14
C ARG H 13 8.04 -25.31 -34.41
N PRO H 14 6.86 -24.97 -34.94
CA PRO H 14 5.56 -25.50 -34.52
C PRO H 14 5.14 -26.79 -35.22
N TYR H 15 5.83 -27.20 -36.29
CA TYR H 15 5.34 -28.31 -37.10
C TYR H 15 5.77 -29.61 -36.40
N ASN H 16 6.80 -29.49 -35.58
CA ASN H 16 7.39 -30.61 -34.84
C ASN H 16 8.14 -31.65 -35.66
N GLN H 17 8.90 -31.18 -36.66
CA GLN H 17 9.79 -32.07 -37.41
C GLN H 17 10.73 -32.88 -36.54
N GLY H 18 11.16 -32.30 -35.42
CA GLY H 18 12.16 -32.93 -34.56
C GLY H 18 11.54 -34.05 -33.76
N SER H 19 10.43 -33.76 -33.09
CA SER H 19 9.82 -34.77 -32.24
C SER H 19 9.08 -35.86 -33.01
N ARG H 20 8.37 -35.51 -34.08
CA ARG H 20 7.58 -36.49 -34.81
C ARG H 20 8.37 -37.27 -35.86
N LEU H 21 9.39 -36.62 -36.44
CA LEU H 21 10.05 -37.21 -37.60
C LEU H 21 11.51 -37.58 -37.30
N THR H 22 12.29 -36.63 -36.81
CA THR H 22 13.68 -36.96 -36.50
C THR H 22 13.78 -37.99 -35.39
N ALA H 23 12.98 -37.82 -34.33
CA ALA H 23 13.02 -38.79 -33.23
C ALA H 23 12.63 -40.17 -33.74
N TYR H 24 11.71 -40.21 -34.70
CA TYR H 24 11.33 -41.46 -35.37
C TYR H 24 12.51 -42.11 -36.12
N GLU H 25 13.21 -41.33 -36.95
CA GLU H 25 14.35 -41.92 -37.67
C GLU H 25 15.46 -42.38 -36.71
N LEU H 26 15.71 -41.59 -35.67
CA LEU H 26 16.73 -41.96 -34.72
C LEU H 26 16.39 -43.24 -33.98
N VAL H 27 15.13 -43.41 -33.59
CA VAL H 27 14.73 -44.67 -32.96
C VAL H 27 14.92 -45.84 -33.93
N TYR H 28 14.43 -45.67 -35.15
CA TYR H 28 14.56 -46.67 -36.21
C TYR H 28 16.01 -47.14 -36.39
N ASP H 29 16.93 -46.19 -36.41
CA ASP H 29 18.35 -46.47 -36.60
C ASP H 29 19.06 -46.88 -35.32
N LYS H 30 18.32 -46.85 -34.21
CA LYS H 30 18.88 -47.20 -32.90
C LYS H 30 20.14 -46.40 -32.58
N ILE H 31 20.08 -45.09 -32.82
CA ILE H 31 21.18 -44.17 -32.48
C ILE H 31 20.84 -43.54 -31.14
N PRO H 32 21.76 -43.61 -30.17
CA PRO H 32 21.46 -43.06 -28.84
C PRO H 32 21.14 -41.56 -28.87
N SER H 33 19.94 -41.23 -28.39
CA SER H 33 19.36 -39.91 -28.63
C SER H 33 18.53 -39.47 -27.42
N THR H 34 18.49 -38.16 -27.18
CA THR H 34 17.54 -37.59 -26.24
C THR H 34 16.94 -36.34 -26.85
N LEU H 35 15.61 -36.34 -27.00
CA LEU H 35 14.92 -35.20 -27.57
C LEU H 35 14.78 -34.09 -26.52
N ILE H 36 15.00 -32.84 -26.92
CA ILE H 36 14.91 -31.74 -25.97
C ILE H 36 14.00 -30.66 -26.54
N THR H 37 13.45 -29.81 -25.68
CA THR H 37 12.71 -28.66 -26.21
C THR H 37 13.64 -27.70 -26.94
N ASP H 38 13.06 -26.91 -27.84
CA ASP H 38 13.85 -25.87 -28.52
C ASP H 38 14.48 -24.94 -27.50
N SER H 39 13.78 -24.70 -26.39
CA SER H 39 14.23 -23.75 -25.38
C SER H 39 15.35 -24.27 -24.48
N SER H 40 15.69 -25.55 -24.63
CA SER H 40 16.58 -26.23 -23.70
C SER H 40 18.02 -26.30 -24.18
N ILE H 41 18.33 -25.74 -25.35
CA ILE H 41 19.69 -25.91 -25.89
C ILE H 41 20.74 -25.40 -24.91
N ALA H 42 20.57 -24.18 -24.39
CA ALA H 42 21.60 -23.58 -23.55
C ALA H 42 21.80 -24.39 -22.28
N TYR H 43 20.70 -24.74 -21.60
CA TYR H 43 20.83 -25.49 -20.35
C TYR H 43 21.37 -26.90 -20.60
N ARG H 44 21.00 -27.48 -21.74
CA ARG H 44 21.52 -28.79 -22.10
C ARG H 44 23.04 -28.73 -22.25
N ILE H 45 23.52 -27.71 -22.94
CA ILE H 45 24.97 -27.58 -23.12
C ILE H 45 25.63 -27.52 -21.74
N ARG H 46 25.08 -26.71 -20.86
CA ARG H 46 25.73 -26.45 -19.58
C ARG H 46 25.76 -27.67 -18.68
N THR H 47 24.81 -28.59 -18.86
CA THR H 47 24.71 -29.76 -17.98
C THR H 47 25.07 -31.10 -18.60
N SER H 48 25.33 -31.14 -19.90
CA SER H 48 25.45 -32.42 -20.59
C SER H 48 26.58 -33.22 -19.94
N PRO H 49 26.37 -34.49 -19.65
CA PRO H 49 27.45 -35.34 -19.14
C PRO H 49 28.42 -35.76 -20.25
N ILE H 50 28.00 -35.58 -21.49
CA ILE H 50 28.84 -35.82 -22.66
C ILE H 50 29.01 -34.47 -23.38
N PRO H 51 30.23 -34.03 -23.60
CA PRO H 51 30.48 -32.72 -24.19
C PRO H 51 29.81 -32.61 -25.56
N ILE H 52 29.03 -31.56 -25.79
CA ILE H 52 28.48 -31.31 -27.13
C ILE H 52 29.52 -30.56 -27.97
N LYS H 53 29.90 -31.14 -29.10
CA LYS H 53 31.06 -30.65 -29.85
C LYS H 53 30.68 -30.13 -31.23
N ALA H 54 29.41 -30.27 -31.60
CA ALA H 54 28.97 -29.77 -32.89
C ALA H 54 27.45 -29.70 -32.97
N ALA H 55 26.96 -28.78 -33.78
CA ALA H 55 25.57 -28.83 -34.26
C ALA H 55 25.63 -28.99 -35.76
N PHE H 56 24.75 -29.85 -36.27
CA PHE H 56 24.62 -30.03 -37.72
C PHE H 56 23.20 -29.63 -38.08
N VAL H 57 23.05 -28.70 -39.01
CA VAL H 57 21.74 -28.37 -39.53
C VAL H 57 21.71 -28.54 -41.04
N GLY H 58 20.51 -28.65 -41.61
CA GLY H 58 20.38 -28.67 -43.05
C GLY H 58 20.22 -27.26 -43.60
N ALA H 59 19.68 -27.16 -44.80
CA ALA H 59 19.41 -25.86 -45.38
C ALA H 59 18.25 -25.98 -46.35
N ASP H 60 17.52 -24.88 -46.46
CA ASP H 60 16.57 -24.70 -47.56
C ASP H 60 17.07 -23.86 -48.72
N ARG H 61 17.89 -22.86 -48.42
CA ARG H 61 18.48 -22.05 -49.47
C ARG H 61 19.79 -21.48 -48.94
N ILE H 62 20.89 -21.82 -49.60
CA ILE H 62 22.17 -21.17 -49.34
C ILE H 62 22.48 -20.23 -50.49
N VAL H 63 22.63 -18.95 -50.18
CA VAL H 63 22.87 -17.94 -51.22
C VAL H 63 24.36 -17.70 -51.45
N ARG H 64 24.69 -16.77 -52.34
CA ARG H 64 26.02 -16.72 -52.90
C ARG H 64 27.11 -16.51 -51.84
N ASN H 65 26.79 -15.75 -50.78
CA ASN H 65 27.77 -15.48 -49.73
C ASN H 65 27.69 -16.49 -48.57
N GLY H 66 26.89 -17.53 -48.74
CA GLY H 66 26.77 -18.56 -47.73
C GLY H 66 25.69 -18.33 -46.68
N ASP H 67 25.05 -17.17 -46.68
CA ASP H 67 23.93 -16.95 -45.75
C ASP H 67 22.88 -18.00 -46.04
N THR H 68 22.23 -18.50 -44.98
CA THR H 68 21.46 -19.74 -45.10
C THR H 68 20.06 -19.56 -44.54
N ALA H 69 19.06 -19.80 -45.39
CA ALA H 69 17.70 -19.96 -44.89
C ALA H 69 17.55 -21.42 -44.48
N ASN H 70 17.11 -21.61 -43.24
CA ASN H 70 16.74 -22.92 -42.74
C ASN H 70 15.60 -22.81 -41.76
N LYS H 71 15.11 -23.96 -41.26
CA LYS H 71 13.98 -24.02 -40.36
C LYS H 71 14.08 -22.96 -39.26
N ILE H 72 12.97 -22.27 -38.96
CA ILE H 72 12.94 -21.31 -37.86
C ILE H 72 13.57 -21.95 -36.62
N GLY H 73 14.45 -21.19 -35.95
CA GLY H 73 15.23 -21.75 -34.85
C GLY H 73 16.68 -21.99 -35.20
N THR H 74 17.00 -22.02 -36.48
CA THR H 74 18.38 -22.31 -36.88
C THR H 74 19.33 -21.17 -36.52
N LEU H 75 18.93 -19.94 -36.86
CA LEU H 75 19.72 -18.77 -36.47
C LEU H 75 19.99 -18.80 -34.98
N GLN H 76 18.94 -19.12 -34.23
CA GLN H 76 19.01 -19.12 -32.78
C GLN H 76 19.99 -20.19 -32.30
N LEU H 77 19.89 -21.40 -32.86
CA LEU H 77 20.88 -22.43 -32.54
C LEU H 77 22.29 -21.97 -32.88
N ALA H 78 22.46 -21.32 -34.02
CA ALA H 78 23.77 -20.77 -34.40
C ALA H 78 24.30 -19.79 -33.35
N VAL H 79 23.43 -18.92 -32.87
CA VAL H 79 23.82 -17.92 -31.88
C VAL H 79 24.22 -18.60 -30.58
N ILE H 80 23.40 -19.54 -30.14
CA ILE H 80 23.72 -20.26 -28.92
C ILE H 80 25.04 -21.03 -29.06
N CYS H 81 25.27 -21.64 -30.22
CA CYS H 81 26.52 -22.35 -30.44
C CYS H 81 27.71 -21.42 -30.42
N LYS H 82 27.56 -20.24 -31.02
CA LYS H 82 28.62 -19.24 -30.96
C LYS H 82 28.96 -18.90 -29.51
N GLN H 83 27.92 -18.59 -28.73
CA GLN H 83 28.09 -18.22 -27.34
C GLN H 83 28.79 -19.29 -26.50
N PHE H 84 28.55 -20.55 -26.83
CA PHE H 84 29.13 -21.68 -26.10
C PHE H 84 30.32 -22.32 -26.78
N GLY H 85 30.78 -21.75 -27.90
CA GLY H 85 32.01 -22.19 -28.54
C GLY H 85 31.88 -23.54 -29.23
N ILE H 86 30.65 -23.84 -29.65
CA ILE H 86 30.36 -25.11 -30.31
C ILE H 86 30.33 -24.94 -31.82
N LYS H 87 31.08 -25.77 -32.53
CA LYS H 87 31.12 -25.68 -34.00
C LYS H 87 29.74 -25.87 -34.62
N PHE H 88 29.43 -25.04 -35.61
CA PHE H 88 28.09 -25.03 -36.20
C PHE H 88 28.22 -25.25 -37.70
N PHE H 89 27.63 -26.32 -38.22
CA PHE H 89 27.76 -26.68 -39.62
C PHE H 89 26.43 -26.76 -40.36
N VAL H 90 26.40 -26.22 -41.56
CA VAL H 90 25.27 -26.37 -42.46
C VAL H 90 25.63 -27.48 -43.44
N VAL H 91 24.71 -28.42 -43.61
CA VAL H 91 24.95 -29.58 -44.47
C VAL H 91 23.91 -29.58 -45.57
N ALA H 92 24.35 -29.53 -46.83
CA ALA H 92 23.38 -29.47 -47.92
C ALA H 92 23.98 -29.77 -49.29
N PRO H 93 23.14 -30.24 -50.21
CA PRO H 93 23.57 -30.51 -51.59
C PRO H 93 23.69 -29.24 -52.41
N LYS H 94 24.44 -29.33 -53.51
CA LYS H 94 24.48 -28.27 -54.51
C LYS H 94 23.09 -27.84 -54.99
N THR H 95 22.12 -28.76 -55.01
CA THR H 95 20.75 -28.41 -55.41
C THR H 95 20.09 -27.37 -54.50
N THR H 96 20.70 -27.11 -53.35
CA THR H 96 20.15 -26.20 -52.34
C THR H 96 20.89 -24.85 -52.44
N ILE H 97 21.85 -24.77 -53.37
CA ILE H 97 22.49 -23.49 -53.71
C ILE H 97 21.63 -22.60 -54.62
N ASP H 98 21.44 -21.36 -54.18
CA ASP H 98 20.93 -20.27 -55.01
C ASP H 98 22.13 -19.46 -55.55
N ASN H 99 22.42 -19.56 -56.84
CA ASN H 99 23.61 -18.92 -57.40
C ASN H 99 23.37 -17.49 -57.90
N VAL H 100 22.21 -16.94 -57.55
CA VAL H 100 21.82 -15.61 -58.00
C VAL H 100 21.70 -14.62 -56.83
N THR H 101 20.89 -14.98 -55.85
CA THR H 101 20.73 -14.15 -54.65
C THR H 101 22.05 -13.91 -53.93
N GLU H 102 22.34 -12.65 -53.64
CA GLU H 102 23.65 -12.25 -53.12
C GLU H 102 23.81 -12.48 -51.62
N THR H 103 22.77 -12.16 -50.86
CA THR H 103 22.89 -12.14 -49.41
C THR H 103 21.57 -12.51 -48.75
N GLY H 104 21.63 -12.80 -47.46
CA GLY H 104 20.49 -13.34 -46.72
C GLY H 104 19.33 -12.37 -46.65
N ASP H 105 19.63 -11.07 -46.68
CA ASP H 105 18.57 -10.07 -46.61
C ASP H 105 17.61 -10.13 -47.80
N ASP H 106 18.03 -10.78 -48.89
CA ASP H 106 17.19 -10.82 -50.10
C ASP H 106 16.35 -12.09 -50.22
N ILE H 107 16.42 -12.94 -49.21
CA ILE H 107 15.69 -14.21 -49.24
C ILE H 107 14.25 -13.98 -48.79
N ILE H 108 13.32 -14.55 -49.55
CA ILE H 108 11.90 -14.51 -49.21
C ILE H 108 11.56 -15.64 -48.25
N VAL H 109 10.98 -15.28 -47.10
CA VAL H 109 10.74 -16.24 -46.03
C VAL H 109 9.25 -16.51 -45.86
N GLU H 110 8.85 -17.76 -46.14
CA GLU H 110 7.46 -18.17 -45.99
C GLU H 110 6.96 -17.96 -44.57
N GLU H 111 5.81 -17.33 -44.45
CA GLU H 111 5.06 -17.33 -43.18
C GLU H 111 3.80 -18.16 -43.35
N ARG H 112 3.55 -19.04 -42.39
CA ARG H 112 2.41 -19.94 -42.51
C ARG H 112 1.22 -19.57 -41.65
N ASN H 113 0.07 -20.17 -41.97
CA ASN H 113 -1.22 -19.89 -41.34
C ASN H 113 -1.05 -19.96 -39.82
N PRO H 114 -1.60 -18.99 -39.08
CA PRO H 114 -1.48 -18.99 -37.62
C PRO H 114 -2.08 -20.24 -36.94
N GLU H 115 -3.08 -20.86 -37.56
CA GLU H 115 -3.64 -22.08 -36.99
C GLU H 115 -2.64 -23.23 -36.91
N GLU H 116 -1.60 -23.22 -37.75
CA GLU H 116 -0.60 -24.29 -37.70
C GLU H 116 0.32 -24.17 -36.50
N PHE H 117 0.30 -22.99 -35.88
CA PHE H 117 1.07 -22.69 -34.67
C PHE H 117 0.14 -22.95 -33.47
N LYS H 118 -1.10 -22.47 -33.54
CA LYS H 118 -1.99 -22.49 -32.38
C LYS H 118 -2.61 -23.85 -32.13
N VAL H 119 -2.61 -24.68 -33.17
CA VAL H 119 -3.23 -26.01 -33.07
C VAL H 119 -2.17 -27.06 -33.30
N VAL H 120 -2.12 -28.07 -32.42
CA VAL H 120 -1.07 -29.07 -32.47
C VAL H 120 -1.72 -30.39 -32.94
N THR H 121 -1.14 -30.99 -33.97
CA THR H 121 -1.62 -32.27 -34.49
C THR H 121 -0.79 -33.38 -33.86
N GLY H 122 -1.44 -34.44 -33.39
CA GLY H 122 -0.72 -35.60 -32.90
C GLY H 122 -1.64 -36.80 -32.81
N THR H 123 -1.17 -37.88 -32.21
CA THR H 123 -2.03 -39.05 -32.09
C THR H 123 -2.83 -38.93 -30.81
N VAL H 124 -4.09 -39.36 -30.83
CA VAL H 124 -5.00 -39.06 -29.73
C VAL H 124 -4.63 -39.88 -28.50
N ILE H 125 -4.54 -39.20 -27.36
CA ILE H 125 -4.22 -39.83 -26.08
C ILE H 125 -5.41 -39.75 -25.11
N ASN H 126 -5.66 -40.85 -24.41
CA ASN H 126 -6.65 -40.90 -23.34
C ASN H 126 -6.29 -39.94 -22.20
N PRO H 127 -7.09 -38.91 -21.97
CA PRO H 127 -6.66 -37.81 -21.10
C PRO H 127 -6.75 -38.21 -19.63
N GLU H 128 -7.26 -39.41 -19.36
CA GLU H 128 -7.32 -39.92 -17.99
C GLU H 128 -6.18 -40.86 -17.65
N ASN H 129 -5.82 -41.74 -18.59
CA ASN H 129 -4.85 -42.79 -18.31
C ASN H 129 -3.62 -42.80 -19.22
N GLY H 130 -3.64 -41.97 -20.25
CA GLY H 130 -2.44 -41.68 -21.02
C GLY H 130 -2.08 -42.72 -22.08
N SER H 131 -2.94 -43.71 -22.30
CA SER H 131 -2.71 -44.68 -23.36
C SER H 131 -3.16 -44.13 -24.72
N LEU H 132 -2.69 -44.74 -25.80
CA LEU H 132 -3.18 -44.38 -27.12
C LEU H 132 -4.66 -44.70 -27.22
N ILE H 133 -5.44 -43.82 -27.83
CA ILE H 133 -6.78 -44.19 -28.28
C ILE H 133 -6.70 -44.90 -29.62
N LEU H 134 -7.28 -46.09 -29.69
CA LEU H 134 -7.29 -46.85 -30.94
C LEU H 134 -8.71 -46.88 -31.52
N ASN H 135 -8.81 -46.85 -32.84
CA ASN H 135 -10.10 -47.01 -33.50
C ASN H 135 -10.57 -48.47 -33.54
N GLU H 136 -11.80 -48.67 -34.00
CA GLU H 136 -12.40 -50.01 -34.12
C GLU H 136 -11.45 -51.07 -34.68
N SER H 137 -10.57 -50.66 -35.61
CA SER H 137 -9.64 -51.59 -36.23
C SER H 137 -8.29 -51.67 -35.52
N GLY H 138 -8.19 -50.99 -34.38
CA GLY H 138 -6.99 -51.07 -33.55
C GLY H 138 -5.88 -50.16 -34.01
N GLU H 139 -6.21 -49.14 -34.78
CA GLU H 139 -5.21 -48.18 -35.24
C GLU H 139 -5.22 -46.87 -34.45
N PRO H 140 -4.05 -46.26 -34.28
CA PRO H 140 -3.98 -44.91 -33.72
C PRO H 140 -4.85 -43.93 -34.49
N ILE H 141 -5.30 -42.87 -33.82
CA ILE H 141 -6.19 -41.89 -34.42
C ILE H 141 -5.49 -40.54 -34.39
N THR H 142 -5.60 -39.79 -35.49
CA THR H 142 -5.09 -38.42 -35.51
C THR H 142 -6.05 -37.48 -34.81
N GLY H 143 -5.49 -36.52 -34.08
CA GLY H 143 -6.28 -35.58 -33.33
C GLY H 143 -5.62 -34.21 -33.33
N LYS H 144 -6.38 -33.17 -32.98
CA LYS H 144 -5.81 -31.83 -32.92
C LYS H 144 -6.24 -31.19 -31.61
N VAL H 145 -5.32 -30.47 -30.96
CA VAL H 145 -5.70 -29.65 -29.82
C VAL H 145 -5.21 -28.22 -29.94
N GLY H 146 -6.03 -27.28 -29.46
CA GLY H 146 -5.65 -25.87 -29.46
C GLY H 146 -4.91 -25.45 -28.20
N ILE H 147 -3.81 -24.73 -28.37
CA ILE H 147 -2.94 -24.39 -27.26
C ILE H 147 -2.79 -22.88 -27.04
N ALA H 148 -3.65 -22.10 -27.69
CA ALA H 148 -3.60 -20.66 -27.50
C ALA H 148 -4.98 -20.07 -27.76
N PRO H 149 -5.27 -18.91 -27.19
CA PRO H 149 -6.55 -18.24 -27.44
C PRO H 149 -6.74 -17.93 -28.91
N LEU H 150 -7.97 -18.05 -29.38
CA LEU H 150 -8.38 -17.53 -30.68
C LEU H 150 -7.85 -16.11 -30.93
N GLU H 151 -7.92 -15.26 -29.90
CA GLU H 151 -7.67 -13.81 -30.05
C GLU H 151 -6.21 -13.40 -30.22
N ILE H 152 -5.28 -14.20 -29.72
CA ILE H 152 -3.85 -13.84 -29.83
C ILE H 152 -3.29 -13.86 -31.27
N ASN H 153 -2.64 -12.77 -31.64
CA ASN H 153 -1.81 -12.72 -32.84
C ASN H 153 -0.57 -13.60 -32.65
N VAL H 154 -0.16 -14.33 -33.68
CA VAL H 154 1.08 -15.08 -33.65
C VAL H 154 1.98 -14.73 -34.82
N TRP H 155 3.27 -15.01 -34.67
CA TRP H 155 4.24 -14.88 -35.76
C TRP H 155 4.64 -16.29 -36.11
N ASN H 156 4.47 -16.66 -37.37
CA ASN H 156 4.72 -18.03 -37.79
C ASN H 156 5.60 -18.14 -39.04
N PRO H 157 6.82 -17.60 -38.99
CA PRO H 157 7.77 -17.80 -40.09
C PRO H 157 8.23 -19.24 -40.08
N ALA H 158 8.29 -19.84 -41.26
CA ALA H 158 8.72 -21.22 -41.44
C ALA H 158 10.24 -21.34 -41.41
N PHE H 159 10.95 -20.24 -41.65
CA PHE H 159 12.40 -20.26 -41.72
C PHE H 159 12.98 -19.05 -41.01
N ASP H 160 14.25 -19.14 -40.64
CA ASP H 160 15.01 -17.92 -40.37
C ASP H 160 16.30 -17.87 -41.18
N ILE H 161 17.04 -16.77 -41.06
CA ILE H 161 18.24 -16.60 -41.88
C ILE H 161 19.44 -16.59 -40.95
N THR H 162 20.41 -17.45 -41.20
CA THR H 162 21.64 -17.46 -40.41
C THR H 162 22.73 -16.81 -41.26
N PRO H 163 23.28 -15.69 -40.79
CA PRO H 163 24.34 -15.03 -41.56
C PRO H 163 25.61 -15.88 -41.60
N HIS H 164 26.39 -15.77 -42.67
CA HIS H 164 27.57 -16.63 -42.82
C HIS H 164 28.62 -16.50 -41.72
N GLU H 165 28.65 -15.34 -41.07
CA GLU H 165 29.59 -15.15 -39.97
C GLU H 165 29.41 -16.20 -38.88
N LEU H 166 28.20 -16.72 -38.74
CA LEU H 166 27.90 -17.66 -37.68
C LEU H 166 28.09 -19.12 -38.10
N ILE H 167 28.43 -19.33 -39.37
CA ILE H 167 28.53 -20.70 -39.89
C ILE H 167 29.99 -21.14 -40.01
N ASP H 168 30.36 -22.20 -39.34
CA ASP H 168 31.76 -22.61 -39.32
C ASP H 168 32.16 -23.36 -40.58
N GLY H 169 31.20 -24.00 -41.22
CA GLY H 169 31.50 -24.79 -42.41
C GLY H 169 30.21 -25.16 -43.11
N ILE H 170 30.29 -25.26 -44.42
CA ILE H 170 29.19 -25.76 -45.23
C ILE H 170 29.62 -27.07 -45.87
N ILE H 171 28.92 -28.14 -45.51
CA ILE H 171 29.32 -29.49 -45.85
C ILE H 171 28.44 -29.99 -46.97
N THR H 172 29.09 -30.39 -48.07
CA THR H 172 28.41 -30.83 -49.27
C THR H 172 29.04 -32.12 -49.81
N GLU H 173 28.45 -32.62 -50.89
CA GLU H 173 29.00 -33.76 -51.61
C GLU H 173 30.32 -33.43 -52.28
N GLU H 174 30.63 -32.15 -52.41
CA GLU H 174 31.84 -31.72 -53.11
C GLU H 174 32.95 -31.39 -52.12
N GLY H 175 32.61 -31.42 -50.84
CA GLY H 175 33.57 -31.22 -49.78
C GLY H 175 33.10 -30.23 -48.73
N VAL H 176 34.00 -29.83 -47.84
CA VAL H 176 33.64 -28.87 -46.80
C VAL H 176 34.20 -27.50 -47.11
N PHE H 177 33.31 -26.52 -47.20
CA PHE H 177 33.67 -25.13 -47.48
C PHE H 177 33.79 -24.37 -46.16
N THR H 178 34.89 -23.62 -46.01
CA THR H 178 35.09 -22.81 -44.82
C THR H 178 35.48 -21.40 -45.25
N LYS H 179 35.49 -20.47 -44.30
CA LYS H 179 35.79 -19.07 -44.60
C LYS H 179 37.28 -18.80 -44.74
N ASN H 180 37.60 -17.88 -45.65
CA ASN H 180 38.96 -17.39 -45.77
C ASN H 180 39.24 -16.36 -44.66
N SER H 181 40.46 -15.83 -44.64
CA SER H 181 40.87 -14.94 -43.55
C SER H 181 40.09 -13.64 -43.54
N SER H 182 39.36 -13.37 -44.62
CA SER H 182 38.47 -12.20 -44.66
C SER H 182 37.07 -12.49 -44.12
N GLY H 183 36.81 -13.74 -43.73
CA GLY H 183 35.52 -14.12 -43.21
C GLY H 183 34.50 -14.38 -44.30
N GLU H 184 34.97 -14.64 -45.51
CA GLU H 184 34.09 -14.91 -46.65
C GLU H 184 34.17 -16.38 -47.09
N PHE H 185 33.02 -16.97 -47.40
CA PHE H 185 32.96 -18.26 -48.08
C PHE H 185 33.31 -18.06 -49.54
N GLN H 186 33.88 -19.10 -50.16
CA GLN H 186 34.11 -19.09 -51.60
C GLN H 186 33.39 -20.27 -52.25
N LEU H 187 32.11 -20.07 -52.55
CA LEU H 187 31.26 -21.13 -53.08
C LEU H 187 31.19 -21.23 -54.60
N GLU H 188 32.09 -20.57 -55.30
CA GLU H 188 31.96 -20.39 -56.75
C GLU H 188 31.87 -21.73 -57.47
N SER H 189 32.55 -22.73 -56.95
CA SER H 189 32.58 -24.05 -57.58
C SER H 189 31.20 -24.70 -57.57
N LEU H 190 30.34 -24.27 -56.65
CA LEU H 190 28.97 -24.79 -56.54
C LEU H 190 27.93 -24.02 -57.36
N PHE H 191 28.36 -22.99 -58.09
CA PHE H 191 27.46 -22.18 -58.90
C PHE H 191 27.42 -22.71 -60.33
#